data_1QY6
# 
_entry.id   1QY6 
# 
_audit_conform.dict_name       mmcif_pdbx.dic 
_audit_conform.dict_version    5.386 
_audit_conform.dict_location   http://mmcif.pdb.org/dictionaries/ascii/mmcif_pdbx.dic 
# 
loop_
_database_2.database_id 
_database_2.database_code 
_database_2.pdbx_database_accession 
_database_2.pdbx_DOI 
PDB   1QY6         pdb_00001qy6 10.2210/pdb1qy6/pdb 
RCSB  RCSB020212   ?            ?                   
WWPDB D_1000020212 ?            ?                   
# 
loop_
_pdbx_audit_revision_history.ordinal 
_pdbx_audit_revision_history.data_content_type 
_pdbx_audit_revision_history.major_revision 
_pdbx_audit_revision_history.minor_revision 
_pdbx_audit_revision_history.revision_date 
1 'Structure model' 1 0 2004-02-17 
2 'Structure model' 1 1 2008-04-29 
3 'Structure model' 1 2 2011-07-13 
4 'Structure model' 1 3 2024-02-14 
# 
_pdbx_audit_revision_details.ordinal             1 
_pdbx_audit_revision_details.revision_ordinal    1 
_pdbx_audit_revision_details.data_content_type   'Structure model' 
_pdbx_audit_revision_details.provider            repository 
_pdbx_audit_revision_details.type                'Initial release' 
_pdbx_audit_revision_details.description         ? 
_pdbx_audit_revision_details.details             ? 
# 
loop_
_pdbx_audit_revision_group.ordinal 
_pdbx_audit_revision_group.revision_ordinal 
_pdbx_audit_revision_group.data_content_type 
_pdbx_audit_revision_group.group 
1 2 'Structure model' 'Version format compliance' 
2 3 'Structure model' 'Version format compliance' 
3 4 'Structure model' 'Data collection'           
4 4 'Structure model' 'Database references'       
5 4 'Structure model' 'Derived calculations'      
# 
loop_
_pdbx_audit_revision_category.ordinal 
_pdbx_audit_revision_category.revision_ordinal 
_pdbx_audit_revision_category.data_content_type 
_pdbx_audit_revision_category.category 
1 4 'Structure model' chem_comp_atom         
2 4 'Structure model' chem_comp_bond         
3 4 'Structure model' database_2             
4 4 'Structure model' pdbx_struct_conn_angle 
5 4 'Structure model' struct_conn            
6 4 'Structure model' struct_ref_seq_dif     
7 4 'Structure model' struct_site            
# 
loop_
_pdbx_audit_revision_item.ordinal 
_pdbx_audit_revision_item.revision_ordinal 
_pdbx_audit_revision_item.data_content_type 
_pdbx_audit_revision_item.item 
1  4 'Structure model' '_database_2.pdbx_DOI'                        
2  4 'Structure model' '_database_2.pdbx_database_accession'         
3  4 'Structure model' '_pdbx_struct_conn_angle.ptnr1_auth_comp_id'  
4  4 'Structure model' '_pdbx_struct_conn_angle.ptnr1_auth_seq_id'   
5  4 'Structure model' '_pdbx_struct_conn_angle.ptnr1_label_atom_id' 
6  4 'Structure model' '_pdbx_struct_conn_angle.ptnr1_label_comp_id' 
7  4 'Structure model' '_pdbx_struct_conn_angle.ptnr1_label_seq_id'  
8  4 'Structure model' '_pdbx_struct_conn_angle.ptnr1_symmetry'      
9  4 'Structure model' '_pdbx_struct_conn_angle.ptnr3_auth_comp_id'  
10 4 'Structure model' '_pdbx_struct_conn_angle.ptnr3_auth_seq_id'   
11 4 'Structure model' '_pdbx_struct_conn_angle.ptnr3_label_atom_id' 
12 4 'Structure model' '_pdbx_struct_conn_angle.ptnr3_label_comp_id' 
13 4 'Structure model' '_pdbx_struct_conn_angle.ptnr3_label_seq_id'  
14 4 'Structure model' '_pdbx_struct_conn_angle.ptnr3_symmetry'      
15 4 'Structure model' '_pdbx_struct_conn_angle.value'               
16 4 'Structure model' '_struct_conn.pdbx_dist_value'                
17 4 'Structure model' '_struct_conn.ptnr1_auth_comp_id'             
18 4 'Structure model' '_struct_conn.ptnr1_auth_seq_id'              
19 4 'Structure model' '_struct_conn.ptnr1_label_asym_id'            
20 4 'Structure model' '_struct_conn.ptnr1_label_atom_id'            
21 4 'Structure model' '_struct_conn.ptnr1_label_comp_id'            
22 4 'Structure model' '_struct_conn.ptnr1_label_seq_id'             
23 4 'Structure model' '_struct_conn.ptnr1_symmetry'                 
24 4 'Structure model' '_struct_conn.ptnr2_auth_comp_id'             
25 4 'Structure model' '_struct_conn.ptnr2_auth_seq_id'              
26 4 'Structure model' '_struct_conn.ptnr2_label_asym_id'            
27 4 'Structure model' '_struct_conn.ptnr2_label_atom_id'            
28 4 'Structure model' '_struct_conn.ptnr2_label_comp_id'            
29 4 'Structure model' '_struct_conn.ptnr2_label_seq_id'             
30 4 'Structure model' '_struct_conn.ptnr2_symmetry'                 
31 4 'Structure model' '_struct_ref_seq_dif.details'                 
32 4 'Structure model' '_struct_site.pdbx_auth_asym_id'              
33 4 'Structure model' '_struct_site.pdbx_auth_comp_id'              
34 4 'Structure model' '_struct_site.pdbx_auth_seq_id'               
# 
_pdbx_database_status.status_code                     REL 
_pdbx_database_status.entry_id                        1QY6 
_pdbx_database_status.recvd_initial_deposition_date   2003-09-09 
_pdbx_database_status.deposit_site                    RCSB 
_pdbx_database_status.process_site                    RCSB 
_pdbx_database_status.status_code_sf                  REL 
_pdbx_database_status.SG_entry                        . 
_pdbx_database_status.pdb_format_compatible           Y 
_pdbx_database_status.status_code_mr                  ? 
_pdbx_database_status.status_code_cs                  ? 
_pdbx_database_status.status_code_nmr_data            ? 
_pdbx_database_status.methods_development_category    ? 
# 
loop_
_audit_author.name 
_audit_author.pdbx_ordinal 
'Prasad, L.'       1 
'Leduc, Y.'        2 
'Hayakawa, K.'     3 
'Delbaere, L.T.J.' 4 
# 
_citation.id                        primary 
_citation.title                     'The structure of a universally employed enzyme: V8 protease from Staphylococcus aureus.' 
_citation.journal_abbrev            'Acta Crystallogr.,Sect.D' 
_citation.journal_volume            60 
_citation.page_first                256 
_citation.page_last                 259 
_citation.year                      2004 
_citation.journal_id_ASTM           ABCRE6 
_citation.country                   DK 
_citation.journal_id_ISSN           0907-4449 
_citation.journal_id_CSD            0766 
_citation.book_publisher            ? 
_citation.pdbx_database_id_PubMed   14747701 
_citation.pdbx_database_id_DOI      10.1107/S090744490302599X 
# 
loop_
_citation_author.citation_id 
_citation_author.name 
_citation_author.ordinal 
_citation_author.identifier_ORCID 
primary 'Prasad, L.'     1 ? 
primary 'Leduc, Y.'      2 ? 
primary 'Hayakawa, K.'   3 ? 
primary 'Delbaere, L.T.' 4 ? 
# 
loop_
_entity.id 
_entity.type 
_entity.src_method 
_entity.pdbx_description 
_entity.formula_weight 
_entity.pdbx_number_of_molecules 
_entity.pdbx_ec 
_entity.pdbx_mutation 
_entity.pdbx_fragment 
_entity.details 
1 polymer     nat 'serine protease' 29675.689 1  3.4.21.19 ? 'V8 Protease' ? 
2 non-polymer syn 'POTASSIUM ION'   39.098    1  ?         ? ?             ? 
3 water       nat water             18.015    69 ?         ? ?             ? 
# 
_entity_poly.entity_id                      1 
_entity_poly.type                           'polypeptide(L)' 
_entity_poly.nstd_linkage                   no 
_entity_poly.nstd_monomer                   no 
_entity_poly.pdbx_seq_one_letter_code       
;VILPNNDRHQITDTTNGHYAPVTYIQVEAPTGTFIASGVVVGKDTLLTNKHVVDATHGDPHALKAFPSAINQDNYPNGGF
TAEQITKYSGEGDLAIVKFSPNEQNKHIGEVVKPATMSNNAETQTNQNITVTGYPGDKPVATMWESKGKITYLKGEAMQY
DLSTTGGNSGSPVFNEKNEVIGIHWGGVPNEFNGAVFINENVRNFLKQNIEDINFANDDQPNNPDNPDNPNNPDNPNNPD
NPNNPDEPNNPDNPNNPDNPDNGDNNNSDNPDAA
;
_entity_poly.pdbx_seq_one_letter_code_can   
;VILPNNDRHQITDTTNGHYAPVTYIQVEAPTGTFIASGVVVGKDTLLTNKHVVDATHGDPHALKAFPSAINQDNYPNGGF
TAEQITKYSGEGDLAIVKFSPNEQNKHIGEVVKPATMSNNAETQTNQNITVTGYPGDKPVATMWESKGKITYLKGEAMQY
DLSTTGGNSGSPVFNEKNEVIGIHWGGVPNEFNGAVFINENVRNFLKQNIEDINFANDDQPNNPDNPDNPNNPDNPNNPD
NPNNPDEPNNPDNPNNPDNPDNGDNNNSDNPDAA
;
_entity_poly.pdbx_strand_id                 A 
_entity_poly.pdbx_target_identifier         ? 
# 
loop_
_pdbx_entity_nonpoly.entity_id 
_pdbx_entity_nonpoly.name 
_pdbx_entity_nonpoly.comp_id 
2 'POTASSIUM ION' K   
3 water           HOH 
# 
loop_
_entity_poly_seq.entity_id 
_entity_poly_seq.num 
_entity_poly_seq.mon_id 
_entity_poly_seq.hetero 
1 1   VAL n 
1 2   ILE n 
1 3   LEU n 
1 4   PRO n 
1 5   ASN n 
1 6   ASN n 
1 7   ASP n 
1 8   ARG n 
1 9   HIS n 
1 10  GLN n 
1 11  ILE n 
1 12  THR n 
1 13  ASP n 
1 14  THR n 
1 15  THR n 
1 16  ASN n 
1 17  GLY n 
1 18  HIS n 
1 19  TYR n 
1 20  ALA n 
1 21  PRO n 
1 22  VAL n 
1 23  THR n 
1 24  TYR n 
1 25  ILE n 
1 26  GLN n 
1 27  VAL n 
1 28  GLU n 
1 29  ALA n 
1 30  PRO n 
1 31  THR n 
1 32  GLY n 
1 33  THR n 
1 34  PHE n 
1 35  ILE n 
1 36  ALA n 
1 37  SER n 
1 38  GLY n 
1 39  VAL n 
1 40  VAL n 
1 41  VAL n 
1 42  GLY n 
1 43  LYS n 
1 44  ASP n 
1 45  THR n 
1 46  LEU n 
1 47  LEU n 
1 48  THR n 
1 49  ASN n 
1 50  LYS n 
1 51  HIS n 
1 52  VAL n 
1 53  VAL n 
1 54  ASP n 
1 55  ALA n 
1 56  THR n 
1 57  HIS n 
1 58  GLY n 
1 59  ASP n 
1 60  PRO n 
1 61  HIS n 
1 62  ALA n 
1 63  LEU n 
1 64  LYS n 
1 65  ALA n 
1 66  PHE n 
1 67  PRO n 
1 68  SER n 
1 69  ALA n 
1 70  ILE n 
1 71  ASN n 
1 72  GLN n 
1 73  ASP n 
1 74  ASN n 
1 75  TYR n 
1 76  PRO n 
1 77  ASN n 
1 78  GLY n 
1 79  GLY n 
1 80  PHE n 
1 81  THR n 
1 82  ALA n 
1 83  GLU n 
1 84  GLN n 
1 85  ILE n 
1 86  THR n 
1 87  LYS n 
1 88  TYR n 
1 89  SER n 
1 90  GLY n 
1 91  GLU n 
1 92  GLY n 
1 93  ASP n 
1 94  LEU n 
1 95  ALA n 
1 96  ILE n 
1 97  VAL n 
1 98  LYS n 
1 99  PHE n 
1 100 SER n 
1 101 PRO n 
1 102 ASN n 
1 103 GLU n 
1 104 GLN n 
1 105 ASN n 
1 106 LYS n 
1 107 HIS n 
1 108 ILE n 
1 109 GLY n 
1 110 GLU n 
1 111 VAL n 
1 112 VAL n 
1 113 LYS n 
1 114 PRO n 
1 115 ALA n 
1 116 THR n 
1 117 MET n 
1 118 SER n 
1 119 ASN n 
1 120 ASN n 
1 121 ALA n 
1 122 GLU n 
1 123 THR n 
1 124 GLN n 
1 125 THR n 
1 126 ASN n 
1 127 GLN n 
1 128 ASN n 
1 129 ILE n 
1 130 THR n 
1 131 VAL n 
1 132 THR n 
1 133 GLY n 
1 134 TYR n 
1 135 PRO n 
1 136 GLY n 
1 137 ASP n 
1 138 LYS n 
1 139 PRO n 
1 140 VAL n 
1 141 ALA n 
1 142 THR n 
1 143 MET n 
1 144 TRP n 
1 145 GLU n 
1 146 SER n 
1 147 LYS n 
1 148 GLY n 
1 149 LYS n 
1 150 ILE n 
1 151 THR n 
1 152 TYR n 
1 153 LEU n 
1 154 LYS n 
1 155 GLY n 
1 156 GLU n 
1 157 ALA n 
1 158 MET n 
1 159 GLN n 
1 160 TYR n 
1 161 ASP n 
1 162 LEU n 
1 163 SER n 
1 164 THR n 
1 165 THR n 
1 166 GLY n 
1 167 GLY n 
1 168 ASN n 
1 169 SER n 
1 170 GLY n 
1 171 SER n 
1 172 PRO n 
1 173 VAL n 
1 174 PHE n 
1 175 ASN n 
1 176 GLU n 
1 177 LYS n 
1 178 ASN n 
1 179 GLU n 
1 180 VAL n 
1 181 ILE n 
1 182 GLY n 
1 183 ILE n 
1 184 HIS n 
1 185 TRP n 
1 186 GLY n 
1 187 GLY n 
1 188 VAL n 
1 189 PRO n 
1 190 ASN n 
1 191 GLU n 
1 192 PHE n 
1 193 ASN n 
1 194 GLY n 
1 195 ALA n 
1 196 VAL n 
1 197 PHE n 
1 198 ILE n 
1 199 ASN n 
1 200 GLU n 
1 201 ASN n 
1 202 VAL n 
1 203 ARG n 
1 204 ASN n 
1 205 PHE n 
1 206 LEU n 
1 207 LYS n 
1 208 GLN n 
1 209 ASN n 
1 210 ILE n 
1 211 GLU n 
1 212 ASP n 
1 213 ILE n 
1 214 ASN n 
1 215 PHE n 
1 216 ALA n 
1 217 ASN n 
1 218 ASP n 
1 219 ASP n 
1 220 GLN n 
1 221 PRO n 
1 222 ASN n 
1 223 ASN n 
1 224 PRO n 
1 225 ASP n 
1 226 ASN n 
1 227 PRO n 
1 228 ASP n 
1 229 ASN n 
1 230 PRO n 
1 231 ASN n 
1 232 ASN n 
1 233 PRO n 
1 234 ASP n 
1 235 ASN n 
1 236 PRO n 
1 237 ASN n 
1 238 ASN n 
1 239 PRO n 
1 240 ASP n 
1 241 ASN n 
1 242 PRO n 
1 243 ASN n 
1 244 ASN n 
1 245 PRO n 
1 246 ASP n 
1 247 GLU n 
1 248 PRO n 
1 249 ASN n 
1 250 ASN n 
1 251 PRO n 
1 252 ASP n 
1 253 ASN n 
1 254 PRO n 
1 255 ASN n 
1 256 ASN n 
1 257 PRO n 
1 258 ASP n 
1 259 ASN n 
1 260 PRO n 
1 261 ASP n 
1 262 ASN n 
1 263 GLY n 
1 264 ASP n 
1 265 ASN n 
1 266 ASN n 
1 267 ASN n 
1 268 SER n 
1 269 ASP n 
1 270 ASN n 
1 271 PRO n 
1 272 ASP n 
1 273 ALA n 
1 274 ALA n 
# 
_entity_src_nat.entity_id                  1 
_entity_src_nat.pdbx_src_id                1 
_entity_src_nat.pdbx_alt_source_flag       sample 
_entity_src_nat.pdbx_beg_seq_num           ? 
_entity_src_nat.pdbx_end_seq_num           ? 
_entity_src_nat.common_name                ? 
_entity_src_nat.pdbx_organism_scientific   'Staphylococcus aureus subsp. aureus Mu50' 
_entity_src_nat.pdbx_ncbi_taxonomy_id      158878 
_entity_src_nat.genus                      Staphylococcus 
_entity_src_nat.species                    'Staphylococcus aureus' 
_entity_src_nat.strain                     'Mu50 / ATCC 700699' 
_entity_src_nat.tissue                     ? 
_entity_src_nat.tissue_fraction            ? 
_entity_src_nat.pdbx_secretion             ? 
_entity_src_nat.pdbx_fragment              ? 
_entity_src_nat.pdbx_variant               ? 
_entity_src_nat.pdbx_cell_line             ? 
_entity_src_nat.pdbx_atcc                  ? 
_entity_src_nat.pdbx_cellular_location     ? 
_entity_src_nat.pdbx_organ                 ? 
_entity_src_nat.pdbx_organelle             ? 
_entity_src_nat.pdbx_cell                  ? 
_entity_src_nat.pdbx_plasmid_name          ? 
_entity_src_nat.pdbx_plasmid_details       ? 
_entity_src_nat.details                    ? 
# 
loop_
_chem_comp.id 
_chem_comp.type 
_chem_comp.mon_nstd_flag 
_chem_comp.name 
_chem_comp.pdbx_synonyms 
_chem_comp.formula 
_chem_comp.formula_weight 
ALA 'L-peptide linking' y ALANINE         ? 'C3 H7 N O2'     89.093  
ARG 'L-peptide linking' y ARGININE        ? 'C6 H15 N4 O2 1' 175.209 
ASN 'L-peptide linking' y ASPARAGINE      ? 'C4 H8 N2 O3'    132.118 
ASP 'L-peptide linking' y 'ASPARTIC ACID' ? 'C4 H7 N O4'     133.103 
GLN 'L-peptide linking' y GLUTAMINE       ? 'C5 H10 N2 O3'   146.144 
GLU 'L-peptide linking' y 'GLUTAMIC ACID' ? 'C5 H9 N O4'     147.129 
GLY 'peptide linking'   y GLYCINE         ? 'C2 H5 N O2'     75.067  
HIS 'L-peptide linking' y HISTIDINE       ? 'C6 H10 N3 O2 1' 156.162 
HOH non-polymer         . WATER           ? 'H2 O'           18.015  
ILE 'L-peptide linking' y ISOLEUCINE      ? 'C6 H13 N O2'    131.173 
K   non-polymer         . 'POTASSIUM ION' ? 'K 1'            39.098  
LEU 'L-peptide linking' y LEUCINE         ? 'C6 H13 N O2'    131.173 
LYS 'L-peptide linking' y LYSINE          ? 'C6 H15 N2 O2 1' 147.195 
MET 'L-peptide linking' y METHIONINE      ? 'C5 H11 N O2 S'  149.211 
PHE 'L-peptide linking' y PHENYLALANINE   ? 'C9 H11 N O2'    165.189 
PRO 'L-peptide linking' y PROLINE         ? 'C5 H9 N O2'     115.130 
SER 'L-peptide linking' y SERINE          ? 'C3 H7 N O3'     105.093 
THR 'L-peptide linking' y THREONINE       ? 'C4 H9 N O3'     119.119 
TRP 'L-peptide linking' y TRYPTOPHAN      ? 'C11 H12 N2 O2'  204.225 
TYR 'L-peptide linking' y TYROSINE        ? 'C9 H11 N O3'    181.189 
VAL 'L-peptide linking' y VALINE          ? 'C5 H11 N O2'    117.146 
# 
loop_
_pdbx_poly_seq_scheme.asym_id 
_pdbx_poly_seq_scheme.entity_id 
_pdbx_poly_seq_scheme.seq_id 
_pdbx_poly_seq_scheme.mon_id 
_pdbx_poly_seq_scheme.ndb_seq_num 
_pdbx_poly_seq_scheme.pdb_seq_num 
_pdbx_poly_seq_scheme.auth_seq_num 
_pdbx_poly_seq_scheme.pdb_mon_id 
_pdbx_poly_seq_scheme.auth_mon_id 
_pdbx_poly_seq_scheme.pdb_strand_id 
_pdbx_poly_seq_scheme.pdb_ins_code 
_pdbx_poly_seq_scheme.hetero 
A 1 1   VAL 1   1   1   VAL VAL A . n 
A 1 2   ILE 2   2   2   ILE ILE A . n 
A 1 3   LEU 3   3   3   LEU LEU A . n 
A 1 4   PRO 4   4   4   PRO PRO A . n 
A 1 5   ASN 5   5   5   ASN ASN A . n 
A 1 6   ASN 6   6   6   ASN ASN A . n 
A 1 7   ASP 7   7   7   ASP ASP A . n 
A 1 8   ARG 8   8   8   ARG ARG A . n 
A 1 9   HIS 9   9   9   HIS HIS A . n 
A 1 10  GLN 10  10  10  GLN GLN A . n 
A 1 11  ILE 11  11  11  ILE ILE A . n 
A 1 12  THR 12  12  12  THR THR A . n 
A 1 13  ASP 13  13  13  ASP ASP A . n 
A 1 14  THR 14  14  14  THR THR A . n 
A 1 15  THR 15  15  15  THR THR A . n 
A 1 16  ASN 16  16  16  ASN ASN A . n 
A 1 17  GLY 17  17  17  GLY GLY A . n 
A 1 18  HIS 18  18  18  HIS HIS A . n 
A 1 19  TYR 19  19  19  TYR TYR A . n 
A 1 20  ALA 20  20  20  ALA ALA A . n 
A 1 21  PRO 21  21  21  PRO PRO A . n 
A 1 22  VAL 22  22  22  VAL VAL A . n 
A 1 23  THR 23  23  23  THR THR A . n 
A 1 24  TYR 24  24  24  TYR TYR A . n 
A 1 25  ILE 25  25  25  ILE ILE A . n 
A 1 26  GLN 26  26  26  GLN GLN A . n 
A 1 27  VAL 27  27  27  VAL VAL A . n 
A 1 28  GLU 28  28  28  GLU GLU A . n 
A 1 29  ALA 29  29  29  ALA ALA A . n 
A 1 30  PRO 30  30  30  PRO PRO A . n 
A 1 31  THR 31  31  31  THR THR A . n 
A 1 32  GLY 32  32  32  GLY GLY A . n 
A 1 33  THR 33  33  33  THR THR A . n 
A 1 34  PHE 34  34  34  PHE PHE A . n 
A 1 35  ILE 35  35  35  ILE ILE A . n 
A 1 36  ALA 36  36  36  ALA ALA A . n 
A 1 37  SER 37  37  37  SER SER A . n 
A 1 38  GLY 38  38  38  GLY GLY A . n 
A 1 39  VAL 39  39  39  VAL VAL A . n 
A 1 40  VAL 40  40  40  VAL VAL A . n 
A 1 41  VAL 41  41  41  VAL VAL A . n 
A 1 42  GLY 42  42  42  GLY GLY A . n 
A 1 43  LYS 43  43  43  LYS LYS A . n 
A 1 44  ASP 44  44  44  ASP ASP A . n 
A 1 45  THR 45  45  45  THR THR A . n 
A 1 46  LEU 46  46  46  LEU LEU A . n 
A 1 47  LEU 47  47  47  LEU LEU A . n 
A 1 48  THR 48  48  48  THR THR A . n 
A 1 49  ASN 49  49  49  ASN ASN A . n 
A 1 50  LYS 50  50  50  LYS LYS A . n 
A 1 51  HIS 51  51  51  HIS HIS A . n 
A 1 52  VAL 52  52  52  VAL VAL A . n 
A 1 53  VAL 53  53  53  VAL VAL A . n 
A 1 54  ASP 54  54  54  ASP ASP A . n 
A 1 55  ALA 55  55  55  ALA ALA A . n 
A 1 56  THR 56  56  56  THR THR A . n 
A 1 57  HIS 57  57  57  HIS HIS A . n 
A 1 58  GLY 58  58  58  GLY GLY A . n 
A 1 59  ASP 59  59  59  ASP ASP A . n 
A 1 60  PRO 60  60  60  PRO PRO A . n 
A 1 61  HIS 61  61  61  HIS HIS A . n 
A 1 62  ALA 62  62  62  ALA ALA A . n 
A 1 63  LEU 63  63  63  LEU LEU A . n 
A 1 64  LYS 64  64  64  LYS LYS A . n 
A 1 65  ALA 65  65  65  ALA ALA A . n 
A 1 66  PHE 66  66  66  PHE PHE A . n 
A 1 67  PRO 67  67  67  PRO PRO A . n 
A 1 68  SER 68  68  68  SER SER A . n 
A 1 69  ALA 69  69  69  ALA ALA A . n 
A 1 70  ILE 70  70  70  ILE ILE A . n 
A 1 71  ASN 71  71  71  ASN ASN A . n 
A 1 72  GLN 72  72  72  GLN GLN A . n 
A 1 73  ASP 73  73  73  ASP ASP A . n 
A 1 74  ASN 74  74  74  ASN ASN A . n 
A 1 75  TYR 75  75  75  TYR TYR A . n 
A 1 76  PRO 76  76  76  PRO PRO A . n 
A 1 77  ASN 77  77  77  ASN ASN A . n 
A 1 78  GLY 78  78  78  GLY GLY A . n 
A 1 79  GLY 79  79  79  GLY GLY A . n 
A 1 80  PHE 80  80  80  PHE PHE A . n 
A 1 81  THR 81  81  81  THR THR A . n 
A 1 82  ALA 82  82  82  ALA ALA A . n 
A 1 83  GLU 83  83  83  GLU GLU A . n 
A 1 84  GLN 84  84  84  GLN GLN A . n 
A 1 85  ILE 85  85  85  ILE ILE A . n 
A 1 86  THR 86  86  86  THR THR A . n 
A 1 87  LYS 87  87  87  LYS LYS A . n 
A 1 88  TYR 88  88  88  TYR TYR A . n 
A 1 89  SER 89  89  89  SER SER A . n 
A 1 90  GLY 90  90  90  GLY GLY A . n 
A 1 91  GLU 91  91  91  GLU GLU A . n 
A 1 92  GLY 92  92  92  GLY GLY A . n 
A 1 93  ASP 93  93  93  ASP ASP A . n 
A 1 94  LEU 94  94  94  LEU LEU A . n 
A 1 95  ALA 95  95  95  ALA ALA A . n 
A 1 96  ILE 96  96  96  ILE ILE A . n 
A 1 97  VAL 97  97  97  VAL VAL A . n 
A 1 98  LYS 98  98  98  LYS LYS A . n 
A 1 99  PHE 99  99  99  PHE PHE A . n 
A 1 100 SER 100 100 100 SER SER A . n 
A 1 101 PRO 101 101 101 PRO PRO A . n 
A 1 102 ASN 102 102 102 ASN ASN A . n 
A 1 103 GLU 103 103 103 GLU ALA A . n 
A 1 104 GLN 104 104 104 GLN GLN A . n 
A 1 105 ASN 105 105 105 ASN ASN A . n 
A 1 106 LYS 106 106 106 LYS LYS A . n 
A 1 107 HIS 107 107 107 HIS HIS A . n 
A 1 108 ILE 108 108 108 ILE ILE A . n 
A 1 109 GLY 109 109 109 GLY GLY A . n 
A 1 110 GLU 110 110 110 GLU GLU A . n 
A 1 111 VAL 111 111 111 VAL VAL A . n 
A 1 112 VAL 112 112 112 VAL VAL A . n 
A 1 113 LYS 113 113 113 LYS LYS A . n 
A 1 114 PRO 114 114 114 PRO PRO A . n 
A 1 115 ALA 115 115 115 ALA ALA A . n 
A 1 116 THR 116 116 116 THR THR A . n 
A 1 117 MET 117 117 117 MET MET A . n 
A 1 118 SER 118 118 118 SER SER A . n 
A 1 119 ASN 119 119 119 ASN ASN A . n 
A 1 120 ASN 120 120 120 ASN ASN A . n 
A 1 121 ALA 121 121 121 ALA ALA A . n 
A 1 122 GLU 122 122 122 GLU GLU A . n 
A 1 123 THR 123 123 123 THR THR A . n 
A 1 124 GLN 124 124 124 GLN GLN A . n 
A 1 125 THR 125 125 125 THR THR A . n 
A 1 126 ASN 126 126 126 ASN ASN A . n 
A 1 127 GLN 127 127 127 GLN GLN A . n 
A 1 128 ASN 128 128 128 ASN ASN A . n 
A 1 129 ILE 129 129 129 ILE ILE A . n 
A 1 130 THR 130 130 130 THR THR A . n 
A 1 131 VAL 131 131 131 VAL VAL A . n 
A 1 132 THR 132 132 132 THR THR A . n 
A 1 133 GLY 133 133 133 GLY GLY A . n 
A 1 134 TYR 134 134 134 TYR TYR A . n 
A 1 135 PRO 135 135 135 PRO PRO A . n 
A 1 136 GLY 136 136 136 GLY GLY A . n 
A 1 137 ASP 137 137 137 ASP ASP A . n 
A 1 138 LYS 138 138 138 LYS LYS A . n 
A 1 139 PRO 139 139 139 PRO PRO A . n 
A 1 140 VAL 140 140 140 VAL VAL A . n 
A 1 141 ALA 141 141 141 ALA ALA A . n 
A 1 142 THR 142 142 142 THR THR A . n 
A 1 143 MET 143 143 143 MET MET A . n 
A 1 144 TRP 144 144 144 TRP TRP A . n 
A 1 145 GLU 145 145 145 GLU GLU A . n 
A 1 146 SER 146 146 146 SER SER A . n 
A 1 147 LYS 147 147 147 LYS LYS A . n 
A 1 148 GLY 148 148 148 GLY GLY A . n 
A 1 149 LYS 149 149 149 LYS LYS A . n 
A 1 150 ILE 150 150 150 ILE ILE A . n 
A 1 151 THR 151 151 151 THR THR A . n 
A 1 152 TYR 152 152 152 TYR TYR A . n 
A 1 153 LEU 153 153 153 LEU LEU A . n 
A 1 154 LYS 154 154 154 LYS LYS A . n 
A 1 155 GLY 155 155 155 GLY GLY A . n 
A 1 156 GLU 156 156 156 GLU GLU A . n 
A 1 157 ALA 157 157 157 ALA ALA A . n 
A 1 158 MET 158 158 158 MET MET A . n 
A 1 159 GLN 159 159 159 GLN GLN A . n 
A 1 160 TYR 160 160 160 TYR TYR A . n 
A 1 161 ASP 161 161 161 ASP ASP A . n 
A 1 162 LEU 162 162 162 LEU LEU A . n 
A 1 163 SER 163 163 163 SER SER A . n 
A 1 164 THR 164 164 164 THR THR A . n 
A 1 165 THR 165 165 165 THR THR A . n 
A 1 166 GLY 166 166 166 GLY GLY A . n 
A 1 167 GLY 167 167 167 GLY GLY A . n 
A 1 168 ASN 168 168 168 ASN ASN A . n 
A 1 169 SER 169 169 169 SER SER A . n 
A 1 170 GLY 170 170 170 GLY GLY A . n 
A 1 171 SER 171 171 171 SER SER A . n 
A 1 172 PRO 172 172 172 PRO PRO A . n 
A 1 173 VAL 173 173 173 VAL VAL A . n 
A 1 174 PHE 174 174 174 PHE PHE A . n 
A 1 175 ASN 175 175 175 ASN ASN A . n 
A 1 176 GLU 176 176 176 GLU ALA A . n 
A 1 177 LYS 177 177 177 LYS LYS A . n 
A 1 178 ASN 178 178 178 ASN ASN A . n 
A 1 179 GLU 179 179 179 GLU GLU A . n 
A 1 180 VAL 180 180 180 VAL VAL A . n 
A 1 181 ILE 181 181 181 ILE ILE A . n 
A 1 182 GLY 182 182 182 GLY GLY A . n 
A 1 183 ILE 183 183 183 ILE ILE A . n 
A 1 184 HIS 184 184 184 HIS HIS A . n 
A 1 185 TRP 185 185 185 TRP TRP A . n 
A 1 186 GLY 186 186 186 GLY GLY A . n 
A 1 187 GLY 187 187 187 GLY GLY A . n 
A 1 188 VAL 188 188 188 VAL VAL A . n 
A 1 189 PRO 189 189 189 PRO PRO A . n 
A 1 190 ASN 190 190 190 ASN ASN A . n 
A 1 191 GLU 191 191 191 GLU GLU A . n 
A 1 192 PHE 192 192 192 PHE PHE A . n 
A 1 193 ASN 193 193 193 ASN ASN A . n 
A 1 194 GLY 194 194 194 GLY GLY A . n 
A 1 195 ALA 195 195 195 ALA ALA A . n 
A 1 196 VAL 196 196 196 VAL VAL A . n 
A 1 197 PHE 197 197 197 PHE PHE A . n 
A 1 198 ILE 198 198 198 ILE ILE A . n 
A 1 199 ASN 199 199 199 ASN ASN A . n 
A 1 200 GLU 200 200 200 GLU GLU A . n 
A 1 201 ASN 201 201 201 ASN ASN A . n 
A 1 202 VAL 202 202 202 VAL VAL A . n 
A 1 203 ARG 203 203 203 ARG ARG A . n 
A 1 204 ASN 204 204 204 ASN ASN A . n 
A 1 205 PHE 205 205 205 PHE PHE A . n 
A 1 206 LEU 206 206 206 LEU LEU A . n 
A 1 207 LYS 207 207 207 LYS LYS A . n 
A 1 208 GLN 208 208 208 GLN GLN A . n 
A 1 209 ASN 209 209 209 ASN ASN A . n 
A 1 210 ILE 210 210 210 ILE ILE A . n 
A 1 211 GLU 211 211 211 GLU GLU A . n 
A 1 212 ASP 212 212 212 ASP ASP A . n 
A 1 213 ILE 213 213 213 ILE ILE A . n 
A 1 214 ASN 214 214 214 ASN ASN A . n 
A 1 215 PHE 215 215 215 PHE PHE A . n 
A 1 216 ALA 216 216 216 ALA ALA A . n 
A 1 217 ASN 217 217 ?   ?   ?   A . n 
A 1 218 ASP 218 218 ?   ?   ?   A . n 
A 1 219 ASP 219 219 ?   ?   ?   A . n 
A 1 220 GLN 220 220 ?   ?   ?   A . n 
A 1 221 PRO 221 221 ?   ?   ?   A . n 
A 1 222 ASN 222 222 ?   ?   ?   A . n 
A 1 223 ASN 223 223 ?   ?   ?   A . n 
A 1 224 PRO 224 224 ?   ?   ?   A . n 
A 1 225 ASP 225 225 ?   ?   ?   A . n 
A 1 226 ASN 226 226 ?   ?   ?   A . n 
A 1 227 PRO 227 227 ?   ?   ?   A . n 
A 1 228 ASP 228 228 ?   ?   ?   A . n 
A 1 229 ASN 229 229 ?   ?   ?   A . n 
A 1 230 PRO 230 230 ?   ?   ?   A . n 
A 1 231 ASN 231 231 ?   ?   ?   A . n 
A 1 232 ASN 232 232 ?   ?   ?   A . n 
A 1 233 PRO 233 233 ?   ?   ?   A . n 
A 1 234 ASP 234 234 ?   ?   ?   A . n 
A 1 235 ASN 235 235 ?   ?   ?   A . n 
A 1 236 PRO 236 236 ?   ?   ?   A . n 
A 1 237 ASN 237 237 ?   ?   ?   A . n 
A 1 238 ASN 238 238 ?   ?   ?   A . n 
A 1 239 PRO 239 239 ?   ?   ?   A . n 
A 1 240 ASP 240 240 ?   ?   ?   A . n 
A 1 241 ASN 241 241 ?   ?   ?   A . n 
A 1 242 PRO 242 242 ?   ?   ?   A . n 
A 1 243 ASN 243 243 ?   ?   ?   A . n 
A 1 244 ASN 244 244 ?   ?   ?   A . n 
A 1 245 PRO 245 245 ?   ?   ?   A . n 
A 1 246 ASP 246 246 ?   ?   ?   A . n 
A 1 247 GLU 247 247 ?   ?   ?   A . n 
A 1 248 PRO 248 248 ?   ?   ?   A . n 
A 1 249 ASN 249 249 ?   ?   ?   A . n 
A 1 250 ASN 250 250 ?   ?   ?   A . n 
A 1 251 PRO 251 251 ?   ?   ?   A . n 
A 1 252 ASP 252 252 ?   ?   ?   A . n 
A 1 253 ASN 253 253 ?   ?   ?   A . n 
A 1 254 PRO 254 254 ?   ?   ?   A . n 
A 1 255 ASN 255 255 ?   ?   ?   A . n 
A 1 256 ASN 256 256 ?   ?   ?   A . n 
A 1 257 PRO 257 257 ?   ?   ?   A . n 
A 1 258 ASP 258 258 ?   ?   ?   A . n 
A 1 259 ASN 259 259 ?   ?   ?   A . n 
A 1 260 PRO 260 260 ?   ?   ?   A . n 
A 1 261 ASP 261 261 ?   ?   ?   A . n 
A 1 262 ASN 262 262 ?   ?   ?   A . n 
A 1 263 GLY 263 263 ?   ?   ?   A . n 
A 1 264 ASP 264 264 ?   ?   ?   A . n 
A 1 265 ASN 265 265 ?   ?   ?   A . n 
A 1 266 ASN 266 266 ?   ?   ?   A . n 
A 1 267 ASN 267 267 ?   ?   ?   A . n 
A 1 268 SER 268 268 ?   ?   ?   A . n 
A 1 269 ASP 269 269 ?   ?   ?   A . n 
A 1 270 ASN 270 270 ?   ?   ?   A . n 
A 1 271 PRO 271 271 ?   ?   ?   A . n 
A 1 272 ASP 272 272 ?   ?   ?   A . n 
A 1 273 ALA 273 273 ?   ?   ?   A . n 
A 1 274 ALA 274 274 ?   ?   ?   A . n 
# 
loop_
_pdbx_nonpoly_scheme.asym_id 
_pdbx_nonpoly_scheme.entity_id 
_pdbx_nonpoly_scheme.mon_id 
_pdbx_nonpoly_scheme.ndb_seq_num 
_pdbx_nonpoly_scheme.pdb_seq_num 
_pdbx_nonpoly_scheme.auth_seq_num 
_pdbx_nonpoly_scheme.pdb_mon_id 
_pdbx_nonpoly_scheme.auth_mon_id 
_pdbx_nonpoly_scheme.pdb_strand_id 
_pdbx_nonpoly_scheme.pdb_ins_code 
B 2 K   1  999 999 K   K   A . 
C 3 HOH 1  301 301 HOH WAT A . 
C 3 HOH 2  302 302 HOH WAT A . 
C 3 HOH 3  303 303 HOH WAT A . 
C 3 HOH 4  304 304 HOH WAT A . 
C 3 HOH 5  305 305 HOH WAT A . 
C 3 HOH 6  306 306 HOH WAT A . 
C 3 HOH 7  307 307 HOH WAT A . 
C 3 HOH 8  308 308 HOH WAT A . 
C 3 HOH 9  309 309 HOH WAT A . 
C 3 HOH 10 310 310 HOH WAT A . 
C 3 HOH 11 311 311 HOH WAT A . 
C 3 HOH 12 312 312 HOH WAT A . 
C 3 HOH 13 313 313 HOH WAT A . 
C 3 HOH 14 314 314 HOH WAT A . 
C 3 HOH 15 315 315 HOH WAT A . 
C 3 HOH 16 316 316 HOH WAT A . 
C 3 HOH 17 317 317 HOH WAT A . 
C 3 HOH 18 318 318 HOH WAT A . 
C 3 HOH 19 319 319 HOH WAT A . 
C 3 HOH 20 320 320 HOH WAT A . 
C 3 HOH 21 321 321 HOH WAT A . 
C 3 HOH 22 322 322 HOH WAT A . 
C 3 HOH 23 323 323 HOH WAT A . 
C 3 HOH 24 324 324 HOH WAT A . 
C 3 HOH 25 325 325 HOH WAT A . 
C 3 HOH 26 326 326 HOH WAT A . 
C 3 HOH 27 327 327 HOH WAT A . 
C 3 HOH 28 328 328 HOH WAT A . 
C 3 HOH 29 329 329 HOH WAT A . 
C 3 HOH 30 330 330 HOH WAT A . 
C 3 HOH 31 331 331 HOH WAT A . 
C 3 HOH 32 332 332 HOH WAT A . 
C 3 HOH 33 333 333 HOH WAT A . 
C 3 HOH 34 334 334 HOH WAT A . 
C 3 HOH 35 335 335 HOH WAT A . 
C 3 HOH 36 336 336 HOH WAT A . 
C 3 HOH 37 337 337 HOH WAT A . 
C 3 HOH 38 338 338 HOH WAT A . 
C 3 HOH 39 339 339 HOH WAT A . 
C 3 HOH 40 340 340 HOH WAT A . 
C 3 HOH 41 341 341 HOH WAT A . 
C 3 HOH 42 342 342 HOH WAT A . 
C 3 HOH 43 343 343 HOH WAT A . 
C 3 HOH 44 344 344 HOH WAT A . 
C 3 HOH 45 345 345 HOH WAT A . 
C 3 HOH 46 346 346 HOH WAT A . 
C 3 HOH 47 347 347 HOH WAT A . 
C 3 HOH 48 348 348 HOH WAT A . 
C 3 HOH 49 349 349 HOH WAT A . 
C 3 HOH 50 350 350 HOH WAT A . 
C 3 HOH 51 351 351 HOH WAT A . 
C 3 HOH 52 352 352 HOH WAT A . 
C 3 HOH 53 353 353 HOH WAT A . 
C 3 HOH 54 354 354 HOH WAT A . 
C 3 HOH 55 355 355 HOH WAT A . 
C 3 HOH 56 356 356 HOH WAT A . 
C 3 HOH 57 357 357 HOH WAT A . 
C 3 HOH 58 358 358 HOH WAT A . 
C 3 HOH 59 359 359 HOH WAT A . 
C 3 HOH 60 360 360 HOH WAT A . 
C 3 HOH 61 361 361 HOH WAT A . 
C 3 HOH 62 362 362 HOH WAT A . 
C 3 HOH 63 363 363 HOH WAT A . 
C 3 HOH 64 364 364 HOH WAT A . 
C 3 HOH 65 365 365 HOH WAT A . 
C 3 HOH 66 366 366 HOH WAT A . 
C 3 HOH 67 367 367 HOH WAT A . 
C 3 HOH 68 368 368 HOH WAT A . 
C 3 HOH 69 369 369 HOH WAT A . 
# 
loop_
_pdbx_unobs_or_zero_occ_atoms.id 
_pdbx_unobs_or_zero_occ_atoms.PDB_model_num 
_pdbx_unobs_or_zero_occ_atoms.polymer_flag 
_pdbx_unobs_or_zero_occ_atoms.occupancy_flag 
_pdbx_unobs_or_zero_occ_atoms.auth_asym_id 
_pdbx_unobs_or_zero_occ_atoms.auth_comp_id 
_pdbx_unobs_or_zero_occ_atoms.auth_seq_id 
_pdbx_unobs_or_zero_occ_atoms.PDB_ins_code 
_pdbx_unobs_or_zero_occ_atoms.auth_atom_id 
_pdbx_unobs_or_zero_occ_atoms.label_alt_id 
_pdbx_unobs_or_zero_occ_atoms.label_asym_id 
_pdbx_unobs_or_zero_occ_atoms.label_comp_id 
_pdbx_unobs_or_zero_occ_atoms.label_seq_id 
_pdbx_unobs_or_zero_occ_atoms.label_atom_id 
1 1 Y 1 A GLU 103 ? CG  ? A GLU 103 CG  
2 1 Y 1 A GLU 103 ? CD  ? A GLU 103 CD  
3 1 Y 1 A GLU 103 ? OE1 ? A GLU 103 OE1 
4 1 Y 1 A GLU 103 ? OE2 ? A GLU 103 OE2 
5 1 Y 1 A GLU 176 ? CG  ? A GLU 176 CG  
6 1 Y 1 A GLU 176 ? CD  ? A GLU 176 CD  
7 1 Y 1 A GLU 176 ? OE1 ? A GLU 176 OE1 
8 1 Y 1 A GLU 176 ? OE2 ? A GLU 176 OE2 
# 
loop_
_software.name 
_software.classification 
_software.version 
_software.citation_id 
_software.pdbx_ordinal 
DENZO     'data reduction' .     ? 1 
SCALEPACK 'data scaling'   .     ? 2 
CNS       refinement       .     ? 3 
X-PLOR    refinement       3.851 ? 4 
CNS       phasing          .     ? 5 
# 
_cell.entry_id           1QY6 
_cell.length_a           62.721 
_cell.length_b           62.721 
_cell.length_c           225.876 
_cell.angle_alpha        90.00 
_cell.angle_beta         90.00 
_cell.angle_gamma        120.00 
_cell.Z_PDB              12 
_cell.pdbx_unique_axis   ? 
# 
_symmetry.entry_id                         1QY6 
_symmetry.space_group_name_H-M             'P 65 2 2' 
_symmetry.pdbx_full_space_group_name_H-M   ? 
_symmetry.cell_setting                     hexagonal 
_symmetry.Int_Tables_number                179 
# 
_exptl.entry_id          1QY6 
_exptl.method            'X-RAY DIFFRACTION' 
_exptl.crystals_number   1 
# 
_exptl_crystal.id                    1 
_exptl_crystal.density_meas          ? 
_exptl_crystal.density_Matthews      2.16 
_exptl_crystal.density_percent_sol   43.03 
_exptl_crystal.description           ? 
# 
_exptl_crystal_grow.crystal_id      1 
_exptl_crystal_grow.method          'VAPOR DIFFUSION, HANGING DROP' 
_exptl_crystal_grow.temp            293 
_exptl_crystal_grow.temp_details    ? 
_exptl_crystal_grow.pH              8.6 
_exptl_crystal_grow.pdbx_details    'PEG 5000 mme, KCl, HEPES, pH 8.6, VAPOR DIFFUSION, HANGING DROP, temperature 293K' 
_exptl_crystal_grow.pdbx_pH_range   . 
# 
_diffrn.id                     1 
_diffrn.ambient_temp           300 
_diffrn.ambient_temp_details   ? 
_diffrn.crystal_id             1 
# 
_diffrn_detector.diffrn_id              1 
_diffrn_detector.detector               DIFFRACTOMETER 
_diffrn_detector.type                   WEISSENBERG 
_diffrn_detector.pdbx_collection_date   1998-02-24 
_diffrn_detector.details                ? 
# 
_diffrn_radiation.diffrn_id                        1 
_diffrn_radiation.wavelength_id                    1 
_diffrn_radiation.pdbx_monochromatic_or_laue_m_l   M 
_diffrn_radiation.monochromator                    GRAPHITE 
_diffrn_radiation.pdbx_diffrn_protocol             'SINGLE WAVELENGTH' 
_diffrn_radiation.pdbx_scattering_type             x-ray 
# 
_diffrn_radiation_wavelength.id           1 
_diffrn_radiation_wavelength.wavelength   1.0 
_diffrn_radiation_wavelength.wt           1.0 
# 
_diffrn_source.diffrn_id                   1 
_diffrn_source.source                      SYNCHROTRON 
_diffrn_source.type                        'PHOTON FACTORY BEAMLINE BL-18B' 
_diffrn_source.pdbx_synchrotron_site       'Photon Factory' 
_diffrn_source.pdbx_synchrotron_beamline   BL-18B 
_diffrn_source.pdbx_wavelength             ? 
_diffrn_source.pdbx_wavelength_list        1.0 
# 
_reflns.entry_id                     1QY6 
_reflns.observed_criterion_sigma_F   2.0 
_reflns.observed_criterion_sigma_I   5.0 
_reflns.d_resolution_high            1.9 
_reflns.d_resolution_low             40. 
_reflns.number_all                   109774 
_reflns.number_obs                   20095 
_reflns.percent_possible_obs         92. 
_reflns.pdbx_Rmerge_I_obs            0.09 
_reflns.pdbx_Rsym_value              ? 
_reflns.pdbx_netI_over_sigmaI        ? 
_reflns.B_iso_Wilson_estimate        ? 
_reflns.pdbx_redundancy              ? 
_reflns.R_free_details               ? 
_reflns.limit_h_max                  ? 
_reflns.limit_h_min                  ? 
_reflns.limit_k_max                  ? 
_reflns.limit_k_min                  ? 
_reflns.limit_l_max                  ? 
_reflns.limit_l_min                  ? 
_reflns.observed_criterion_F_max     ? 
_reflns.observed_criterion_F_min     ? 
_reflns.pdbx_diffrn_id               1 
_reflns.pdbx_ordinal                 1 
# 
_reflns_shell.d_res_high             1.9 
_reflns_shell.d_res_low              1.93 
_reflns_shell.percent_possible_all   76 
_reflns_shell.Rmerge_I_obs           ? 
_reflns_shell.pdbx_Rsym_value        ? 
_reflns_shell.meanI_over_sigI_obs    ? 
_reflns_shell.pdbx_redundancy        ? 
_reflns_shell.percent_possible_obs   ? 
_reflns_shell.number_unique_all      ? 
_reflns_shell.pdbx_diffrn_id         ? 
_reflns_shell.pdbx_ordinal           1 
# 
_refine.entry_id                                 1QY6 
_refine.ls_d_res_high                            1.9 
_refine.ls_d_res_low                             10. 
_refine.pdbx_ls_sigma_F                          0 
_refine.pdbx_ls_sigma_I                          ? 
_refine.ls_number_reflns_all                     19878 
_refine.ls_number_reflns_obs                     18916 
_refine.ls_number_reflns_R_free                  962 
_refine.ls_percent_reflns_obs                    ? 
_refine.ls_R_factor_all                          0.23 
_refine.ls_R_factor_obs                          0.23 
_refine.ls_R_factor_R_work                       0.2 
_refine.ls_R_factor_R_free                       0.23 
_refine.ls_redundancy_reflns_obs                 ? 
_refine.pdbx_data_cutoff_high_absF               ? 
_refine.pdbx_data_cutoff_low_absF                ? 
_refine.ls_number_parameters                     ? 
_refine.ls_number_restraints                     ? 
_refine.ls_percent_reflns_R_free                 ? 
_refine.ls_R_factor_R_free_error                 ? 
_refine.ls_R_factor_R_free_error_details         ? 
_refine.pdbx_method_to_determine_struct          MAD 
_refine.pdbx_starting_model                      ? 
_refine.pdbx_ls_cross_valid_method               THROUGHOUT 
_refine.pdbx_R_Free_selection_details            Random 
_refine.pdbx_stereochem_target_val_spec_case     ? 
_refine.pdbx_stereochemistry_target_values       'Engh & Huber' 
_refine.solvent_model_details                    ? 
_refine.solvent_model_param_bsol                 ? 
_refine.solvent_model_param_ksol                 ? 
_refine.occupancy_max                            ? 
_refine.occupancy_min                            ? 
_refine.pdbx_isotropic_thermal_model             isotropic 
_refine.B_iso_mean                               18.8 
_refine.aniso_B[1][1]                            ? 
_refine.aniso_B[1][2]                            ? 
_refine.aniso_B[1][3]                            ? 
_refine.aniso_B[2][2]                            ? 
_refine.aniso_B[2][3]                            ? 
_refine.aniso_B[3][3]                            ? 
_refine.details                                  'Simulate annealing and conjugate gradient minimization' 
_refine.B_iso_min                                ? 
_refine.B_iso_max                                ? 
_refine.correlation_coeff_Fo_to_Fc               ? 
_refine.correlation_coeff_Fo_to_Fc_free          ? 
_refine.pdbx_solvent_vdw_probe_radii             ? 
_refine.pdbx_solvent_ion_probe_radii             ? 
_refine.pdbx_solvent_shrinkage_radii             ? 
_refine.overall_SU_R_Cruickshank_DPI             ? 
_refine.overall_SU_R_free                        ? 
_refine.overall_SU_B                             ? 
_refine.overall_SU_ML                            ? 
_refine.pdbx_overall_ESU_R                       ? 
_refine.pdbx_overall_ESU_R_Free                  ? 
_refine.pdbx_data_cutoff_high_rms_absF           ? 
_refine.pdbx_refine_id                           'X-RAY DIFFRACTION' 
_refine.pdbx_diffrn_id                           1 
_refine.pdbx_TLS_residual_ADP_flag               ? 
_refine.pdbx_overall_phase_error                 ? 
_refine.pdbx_overall_SU_R_free_Cruickshank_DPI   ? 
_refine.pdbx_overall_SU_R_Blow_DPI               ? 
_refine.pdbx_overall_SU_R_free_Blow_DPI          ? 
# 
_refine_analyze.entry_id                        1QY6 
_refine_analyze.Luzzati_coordinate_error_obs    0.23 
_refine_analyze.Luzzati_sigma_a_obs             ? 
_refine_analyze.Luzzati_d_res_low_obs           5.0 
_refine_analyze.Luzzati_coordinate_error_free   .27 
_refine_analyze.Luzzati_sigma_a_free            ? 
_refine_analyze.Luzzati_d_res_low_free          ? 
_refine_analyze.number_disordered_residues      ? 
_refine_analyze.occupancy_sum_non_hydrogen      ? 
_refine_analyze.occupancy_sum_hydrogen          ? 
_refine_analyze.pdbx_Luzzati_d_res_high_obs     ? 
_refine_analyze.pdbx_refine_id                  'X-RAY DIFFRACTION' 
# 
_refine_hist.pdbx_refine_id                   'X-RAY DIFFRACTION' 
_refine_hist.cycle_id                         LAST 
_refine_hist.pdbx_number_atoms_protein        1645 
_refine_hist.pdbx_number_atoms_nucleic_acid   0 
_refine_hist.pdbx_number_atoms_ligand         1 
_refine_hist.number_atoms_solvent             69 
_refine_hist.number_atoms_total               1715 
_refine_hist.d_res_high                       1.9 
_refine_hist.d_res_low                        10. 
# 
loop_
_refine_ls_restr.type 
_refine_ls_restr.dev_ideal 
_refine_ls_restr.dev_ideal_target 
_refine_ls_restr.weight 
_refine_ls_restr.number 
_refine_ls_restr.pdbx_refine_id 
_refine_ls_restr.pdbx_restraint_function 
c_bond_d           0.007 ? ? ? 'X-RAY DIFFRACTION' ? 
c_angle_d          1.38  ? ? ? 'X-RAY DIFFRACTION' ? 
c_dihedral_angle_d 25.7  ? ? ? 'X-RAY DIFFRACTION' ? 
c_improper_angle_d 0.76  ? ? ? 'X-RAY DIFFRACTION' ? 
# 
_struct.entry_id                  1QY6 
_struct.title                     'Structue of V8 Protease from Staphylococcus aureus' 
_struct.pdbx_model_details        ? 
_struct.pdbx_CASP_flag            ? 
_struct.pdbx_model_type_details   ? 
# 
_struct_keywords.entry_id        1QY6 
_struct_keywords.pdbx_keywords   Protease 
_struct_keywords.text            'serine protease, Protease' 
# 
loop_
_struct_asym.id 
_struct_asym.pdbx_blank_PDB_chainid_flag 
_struct_asym.pdbx_modified 
_struct_asym.entity_id 
_struct_asym.details 
A N N 1 ? 
B N N 2 ? 
C N N 3 ? 
# 
_struct_ref.id                         1 
_struct_ref.db_name                    UNP 
_struct_ref.db_code                    Q99V45_STAAM 
_struct_ref.pdbx_db_accession          Q99V45 
_struct_ref.entity_id                  1 
_struct_ref.pdbx_seq_one_letter_code   
;VILPNNDRHQITDTTNGHYAPVTYIQVEAPTGTFIASGVVVGKDTLLTNKHVVDATHGDPHALKAFPSAINQDNYPNGGF
TAEQITKYSGEGDLAIVKFSPNEQNKHIGEVVKPATMSNNAETQVNQNITVTGYPGDKPVATMWESKGKITYLKGEAMQY
DLSTTGGNSGSPVFNEKNEVIGIHWGGVPNEFNGAVFINENVRNFLKQNIEDIHFANDDQPNNPDNPDNPNNPDNPNNPD
NPNNPDEPNNPDNPNNPDNPDNGDNNNSDNPDAA
;
_struct_ref.pdbx_align_begin           69 
_struct_ref.pdbx_db_isoform            ? 
# 
_struct_ref_seq.align_id                      1 
_struct_ref_seq.ref_id                        1 
_struct_ref_seq.pdbx_PDB_id_code              1QY6 
_struct_ref_seq.pdbx_strand_id                A 
_struct_ref_seq.seq_align_beg                 1 
_struct_ref_seq.pdbx_seq_align_beg_ins_code   ? 
_struct_ref_seq.seq_align_end                 274 
_struct_ref_seq.pdbx_seq_align_end_ins_code   ? 
_struct_ref_seq.pdbx_db_accession             Q99V45 
_struct_ref_seq.db_align_beg                  69 
_struct_ref_seq.pdbx_db_align_beg_ins_code    ? 
_struct_ref_seq.db_align_end                  342 
_struct_ref_seq.pdbx_db_align_end_ins_code    ? 
_struct_ref_seq.pdbx_auth_seq_align_beg       1 
_struct_ref_seq.pdbx_auth_seq_align_end       274 
# 
loop_
_struct_ref_seq_dif.align_id 
_struct_ref_seq_dif.pdbx_pdb_id_code 
_struct_ref_seq_dif.mon_id 
_struct_ref_seq_dif.pdbx_pdb_strand_id 
_struct_ref_seq_dif.seq_num 
_struct_ref_seq_dif.pdbx_pdb_ins_code 
_struct_ref_seq_dif.pdbx_seq_db_name 
_struct_ref_seq_dif.pdbx_seq_db_accession_code 
_struct_ref_seq_dif.db_mon_id 
_struct_ref_seq_dif.pdbx_seq_db_seq_num 
_struct_ref_seq_dif.details 
_struct_ref_seq_dif.pdbx_auth_seq_num 
_struct_ref_seq_dif.pdbx_ordinal 
1 1QY6 THR A 125 ? UNP Q99V45 VAL 193 conflict 125 1 
1 1QY6 ASN A 214 ? UNP Q99V45 HIS 282 conflict 214 2 
# 
_pdbx_struct_assembly.id                   1 
_pdbx_struct_assembly.details              author_defined_assembly 
_pdbx_struct_assembly.method_details       ? 
_pdbx_struct_assembly.oligomeric_details   monomeric 
_pdbx_struct_assembly.oligomeric_count     1 
# 
_pdbx_struct_assembly_gen.assembly_id       1 
_pdbx_struct_assembly_gen.oper_expression   1 
_pdbx_struct_assembly_gen.asym_id_list      A,B,C 
# 
_pdbx_struct_oper_list.id                   1 
_pdbx_struct_oper_list.type                 'identity operation' 
_pdbx_struct_oper_list.name                 1_555 
_pdbx_struct_oper_list.symmetry_operation   x,y,z 
_pdbx_struct_oper_list.matrix[1][1]         1.0000000000 
_pdbx_struct_oper_list.matrix[1][2]         0.0000000000 
_pdbx_struct_oper_list.matrix[1][3]         0.0000000000 
_pdbx_struct_oper_list.vector[1]            0.0000000000 
_pdbx_struct_oper_list.matrix[2][1]         0.0000000000 
_pdbx_struct_oper_list.matrix[2][2]         1.0000000000 
_pdbx_struct_oper_list.matrix[2][3]         0.0000000000 
_pdbx_struct_oper_list.vector[2]            0.0000000000 
_pdbx_struct_oper_list.matrix[3][1]         0.0000000000 
_pdbx_struct_oper_list.matrix[3][2]         0.0000000000 
_pdbx_struct_oper_list.matrix[3][3]         1.0000000000 
_pdbx_struct_oper_list.vector[3]            0.0000000000 
# 
_struct_biol.id                    1 
_struct_biol.pdbx_parent_biol_id   ? 
_struct_biol.details               ? 
# 
loop_
_struct_conf.conf_type_id 
_struct_conf.id 
_struct_conf.pdbx_PDB_helix_id 
_struct_conf.beg_label_comp_id 
_struct_conf.beg_label_asym_id 
_struct_conf.beg_label_seq_id 
_struct_conf.pdbx_beg_PDB_ins_code 
_struct_conf.end_label_comp_id 
_struct_conf.end_label_asym_id 
_struct_conf.end_label_seq_id 
_struct_conf.pdbx_end_PDB_ins_code 
_struct_conf.beg_auth_comp_id 
_struct_conf.beg_auth_asym_id 
_struct_conf.beg_auth_seq_id 
_struct_conf.end_auth_comp_id 
_struct_conf.end_auth_asym_id 
_struct_conf.end_auth_seq_id 
_struct_conf.pdbx_PDB_helix_class 
_struct_conf.details 
_struct_conf.pdbx_PDB_helix_length 
HELX_P HELX_P1 1 ASN A 16  ? ALA A 20  ? ASN A 16  ALA A 20  5 ? 5  
HELX_P HELX_P2 2 ASN A 49  ? ALA A 55  ? ASN A 49  ALA A 55  1 ? 7  
HELX_P HELX_P3 3 ASP A 59  ? HIS A 61  ? ASP A 59  HIS A 61  5 ? 3  
HELX_P HELX_P4 4 HIS A 107 ? VAL A 112 ? HIS A 107 VAL A 112 1 ? 6  
HELX_P HELX_P5 5 ASN A 199 ? ILE A 210 ? ASN A 199 ILE A 210 1 ? 12 
# 
_struct_conf_type.id          HELX_P 
_struct_conf_type.criteria    ? 
_struct_conf_type.reference   ? 
# 
loop_
_struct_conn.id 
_struct_conn.conn_type_id 
_struct_conn.pdbx_leaving_atom_flag 
_struct_conn.pdbx_PDB_id 
_struct_conn.ptnr1_label_asym_id 
_struct_conn.ptnr1_label_comp_id 
_struct_conn.ptnr1_label_seq_id 
_struct_conn.ptnr1_label_atom_id 
_struct_conn.pdbx_ptnr1_label_alt_id 
_struct_conn.pdbx_ptnr1_PDB_ins_code 
_struct_conn.pdbx_ptnr1_standard_comp_id 
_struct_conn.ptnr1_symmetry 
_struct_conn.ptnr2_label_asym_id 
_struct_conn.ptnr2_label_comp_id 
_struct_conn.ptnr2_label_seq_id 
_struct_conn.ptnr2_label_atom_id 
_struct_conn.pdbx_ptnr2_label_alt_id 
_struct_conn.pdbx_ptnr2_PDB_ins_code 
_struct_conn.ptnr1_auth_asym_id 
_struct_conn.ptnr1_auth_comp_id 
_struct_conn.ptnr1_auth_seq_id 
_struct_conn.ptnr2_auth_asym_id 
_struct_conn.ptnr2_auth_comp_id 
_struct_conn.ptnr2_auth_seq_id 
_struct_conn.ptnr2_symmetry 
_struct_conn.pdbx_ptnr3_label_atom_id 
_struct_conn.pdbx_ptnr3_label_seq_id 
_struct_conn.pdbx_ptnr3_label_comp_id 
_struct_conn.pdbx_ptnr3_label_asym_id 
_struct_conn.pdbx_ptnr3_label_alt_id 
_struct_conn.pdbx_ptnr3_PDB_ins_code 
_struct_conn.details 
_struct_conn.pdbx_dist_value 
_struct_conn.pdbx_value_order 
_struct_conn.pdbx_role 
metalc1 metalc ? ? A ASP 7   OD1 ? ? ? 6_654 B K . K ? ? A ASP 7   A K 999 1_555 ? ? ? ? ? ? ? 3.124 ? ? 
metalc2 metalc ? ? A ASP 7   OD2 ? ? ? 6_654 B K . K ? ? A ASP 7   A K 999 1_555 ? ? ? ? ? ? ? 2.536 ? ? 
metalc3 metalc ? ? A HIS 9   NE2 ? ? ? 6_654 B K . K ? ? A HIS 9   A K 999 1_555 ? ? ? ? ? ? ? 2.784 ? ? 
metalc4 metalc ? ? A HIS 107 NE2 ? ? ? 1_555 B K . K ? ? A HIS 107 A K 999 1_555 ? ? ? ? ? ? ? 2.667 ? ? 
metalc5 metalc ? ? A LYS 147 NZ  ? ? ? 6_654 B K . K ? ? A LYS 147 A K 999 1_555 ? ? ? ? ? ? ? 3.522 ? ? 
# 
_struct_conn_type.id          metalc 
_struct_conn_type.criteria    ? 
_struct_conn_type.reference   ? 
# 
loop_
_pdbx_struct_conn_angle.id 
_pdbx_struct_conn_angle.ptnr1_label_atom_id 
_pdbx_struct_conn_angle.ptnr1_label_alt_id 
_pdbx_struct_conn_angle.ptnr1_label_asym_id 
_pdbx_struct_conn_angle.ptnr1_label_comp_id 
_pdbx_struct_conn_angle.ptnr1_label_seq_id 
_pdbx_struct_conn_angle.ptnr1_auth_atom_id 
_pdbx_struct_conn_angle.ptnr1_auth_asym_id 
_pdbx_struct_conn_angle.ptnr1_auth_comp_id 
_pdbx_struct_conn_angle.ptnr1_auth_seq_id 
_pdbx_struct_conn_angle.ptnr1_PDB_ins_code 
_pdbx_struct_conn_angle.ptnr1_symmetry 
_pdbx_struct_conn_angle.ptnr2_label_atom_id 
_pdbx_struct_conn_angle.ptnr2_label_alt_id 
_pdbx_struct_conn_angle.ptnr2_label_asym_id 
_pdbx_struct_conn_angle.ptnr2_label_comp_id 
_pdbx_struct_conn_angle.ptnr2_label_seq_id 
_pdbx_struct_conn_angle.ptnr2_auth_atom_id 
_pdbx_struct_conn_angle.ptnr2_auth_asym_id 
_pdbx_struct_conn_angle.ptnr2_auth_comp_id 
_pdbx_struct_conn_angle.ptnr2_auth_seq_id 
_pdbx_struct_conn_angle.ptnr2_PDB_ins_code 
_pdbx_struct_conn_angle.ptnr2_symmetry 
_pdbx_struct_conn_angle.ptnr3_label_atom_id 
_pdbx_struct_conn_angle.ptnr3_label_alt_id 
_pdbx_struct_conn_angle.ptnr3_label_asym_id 
_pdbx_struct_conn_angle.ptnr3_label_comp_id 
_pdbx_struct_conn_angle.ptnr3_label_seq_id 
_pdbx_struct_conn_angle.ptnr3_auth_atom_id 
_pdbx_struct_conn_angle.ptnr3_auth_asym_id 
_pdbx_struct_conn_angle.ptnr3_auth_comp_id 
_pdbx_struct_conn_angle.ptnr3_auth_seq_id 
_pdbx_struct_conn_angle.ptnr3_PDB_ins_code 
_pdbx_struct_conn_angle.ptnr3_symmetry 
_pdbx_struct_conn_angle.value 
_pdbx_struct_conn_angle.value_esd 
1  OD1 ? A ASP 7   ? A ASP 7   ? 6_654 K ? B K . ? A K 999 ? 1_555 OD2 ? A ASP 7   ? A ASP 7   ? 6_654 44.7  ? 
2  OD1 ? A ASP 7   ? A ASP 7   ? 6_654 K ? B K . ? A K 999 ? 1_555 NE2 ? A HIS 9   ? A HIS 9   ? 6_654 150.9 ? 
3  OD2 ? A ASP 7   ? A ASP 7   ? 6_654 K ? B K . ? A K 999 ? 1_555 NE2 ? A HIS 9   ? A HIS 9   ? 6_654 107.0 ? 
4  OD1 ? A ASP 7   ? A ASP 7   ? 6_654 K ? B K . ? A K 999 ? 1_555 NE2 ? A HIS 107 ? A HIS 107 ? 1_555 84.7  ? 
5  OD2 ? A ASP 7   ? A ASP 7   ? 6_654 K ? B K . ? A K 999 ? 1_555 NE2 ? A HIS 107 ? A HIS 107 ? 1_555 84.2  ? 
6  NE2 ? A HIS 9   ? A HIS 9   ? 6_654 K ? B K . ? A K 999 ? 1_555 NE2 ? A HIS 107 ? A HIS 107 ? 1_555 101.0 ? 
7  OD1 ? A ASP 7   ? A ASP 7   ? 6_654 K ? B K . ? A K 999 ? 1_555 NZ  ? A LYS 147 ? A LYS 147 ? 6_654 57.0  ? 
8  OD2 ? A ASP 7   ? A ASP 7   ? 6_654 K ? B K . ? A K 999 ? 1_555 NZ  ? A LYS 147 ? A LYS 147 ? 6_654 90.0  ? 
9  NE2 ? A HIS 9   ? A HIS 9   ? 6_654 K ? B K . ? A K 999 ? 1_555 NZ  ? A LYS 147 ? A LYS 147 ? 6_654 130.5 ? 
10 NE2 ? A HIS 107 ? A HIS 107 ? 1_555 K ? B K . ? A K 999 ? 1_555 NZ  ? A LYS 147 ? A LYS 147 ? 6_654 127.2 ? 
# 
loop_
_struct_sheet.id 
_struct_sheet.type 
_struct_sheet.number_strands 
_struct_sheet.details 
A ? 8 ? 
B ? 7 ? 
# 
loop_
_struct_sheet_order.sheet_id 
_struct_sheet_order.range_id_1 
_struct_sheet_order.range_id_2 
_struct_sheet_order.offset 
_struct_sheet_order.sense 
A 1 2 ? anti-parallel 
A 2 3 ? anti-parallel 
A 3 4 ? anti-parallel 
A 4 5 ? anti-parallel 
A 5 6 ? anti-parallel 
A 6 7 ? anti-parallel 
A 7 8 ? anti-parallel 
B 1 2 ? anti-parallel 
B 2 3 ? anti-parallel 
B 3 4 ? anti-parallel 
B 4 5 ? anti-parallel 
B 5 6 ? anti-parallel 
B 6 7 ? anti-parallel 
# 
loop_
_struct_sheet_range.sheet_id 
_struct_sheet_range.id 
_struct_sheet_range.beg_label_comp_id 
_struct_sheet_range.beg_label_asym_id 
_struct_sheet_range.beg_label_seq_id 
_struct_sheet_range.pdbx_beg_PDB_ins_code 
_struct_sheet_range.end_label_comp_id 
_struct_sheet_range.end_label_asym_id 
_struct_sheet_range.end_label_seq_id 
_struct_sheet_range.pdbx_end_PDB_ins_code 
_struct_sheet_range.beg_auth_comp_id 
_struct_sheet_range.beg_auth_asym_id 
_struct_sheet_range.beg_auth_seq_id 
_struct_sheet_range.end_auth_comp_id 
_struct_sheet_range.end_auth_asym_id 
_struct_sheet_range.end_auth_seq_id 
A 1 ARG A 8   ? ILE A 11  ? ARG A 8   ILE A 11  
A 2 MET A 143 ? LYS A 154 ? MET A 143 LYS A 154 
A 3 ALA A 157 ? TYR A 160 ? ALA A 157 TYR A 160 
A 4 PHE A 192 ? PHE A 197 ? PHE A 192 PHE A 197 
A 5 VAL A 180 ? VAL A 188 ? VAL A 180 VAL A 188 
A 6 PRO A 172 ? PHE A 174 ? PRO A 172 PHE A 174 
A 7 ASN A 128 ? GLY A 133 ? ASN A 128 GLY A 133 
A 8 MET A 143 ? LYS A 154 ? MET A 143 LYS A 154 
B 1 VAL A 22  ? ALA A 29  ? VAL A 22  ALA A 29  
B 2 GLY A 32  ? VAL A 40  ? GLY A 32  VAL A 40  
B 3 THR A 45  ? THR A 48  ? THR A 45  THR A 48  
B 4 ALA A 95  ? PHE A 99  ? ALA A 95  PHE A 99  
B 5 PHE A 80  ? LYS A 87  ? PHE A 80  LYS A 87  
B 6 LEU A 63  ? PRO A 67  ? LEU A 63  PRO A 67  
B 7 VAL A 22  ? ALA A 29  ? VAL A 22  ALA A 29  
# 
loop_
_pdbx_struct_sheet_hbond.sheet_id 
_pdbx_struct_sheet_hbond.range_id_1 
_pdbx_struct_sheet_hbond.range_id_2 
_pdbx_struct_sheet_hbond.range_1_label_atom_id 
_pdbx_struct_sheet_hbond.range_1_label_comp_id 
_pdbx_struct_sheet_hbond.range_1_label_asym_id 
_pdbx_struct_sheet_hbond.range_1_label_seq_id 
_pdbx_struct_sheet_hbond.range_1_PDB_ins_code 
_pdbx_struct_sheet_hbond.range_1_auth_atom_id 
_pdbx_struct_sheet_hbond.range_1_auth_comp_id 
_pdbx_struct_sheet_hbond.range_1_auth_asym_id 
_pdbx_struct_sheet_hbond.range_1_auth_seq_id 
_pdbx_struct_sheet_hbond.range_2_label_atom_id 
_pdbx_struct_sheet_hbond.range_2_label_comp_id 
_pdbx_struct_sheet_hbond.range_2_label_asym_id 
_pdbx_struct_sheet_hbond.range_2_label_seq_id 
_pdbx_struct_sheet_hbond.range_2_PDB_ins_code 
_pdbx_struct_sheet_hbond.range_2_auth_atom_id 
_pdbx_struct_sheet_hbond.range_2_auth_comp_id 
_pdbx_struct_sheet_hbond.range_2_auth_asym_id 
_pdbx_struct_sheet_hbond.range_2_auth_seq_id 
A 1 2 N HIS A 9   ? N HIS A 9   O GLU A 145 ? O GLU A 145 
A 2 3 N LYS A 154 ? N LYS A 154 O ALA A 157 ? O ALA A 157 
A 3 4 N MET A 158 ? N MET A 158 O ALA A 195 ? O ALA A 195 
A 4 5 O GLY A 194 ? O GLY A 194 N GLY A 186 ? N GLY A 186 
A 5 6 O ILE A 181 ? O ILE A 181 N VAL A 173 ? N VAL A 173 
A 6 7 O PHE A 174 ? O PHE A 174 N THR A 130 ? N THR A 130 
A 7 8 N GLY A 133 ? N GLY A 133 O TRP A 144 ? O TRP A 144 
B 1 2 N VAL A 27  ? N VAL A 27  O PHE A 34  ? O PHE A 34  
B 2 3 N VAL A 39  ? N VAL A 39  O LEU A 47  ? O LEU A 47  
B 3 4 N LEU A 46  ? N LEU A 46  O VAL A 97  ? O VAL A 97  
B 4 5 O ILE A 96  ? O ILE A 96  N THR A 86  ? N THR A 86  
B 5 6 O PHE A 80  ? O PHE A 80  N ALA A 65  ? N ALA A 65  
B 6 7 O PHE A 66  ? O PHE A 66  N TYR A 24  ? N TYR A 24  
# 
_struct_site.id                   AC1 
_struct_site.pdbx_evidence_code   Software 
_struct_site.pdbx_auth_asym_id    A 
_struct_site.pdbx_auth_comp_id    K 
_struct_site.pdbx_auth_seq_id     999 
_struct_site.pdbx_auth_ins_code   ? 
_struct_site.pdbx_num_residues    4 
_struct_site.details              'BINDING SITE FOR RESIDUE K A 999' 
# 
loop_
_struct_site_gen.id 
_struct_site_gen.site_id 
_struct_site_gen.pdbx_num_res 
_struct_site_gen.label_comp_id 
_struct_site_gen.label_asym_id 
_struct_site_gen.label_seq_id 
_struct_site_gen.pdbx_auth_ins_code 
_struct_site_gen.auth_comp_id 
_struct_site_gen.auth_asym_id 
_struct_site_gen.auth_seq_id 
_struct_site_gen.label_atom_id 
_struct_site_gen.label_alt_id 
_struct_site_gen.symmetry 
_struct_site_gen.details 
1 AC1 4 ASP A 7   ? ASP A 7   . ? 6_654 ? 
2 AC1 4 HIS A 9   ? HIS A 9   . ? 6_654 ? 
3 AC1 4 HIS A 107 ? HIS A 107 . ? 1_555 ? 
4 AC1 4 LYS A 147 ? LYS A 147 . ? 6_654 ? 
# 
_pdbx_validate_rmsd_angle.id                         1 
_pdbx_validate_rmsd_angle.PDB_model_num              1 
_pdbx_validate_rmsd_angle.auth_atom_id_1             CA 
_pdbx_validate_rmsd_angle.auth_asym_id_1             A 
_pdbx_validate_rmsd_angle.auth_comp_id_1             LEU 
_pdbx_validate_rmsd_angle.auth_seq_id_1              46 
_pdbx_validate_rmsd_angle.PDB_ins_code_1             ? 
_pdbx_validate_rmsd_angle.label_alt_id_1             ? 
_pdbx_validate_rmsd_angle.auth_atom_id_2             CB 
_pdbx_validate_rmsd_angle.auth_asym_id_2             A 
_pdbx_validate_rmsd_angle.auth_comp_id_2             LEU 
_pdbx_validate_rmsd_angle.auth_seq_id_2              46 
_pdbx_validate_rmsd_angle.PDB_ins_code_2             ? 
_pdbx_validate_rmsd_angle.label_alt_id_2             ? 
_pdbx_validate_rmsd_angle.auth_atom_id_3             CG 
_pdbx_validate_rmsd_angle.auth_asym_id_3             A 
_pdbx_validate_rmsd_angle.auth_comp_id_3             LEU 
_pdbx_validate_rmsd_angle.auth_seq_id_3              46 
_pdbx_validate_rmsd_angle.PDB_ins_code_3             ? 
_pdbx_validate_rmsd_angle.label_alt_id_3             ? 
_pdbx_validate_rmsd_angle.angle_value                131.04 
_pdbx_validate_rmsd_angle.angle_target_value         115.30 
_pdbx_validate_rmsd_angle.angle_deviation            15.74 
_pdbx_validate_rmsd_angle.angle_standard_deviation   2.30 
_pdbx_validate_rmsd_angle.linker_flag                N 
# 
loop_
_pdbx_validate_torsion.id 
_pdbx_validate_torsion.PDB_model_num 
_pdbx_validate_torsion.auth_comp_id 
_pdbx_validate_torsion.auth_asym_id 
_pdbx_validate_torsion.auth_seq_id 
_pdbx_validate_torsion.PDB_ins_code 
_pdbx_validate_torsion.label_alt_id 
_pdbx_validate_torsion.phi 
_pdbx_validate_torsion.psi 
1 1 ASN A 126 ? ? 83.23   2.28   
2 1 GLU A 191 ? ? -120.97 -62.76 
# 
loop_
_pdbx_unobs_or_zero_occ_residues.id 
_pdbx_unobs_or_zero_occ_residues.PDB_model_num 
_pdbx_unobs_or_zero_occ_residues.polymer_flag 
_pdbx_unobs_or_zero_occ_residues.occupancy_flag 
_pdbx_unobs_or_zero_occ_residues.auth_asym_id 
_pdbx_unobs_or_zero_occ_residues.auth_comp_id 
_pdbx_unobs_or_zero_occ_residues.auth_seq_id 
_pdbx_unobs_or_zero_occ_residues.PDB_ins_code 
_pdbx_unobs_or_zero_occ_residues.label_asym_id 
_pdbx_unobs_or_zero_occ_residues.label_comp_id 
_pdbx_unobs_or_zero_occ_residues.label_seq_id 
1  1 Y 1 A ASN 217 ? A ASN 217 
2  1 Y 1 A ASP 218 ? A ASP 218 
3  1 Y 1 A ASP 219 ? A ASP 219 
4  1 Y 1 A GLN 220 ? A GLN 220 
5  1 Y 1 A PRO 221 ? A PRO 221 
6  1 Y 1 A ASN 222 ? A ASN 222 
7  1 Y 1 A ASN 223 ? A ASN 223 
8  1 Y 1 A PRO 224 ? A PRO 224 
9  1 Y 1 A ASP 225 ? A ASP 225 
10 1 Y 1 A ASN 226 ? A ASN 226 
11 1 Y 1 A PRO 227 ? A PRO 227 
12 1 Y 1 A ASP 228 ? A ASP 228 
13 1 Y 1 A ASN 229 ? A ASN 229 
14 1 Y 1 A PRO 230 ? A PRO 230 
15 1 Y 1 A ASN 231 ? A ASN 231 
16 1 Y 1 A ASN 232 ? A ASN 232 
17 1 Y 1 A PRO 233 ? A PRO 233 
18 1 Y 1 A ASP 234 ? A ASP 234 
19 1 Y 1 A ASN 235 ? A ASN 235 
20 1 Y 1 A PRO 236 ? A PRO 236 
21 1 Y 1 A ASN 237 ? A ASN 237 
22 1 Y 1 A ASN 238 ? A ASN 238 
23 1 Y 1 A PRO 239 ? A PRO 239 
24 1 Y 1 A ASP 240 ? A ASP 240 
25 1 Y 1 A ASN 241 ? A ASN 241 
26 1 Y 1 A PRO 242 ? A PRO 242 
27 1 Y 1 A ASN 243 ? A ASN 243 
28 1 Y 1 A ASN 244 ? A ASN 244 
29 1 Y 1 A PRO 245 ? A PRO 245 
30 1 Y 1 A ASP 246 ? A ASP 246 
31 1 Y 1 A GLU 247 ? A GLU 247 
32 1 Y 1 A PRO 248 ? A PRO 248 
33 1 Y 1 A ASN 249 ? A ASN 249 
34 1 Y 1 A ASN 250 ? A ASN 250 
35 1 Y 1 A PRO 251 ? A PRO 251 
36 1 Y 1 A ASP 252 ? A ASP 252 
37 1 Y 1 A ASN 253 ? A ASN 253 
38 1 Y 1 A PRO 254 ? A PRO 254 
39 1 Y 1 A ASN 255 ? A ASN 255 
40 1 Y 1 A ASN 256 ? A ASN 256 
41 1 Y 1 A PRO 257 ? A PRO 257 
42 1 Y 1 A ASP 258 ? A ASP 258 
43 1 Y 1 A ASN 259 ? A ASN 259 
44 1 Y 1 A PRO 260 ? A PRO 260 
45 1 Y 1 A ASP 261 ? A ASP 261 
46 1 Y 1 A ASN 262 ? A ASN 262 
47 1 Y 1 A GLY 263 ? A GLY 263 
48 1 Y 1 A ASP 264 ? A ASP 264 
49 1 Y 1 A ASN 265 ? A ASN 265 
50 1 Y 1 A ASN 266 ? A ASN 266 
51 1 Y 1 A ASN 267 ? A ASN 267 
52 1 Y 1 A SER 268 ? A SER 268 
53 1 Y 1 A ASP 269 ? A ASP 269 
54 1 Y 1 A ASN 270 ? A ASN 270 
55 1 Y 1 A PRO 271 ? A PRO 271 
56 1 Y 1 A ASP 272 ? A ASP 272 
57 1 Y 1 A ALA 273 ? A ALA 273 
58 1 Y 1 A ALA 274 ? A ALA 274 
# 
loop_
_chem_comp_atom.comp_id 
_chem_comp_atom.atom_id 
_chem_comp_atom.type_symbol 
_chem_comp_atom.pdbx_aromatic_flag 
_chem_comp_atom.pdbx_stereo_config 
_chem_comp_atom.pdbx_ordinal 
ALA N    N N N 1   
ALA CA   C N S 2   
ALA C    C N N 3   
ALA O    O N N 4   
ALA CB   C N N 5   
ALA OXT  O N N 6   
ALA H    H N N 7   
ALA H2   H N N 8   
ALA HA   H N N 9   
ALA HB1  H N N 10  
ALA HB2  H N N 11  
ALA HB3  H N N 12  
ALA HXT  H N N 13  
ARG N    N N N 14  
ARG CA   C N S 15  
ARG C    C N N 16  
ARG O    O N N 17  
ARG CB   C N N 18  
ARG CG   C N N 19  
ARG CD   C N N 20  
ARG NE   N N N 21  
ARG CZ   C N N 22  
ARG NH1  N N N 23  
ARG NH2  N N N 24  
ARG OXT  O N N 25  
ARG H    H N N 26  
ARG H2   H N N 27  
ARG HA   H N N 28  
ARG HB2  H N N 29  
ARG HB3  H N N 30  
ARG HG2  H N N 31  
ARG HG3  H N N 32  
ARG HD2  H N N 33  
ARG HD3  H N N 34  
ARG HE   H N N 35  
ARG HH11 H N N 36  
ARG HH12 H N N 37  
ARG HH21 H N N 38  
ARG HH22 H N N 39  
ARG HXT  H N N 40  
ASN N    N N N 41  
ASN CA   C N S 42  
ASN C    C N N 43  
ASN O    O N N 44  
ASN CB   C N N 45  
ASN CG   C N N 46  
ASN OD1  O N N 47  
ASN ND2  N N N 48  
ASN OXT  O N N 49  
ASN H    H N N 50  
ASN H2   H N N 51  
ASN HA   H N N 52  
ASN HB2  H N N 53  
ASN HB3  H N N 54  
ASN HD21 H N N 55  
ASN HD22 H N N 56  
ASN HXT  H N N 57  
ASP N    N N N 58  
ASP CA   C N S 59  
ASP C    C N N 60  
ASP O    O N N 61  
ASP CB   C N N 62  
ASP CG   C N N 63  
ASP OD1  O N N 64  
ASP OD2  O N N 65  
ASP OXT  O N N 66  
ASP H    H N N 67  
ASP H2   H N N 68  
ASP HA   H N N 69  
ASP HB2  H N N 70  
ASP HB3  H N N 71  
ASP HD2  H N N 72  
ASP HXT  H N N 73  
GLN N    N N N 74  
GLN CA   C N S 75  
GLN C    C N N 76  
GLN O    O N N 77  
GLN CB   C N N 78  
GLN CG   C N N 79  
GLN CD   C N N 80  
GLN OE1  O N N 81  
GLN NE2  N N N 82  
GLN OXT  O N N 83  
GLN H    H N N 84  
GLN H2   H N N 85  
GLN HA   H N N 86  
GLN HB2  H N N 87  
GLN HB3  H N N 88  
GLN HG2  H N N 89  
GLN HG3  H N N 90  
GLN HE21 H N N 91  
GLN HE22 H N N 92  
GLN HXT  H N N 93  
GLU N    N N N 94  
GLU CA   C N S 95  
GLU C    C N N 96  
GLU O    O N N 97  
GLU CB   C N N 98  
GLU CG   C N N 99  
GLU CD   C N N 100 
GLU OE1  O N N 101 
GLU OE2  O N N 102 
GLU OXT  O N N 103 
GLU H    H N N 104 
GLU H2   H N N 105 
GLU HA   H N N 106 
GLU HB2  H N N 107 
GLU HB3  H N N 108 
GLU HG2  H N N 109 
GLU HG3  H N N 110 
GLU HE2  H N N 111 
GLU HXT  H N N 112 
GLY N    N N N 113 
GLY CA   C N N 114 
GLY C    C N N 115 
GLY O    O N N 116 
GLY OXT  O N N 117 
GLY H    H N N 118 
GLY H2   H N N 119 
GLY HA2  H N N 120 
GLY HA3  H N N 121 
GLY HXT  H N N 122 
HIS N    N N N 123 
HIS CA   C N S 124 
HIS C    C N N 125 
HIS O    O N N 126 
HIS CB   C N N 127 
HIS CG   C Y N 128 
HIS ND1  N Y N 129 
HIS CD2  C Y N 130 
HIS CE1  C Y N 131 
HIS NE2  N Y N 132 
HIS OXT  O N N 133 
HIS H    H N N 134 
HIS H2   H N N 135 
HIS HA   H N N 136 
HIS HB2  H N N 137 
HIS HB3  H N N 138 
HIS HD1  H N N 139 
HIS HD2  H N N 140 
HIS HE1  H N N 141 
HIS HE2  H N N 142 
HIS HXT  H N N 143 
HOH O    O N N 144 
HOH H1   H N N 145 
HOH H2   H N N 146 
ILE N    N N N 147 
ILE CA   C N S 148 
ILE C    C N N 149 
ILE O    O N N 150 
ILE CB   C N S 151 
ILE CG1  C N N 152 
ILE CG2  C N N 153 
ILE CD1  C N N 154 
ILE OXT  O N N 155 
ILE H    H N N 156 
ILE H2   H N N 157 
ILE HA   H N N 158 
ILE HB   H N N 159 
ILE HG12 H N N 160 
ILE HG13 H N N 161 
ILE HG21 H N N 162 
ILE HG22 H N N 163 
ILE HG23 H N N 164 
ILE HD11 H N N 165 
ILE HD12 H N N 166 
ILE HD13 H N N 167 
ILE HXT  H N N 168 
K   K    K N N 169 
LEU N    N N N 170 
LEU CA   C N S 171 
LEU C    C N N 172 
LEU O    O N N 173 
LEU CB   C N N 174 
LEU CG   C N N 175 
LEU CD1  C N N 176 
LEU CD2  C N N 177 
LEU OXT  O N N 178 
LEU H    H N N 179 
LEU H2   H N N 180 
LEU HA   H N N 181 
LEU HB2  H N N 182 
LEU HB3  H N N 183 
LEU HG   H N N 184 
LEU HD11 H N N 185 
LEU HD12 H N N 186 
LEU HD13 H N N 187 
LEU HD21 H N N 188 
LEU HD22 H N N 189 
LEU HD23 H N N 190 
LEU HXT  H N N 191 
LYS N    N N N 192 
LYS CA   C N S 193 
LYS C    C N N 194 
LYS O    O N N 195 
LYS CB   C N N 196 
LYS CG   C N N 197 
LYS CD   C N N 198 
LYS CE   C N N 199 
LYS NZ   N N N 200 
LYS OXT  O N N 201 
LYS H    H N N 202 
LYS H2   H N N 203 
LYS HA   H N N 204 
LYS HB2  H N N 205 
LYS HB3  H N N 206 
LYS HG2  H N N 207 
LYS HG3  H N N 208 
LYS HD2  H N N 209 
LYS HD3  H N N 210 
LYS HE2  H N N 211 
LYS HE3  H N N 212 
LYS HZ1  H N N 213 
LYS HZ2  H N N 214 
LYS HZ3  H N N 215 
LYS HXT  H N N 216 
MET N    N N N 217 
MET CA   C N S 218 
MET C    C N N 219 
MET O    O N N 220 
MET CB   C N N 221 
MET CG   C N N 222 
MET SD   S N N 223 
MET CE   C N N 224 
MET OXT  O N N 225 
MET H    H N N 226 
MET H2   H N N 227 
MET HA   H N N 228 
MET HB2  H N N 229 
MET HB3  H N N 230 
MET HG2  H N N 231 
MET HG3  H N N 232 
MET HE1  H N N 233 
MET HE2  H N N 234 
MET HE3  H N N 235 
MET HXT  H N N 236 
PHE N    N N N 237 
PHE CA   C N S 238 
PHE C    C N N 239 
PHE O    O N N 240 
PHE CB   C N N 241 
PHE CG   C Y N 242 
PHE CD1  C Y N 243 
PHE CD2  C Y N 244 
PHE CE1  C Y N 245 
PHE CE2  C Y N 246 
PHE CZ   C Y N 247 
PHE OXT  O N N 248 
PHE H    H N N 249 
PHE H2   H N N 250 
PHE HA   H N N 251 
PHE HB2  H N N 252 
PHE HB3  H N N 253 
PHE HD1  H N N 254 
PHE HD2  H N N 255 
PHE HE1  H N N 256 
PHE HE2  H N N 257 
PHE HZ   H N N 258 
PHE HXT  H N N 259 
PRO N    N N N 260 
PRO CA   C N S 261 
PRO C    C N N 262 
PRO O    O N N 263 
PRO CB   C N N 264 
PRO CG   C N N 265 
PRO CD   C N N 266 
PRO OXT  O N N 267 
PRO H    H N N 268 
PRO HA   H N N 269 
PRO HB2  H N N 270 
PRO HB3  H N N 271 
PRO HG2  H N N 272 
PRO HG3  H N N 273 
PRO HD2  H N N 274 
PRO HD3  H N N 275 
PRO HXT  H N N 276 
SER N    N N N 277 
SER CA   C N S 278 
SER C    C N N 279 
SER O    O N N 280 
SER CB   C N N 281 
SER OG   O N N 282 
SER OXT  O N N 283 
SER H    H N N 284 
SER H2   H N N 285 
SER HA   H N N 286 
SER HB2  H N N 287 
SER HB3  H N N 288 
SER HG   H N N 289 
SER HXT  H N N 290 
THR N    N N N 291 
THR CA   C N S 292 
THR C    C N N 293 
THR O    O N N 294 
THR CB   C N R 295 
THR OG1  O N N 296 
THR CG2  C N N 297 
THR OXT  O N N 298 
THR H    H N N 299 
THR H2   H N N 300 
THR HA   H N N 301 
THR HB   H N N 302 
THR HG1  H N N 303 
THR HG21 H N N 304 
THR HG22 H N N 305 
THR HG23 H N N 306 
THR HXT  H N N 307 
TRP N    N N N 308 
TRP CA   C N S 309 
TRP C    C N N 310 
TRP O    O N N 311 
TRP CB   C N N 312 
TRP CG   C Y N 313 
TRP CD1  C Y N 314 
TRP CD2  C Y N 315 
TRP NE1  N Y N 316 
TRP CE2  C Y N 317 
TRP CE3  C Y N 318 
TRP CZ2  C Y N 319 
TRP CZ3  C Y N 320 
TRP CH2  C Y N 321 
TRP OXT  O N N 322 
TRP H    H N N 323 
TRP H2   H N N 324 
TRP HA   H N N 325 
TRP HB2  H N N 326 
TRP HB3  H N N 327 
TRP HD1  H N N 328 
TRP HE1  H N N 329 
TRP HE3  H N N 330 
TRP HZ2  H N N 331 
TRP HZ3  H N N 332 
TRP HH2  H N N 333 
TRP HXT  H N N 334 
TYR N    N N N 335 
TYR CA   C N S 336 
TYR C    C N N 337 
TYR O    O N N 338 
TYR CB   C N N 339 
TYR CG   C Y N 340 
TYR CD1  C Y N 341 
TYR CD2  C Y N 342 
TYR CE1  C Y N 343 
TYR CE2  C Y N 344 
TYR CZ   C Y N 345 
TYR OH   O N N 346 
TYR OXT  O N N 347 
TYR H    H N N 348 
TYR H2   H N N 349 
TYR HA   H N N 350 
TYR HB2  H N N 351 
TYR HB3  H N N 352 
TYR HD1  H N N 353 
TYR HD2  H N N 354 
TYR HE1  H N N 355 
TYR HE2  H N N 356 
TYR HH   H N N 357 
TYR HXT  H N N 358 
VAL N    N N N 359 
VAL CA   C N S 360 
VAL C    C N N 361 
VAL O    O N N 362 
VAL CB   C N N 363 
VAL CG1  C N N 364 
VAL CG2  C N N 365 
VAL OXT  O N N 366 
VAL H    H N N 367 
VAL H2   H N N 368 
VAL HA   H N N 369 
VAL HB   H N N 370 
VAL HG11 H N N 371 
VAL HG12 H N N 372 
VAL HG13 H N N 373 
VAL HG21 H N N 374 
VAL HG22 H N N 375 
VAL HG23 H N N 376 
VAL HXT  H N N 377 
# 
loop_
_chem_comp_bond.comp_id 
_chem_comp_bond.atom_id_1 
_chem_comp_bond.atom_id_2 
_chem_comp_bond.value_order 
_chem_comp_bond.pdbx_aromatic_flag 
_chem_comp_bond.pdbx_stereo_config 
_chem_comp_bond.pdbx_ordinal 
ALA N   CA   sing N N 1   
ALA N   H    sing N N 2   
ALA N   H2   sing N N 3   
ALA CA  C    sing N N 4   
ALA CA  CB   sing N N 5   
ALA CA  HA   sing N N 6   
ALA C   O    doub N N 7   
ALA C   OXT  sing N N 8   
ALA CB  HB1  sing N N 9   
ALA CB  HB2  sing N N 10  
ALA CB  HB3  sing N N 11  
ALA OXT HXT  sing N N 12  
ARG N   CA   sing N N 13  
ARG N   H    sing N N 14  
ARG N   H2   sing N N 15  
ARG CA  C    sing N N 16  
ARG CA  CB   sing N N 17  
ARG CA  HA   sing N N 18  
ARG C   O    doub N N 19  
ARG C   OXT  sing N N 20  
ARG CB  CG   sing N N 21  
ARG CB  HB2  sing N N 22  
ARG CB  HB3  sing N N 23  
ARG CG  CD   sing N N 24  
ARG CG  HG2  sing N N 25  
ARG CG  HG3  sing N N 26  
ARG CD  NE   sing N N 27  
ARG CD  HD2  sing N N 28  
ARG CD  HD3  sing N N 29  
ARG NE  CZ   sing N N 30  
ARG NE  HE   sing N N 31  
ARG CZ  NH1  sing N N 32  
ARG CZ  NH2  doub N N 33  
ARG NH1 HH11 sing N N 34  
ARG NH1 HH12 sing N N 35  
ARG NH2 HH21 sing N N 36  
ARG NH2 HH22 sing N N 37  
ARG OXT HXT  sing N N 38  
ASN N   CA   sing N N 39  
ASN N   H    sing N N 40  
ASN N   H2   sing N N 41  
ASN CA  C    sing N N 42  
ASN CA  CB   sing N N 43  
ASN CA  HA   sing N N 44  
ASN C   O    doub N N 45  
ASN C   OXT  sing N N 46  
ASN CB  CG   sing N N 47  
ASN CB  HB2  sing N N 48  
ASN CB  HB3  sing N N 49  
ASN CG  OD1  doub N N 50  
ASN CG  ND2  sing N N 51  
ASN ND2 HD21 sing N N 52  
ASN ND2 HD22 sing N N 53  
ASN OXT HXT  sing N N 54  
ASP N   CA   sing N N 55  
ASP N   H    sing N N 56  
ASP N   H2   sing N N 57  
ASP CA  C    sing N N 58  
ASP CA  CB   sing N N 59  
ASP CA  HA   sing N N 60  
ASP C   O    doub N N 61  
ASP C   OXT  sing N N 62  
ASP CB  CG   sing N N 63  
ASP CB  HB2  sing N N 64  
ASP CB  HB3  sing N N 65  
ASP CG  OD1  doub N N 66  
ASP CG  OD2  sing N N 67  
ASP OD2 HD2  sing N N 68  
ASP OXT HXT  sing N N 69  
GLN N   CA   sing N N 70  
GLN N   H    sing N N 71  
GLN N   H2   sing N N 72  
GLN CA  C    sing N N 73  
GLN CA  CB   sing N N 74  
GLN CA  HA   sing N N 75  
GLN C   O    doub N N 76  
GLN C   OXT  sing N N 77  
GLN CB  CG   sing N N 78  
GLN CB  HB2  sing N N 79  
GLN CB  HB3  sing N N 80  
GLN CG  CD   sing N N 81  
GLN CG  HG2  sing N N 82  
GLN CG  HG3  sing N N 83  
GLN CD  OE1  doub N N 84  
GLN CD  NE2  sing N N 85  
GLN NE2 HE21 sing N N 86  
GLN NE2 HE22 sing N N 87  
GLN OXT HXT  sing N N 88  
GLU N   CA   sing N N 89  
GLU N   H    sing N N 90  
GLU N   H2   sing N N 91  
GLU CA  C    sing N N 92  
GLU CA  CB   sing N N 93  
GLU CA  HA   sing N N 94  
GLU C   O    doub N N 95  
GLU C   OXT  sing N N 96  
GLU CB  CG   sing N N 97  
GLU CB  HB2  sing N N 98  
GLU CB  HB3  sing N N 99  
GLU CG  CD   sing N N 100 
GLU CG  HG2  sing N N 101 
GLU CG  HG3  sing N N 102 
GLU CD  OE1  doub N N 103 
GLU CD  OE2  sing N N 104 
GLU OE2 HE2  sing N N 105 
GLU OXT HXT  sing N N 106 
GLY N   CA   sing N N 107 
GLY N   H    sing N N 108 
GLY N   H2   sing N N 109 
GLY CA  C    sing N N 110 
GLY CA  HA2  sing N N 111 
GLY CA  HA3  sing N N 112 
GLY C   O    doub N N 113 
GLY C   OXT  sing N N 114 
GLY OXT HXT  sing N N 115 
HIS N   CA   sing N N 116 
HIS N   H    sing N N 117 
HIS N   H2   sing N N 118 
HIS CA  C    sing N N 119 
HIS CA  CB   sing N N 120 
HIS CA  HA   sing N N 121 
HIS C   O    doub N N 122 
HIS C   OXT  sing N N 123 
HIS CB  CG   sing N N 124 
HIS CB  HB2  sing N N 125 
HIS CB  HB3  sing N N 126 
HIS CG  ND1  sing Y N 127 
HIS CG  CD2  doub Y N 128 
HIS ND1 CE1  doub Y N 129 
HIS ND1 HD1  sing N N 130 
HIS CD2 NE2  sing Y N 131 
HIS CD2 HD2  sing N N 132 
HIS CE1 NE2  sing Y N 133 
HIS CE1 HE1  sing N N 134 
HIS NE2 HE2  sing N N 135 
HIS OXT HXT  sing N N 136 
HOH O   H1   sing N N 137 
HOH O   H2   sing N N 138 
ILE N   CA   sing N N 139 
ILE N   H    sing N N 140 
ILE N   H2   sing N N 141 
ILE CA  C    sing N N 142 
ILE CA  CB   sing N N 143 
ILE CA  HA   sing N N 144 
ILE C   O    doub N N 145 
ILE C   OXT  sing N N 146 
ILE CB  CG1  sing N N 147 
ILE CB  CG2  sing N N 148 
ILE CB  HB   sing N N 149 
ILE CG1 CD1  sing N N 150 
ILE CG1 HG12 sing N N 151 
ILE CG1 HG13 sing N N 152 
ILE CG2 HG21 sing N N 153 
ILE CG2 HG22 sing N N 154 
ILE CG2 HG23 sing N N 155 
ILE CD1 HD11 sing N N 156 
ILE CD1 HD12 sing N N 157 
ILE CD1 HD13 sing N N 158 
ILE OXT HXT  sing N N 159 
LEU N   CA   sing N N 160 
LEU N   H    sing N N 161 
LEU N   H2   sing N N 162 
LEU CA  C    sing N N 163 
LEU CA  CB   sing N N 164 
LEU CA  HA   sing N N 165 
LEU C   O    doub N N 166 
LEU C   OXT  sing N N 167 
LEU CB  CG   sing N N 168 
LEU CB  HB2  sing N N 169 
LEU CB  HB3  sing N N 170 
LEU CG  CD1  sing N N 171 
LEU CG  CD2  sing N N 172 
LEU CG  HG   sing N N 173 
LEU CD1 HD11 sing N N 174 
LEU CD1 HD12 sing N N 175 
LEU CD1 HD13 sing N N 176 
LEU CD2 HD21 sing N N 177 
LEU CD2 HD22 sing N N 178 
LEU CD2 HD23 sing N N 179 
LEU OXT HXT  sing N N 180 
LYS N   CA   sing N N 181 
LYS N   H    sing N N 182 
LYS N   H2   sing N N 183 
LYS CA  C    sing N N 184 
LYS CA  CB   sing N N 185 
LYS CA  HA   sing N N 186 
LYS C   O    doub N N 187 
LYS C   OXT  sing N N 188 
LYS CB  CG   sing N N 189 
LYS CB  HB2  sing N N 190 
LYS CB  HB3  sing N N 191 
LYS CG  CD   sing N N 192 
LYS CG  HG2  sing N N 193 
LYS CG  HG3  sing N N 194 
LYS CD  CE   sing N N 195 
LYS CD  HD2  sing N N 196 
LYS CD  HD3  sing N N 197 
LYS CE  NZ   sing N N 198 
LYS CE  HE2  sing N N 199 
LYS CE  HE3  sing N N 200 
LYS NZ  HZ1  sing N N 201 
LYS NZ  HZ2  sing N N 202 
LYS NZ  HZ3  sing N N 203 
LYS OXT HXT  sing N N 204 
MET N   CA   sing N N 205 
MET N   H    sing N N 206 
MET N   H2   sing N N 207 
MET CA  C    sing N N 208 
MET CA  CB   sing N N 209 
MET CA  HA   sing N N 210 
MET C   O    doub N N 211 
MET C   OXT  sing N N 212 
MET CB  CG   sing N N 213 
MET CB  HB2  sing N N 214 
MET CB  HB3  sing N N 215 
MET CG  SD   sing N N 216 
MET CG  HG2  sing N N 217 
MET CG  HG3  sing N N 218 
MET SD  CE   sing N N 219 
MET CE  HE1  sing N N 220 
MET CE  HE2  sing N N 221 
MET CE  HE3  sing N N 222 
MET OXT HXT  sing N N 223 
PHE N   CA   sing N N 224 
PHE N   H    sing N N 225 
PHE N   H2   sing N N 226 
PHE CA  C    sing N N 227 
PHE CA  CB   sing N N 228 
PHE CA  HA   sing N N 229 
PHE C   O    doub N N 230 
PHE C   OXT  sing N N 231 
PHE CB  CG   sing N N 232 
PHE CB  HB2  sing N N 233 
PHE CB  HB3  sing N N 234 
PHE CG  CD1  doub Y N 235 
PHE CG  CD2  sing Y N 236 
PHE CD1 CE1  sing Y N 237 
PHE CD1 HD1  sing N N 238 
PHE CD2 CE2  doub Y N 239 
PHE CD2 HD2  sing N N 240 
PHE CE1 CZ   doub Y N 241 
PHE CE1 HE1  sing N N 242 
PHE CE2 CZ   sing Y N 243 
PHE CE2 HE2  sing N N 244 
PHE CZ  HZ   sing N N 245 
PHE OXT HXT  sing N N 246 
PRO N   CA   sing N N 247 
PRO N   CD   sing N N 248 
PRO N   H    sing N N 249 
PRO CA  C    sing N N 250 
PRO CA  CB   sing N N 251 
PRO CA  HA   sing N N 252 
PRO C   O    doub N N 253 
PRO C   OXT  sing N N 254 
PRO CB  CG   sing N N 255 
PRO CB  HB2  sing N N 256 
PRO CB  HB3  sing N N 257 
PRO CG  CD   sing N N 258 
PRO CG  HG2  sing N N 259 
PRO CG  HG3  sing N N 260 
PRO CD  HD2  sing N N 261 
PRO CD  HD3  sing N N 262 
PRO OXT HXT  sing N N 263 
SER N   CA   sing N N 264 
SER N   H    sing N N 265 
SER N   H2   sing N N 266 
SER CA  C    sing N N 267 
SER CA  CB   sing N N 268 
SER CA  HA   sing N N 269 
SER C   O    doub N N 270 
SER C   OXT  sing N N 271 
SER CB  OG   sing N N 272 
SER CB  HB2  sing N N 273 
SER CB  HB3  sing N N 274 
SER OG  HG   sing N N 275 
SER OXT HXT  sing N N 276 
THR N   CA   sing N N 277 
THR N   H    sing N N 278 
THR N   H2   sing N N 279 
THR CA  C    sing N N 280 
THR CA  CB   sing N N 281 
THR CA  HA   sing N N 282 
THR C   O    doub N N 283 
THR C   OXT  sing N N 284 
THR CB  OG1  sing N N 285 
THR CB  CG2  sing N N 286 
THR CB  HB   sing N N 287 
THR OG1 HG1  sing N N 288 
THR CG2 HG21 sing N N 289 
THR CG2 HG22 sing N N 290 
THR CG2 HG23 sing N N 291 
THR OXT HXT  sing N N 292 
TRP N   CA   sing N N 293 
TRP N   H    sing N N 294 
TRP N   H2   sing N N 295 
TRP CA  C    sing N N 296 
TRP CA  CB   sing N N 297 
TRP CA  HA   sing N N 298 
TRP C   O    doub N N 299 
TRP C   OXT  sing N N 300 
TRP CB  CG   sing N N 301 
TRP CB  HB2  sing N N 302 
TRP CB  HB3  sing N N 303 
TRP CG  CD1  doub Y N 304 
TRP CG  CD2  sing Y N 305 
TRP CD1 NE1  sing Y N 306 
TRP CD1 HD1  sing N N 307 
TRP CD2 CE2  doub Y N 308 
TRP CD2 CE3  sing Y N 309 
TRP NE1 CE2  sing Y N 310 
TRP NE1 HE1  sing N N 311 
TRP CE2 CZ2  sing Y N 312 
TRP CE3 CZ3  doub Y N 313 
TRP CE3 HE3  sing N N 314 
TRP CZ2 CH2  doub Y N 315 
TRP CZ2 HZ2  sing N N 316 
TRP CZ3 CH2  sing Y N 317 
TRP CZ3 HZ3  sing N N 318 
TRP CH2 HH2  sing N N 319 
TRP OXT HXT  sing N N 320 
TYR N   CA   sing N N 321 
TYR N   H    sing N N 322 
TYR N   H2   sing N N 323 
TYR CA  C    sing N N 324 
TYR CA  CB   sing N N 325 
TYR CA  HA   sing N N 326 
TYR C   O    doub N N 327 
TYR C   OXT  sing N N 328 
TYR CB  CG   sing N N 329 
TYR CB  HB2  sing N N 330 
TYR CB  HB3  sing N N 331 
TYR CG  CD1  doub Y N 332 
TYR CG  CD2  sing Y N 333 
TYR CD1 CE1  sing Y N 334 
TYR CD1 HD1  sing N N 335 
TYR CD2 CE2  doub Y N 336 
TYR CD2 HD2  sing N N 337 
TYR CE1 CZ   doub Y N 338 
TYR CE1 HE1  sing N N 339 
TYR CE2 CZ   sing Y N 340 
TYR CE2 HE2  sing N N 341 
TYR CZ  OH   sing N N 342 
TYR OH  HH   sing N N 343 
TYR OXT HXT  sing N N 344 
VAL N   CA   sing N N 345 
VAL N   H    sing N N 346 
VAL N   H2   sing N N 347 
VAL CA  C    sing N N 348 
VAL CA  CB   sing N N 349 
VAL CA  HA   sing N N 350 
VAL C   O    doub N N 351 
VAL C   OXT  sing N N 352 
VAL CB  CG1  sing N N 353 
VAL CB  CG2  sing N N 354 
VAL CB  HB   sing N N 355 
VAL CG1 HG11 sing N N 356 
VAL CG1 HG12 sing N N 357 
VAL CG1 HG13 sing N N 358 
VAL CG2 HG21 sing N N 359 
VAL CG2 HG22 sing N N 360 
VAL CG2 HG23 sing N N 361 
VAL OXT HXT  sing N N 362 
# 
_atom_sites.entry_id                    1QY6 
_atom_sites.fract_transf_matrix[1][1]   -0.00675376 
_atom_sites.fract_transf_matrix[1][2]   -0.01712541 
_atom_sites.fract_transf_matrix[1][3]   0.00022399 
_atom_sites.fract_transf_matrix[2][1]   0.01030586 
_atom_sites.fract_transf_matrix[2][2]   -0.01387692 
_atom_sites.fract_transf_matrix[2][3]   0.00633627 
_atom_sites.fract_transf_matrix[3][1]   -0.00158969 
_atom_sites.fract_transf_matrix[3][2]   0.00068023 
_atom_sites.fract_transf_matrix[3][3]   0.00407535 
_atom_sites.fract_transf_vector[1]      0.666420 
_atom_sites.fract_transf_vector[2]      0.663759 
_atom_sites.fract_transf_vector[3]      0.154690 
# 
loop_
_atom_type.symbol 
C 
K 
N 
O 
S 
# 
loop_
_atom_site.group_PDB 
_atom_site.id 
_atom_site.type_symbol 
_atom_site.label_atom_id 
_atom_site.label_alt_id 
_atom_site.label_comp_id 
_atom_site.label_asym_id 
_atom_site.label_entity_id 
_atom_site.label_seq_id 
_atom_site.pdbx_PDB_ins_code 
_atom_site.Cartn_x 
_atom_site.Cartn_y 
_atom_site.Cartn_z 
_atom_site.occupancy 
_atom_site.B_iso_or_equiv 
_atom_site.pdbx_formal_charge 
_atom_site.auth_seq_id 
_atom_site.auth_comp_id 
_atom_site.auth_asym_id 
_atom_site.auth_atom_id 
_atom_site.pdbx_PDB_model_num 
ATOM   1    N N   . VAL A 1 1   ? 5.333   8.786   10.583  1.00 16.14 ? 1   VAL A N   1 
ATOM   2    C CA  . VAL A 1 1   ? 6.216   9.244   11.689  1.00 19.42 ? 1   VAL A CA  1 
ATOM   3    C C   . VAL A 1 1   ? 5.727   8.675   13.023  1.00 19.80 ? 1   VAL A C   1 
ATOM   4    O O   . VAL A 1 1   ? 4.560   8.297   13.150  1.00 15.79 ? 1   VAL A O   1 
ATOM   5    C CB  . VAL A 1 1   ? 6.241   10.791  11.758  1.00 22.14 ? 1   VAL A CB  1 
ATOM   6    C CG1 . VAL A 1 1   ? 4.916   11.325  12.283  1.00 21.33 ? 1   VAL A CG1 1 
ATOM   7    C CG2 . VAL A 1 1   ? 7.372   11.241  12.631  1.00 18.33 ? 1   VAL A CG2 1 
ATOM   8    N N   . ILE A 1 2   ? 6.617   8.604   14.010  1.00 21.25 ? 2   ILE A N   1 
ATOM   9    C CA  . ILE A 1 2   ? 6.254   8.081   15.328  1.00 18.88 ? 2   ILE A CA  1 
ATOM   10   C C   . ILE A 1 2   ? 5.459   9.129   16.107  1.00 17.67 ? 2   ILE A C   1 
ATOM   11   O O   . ILE A 1 2   ? 5.868   10.284  16.203  1.00 21.14 ? 2   ILE A O   1 
ATOM   12   C CB  . ILE A 1 2   ? 7.512   7.695   16.158  1.00 18.28 ? 2   ILE A CB  1 
ATOM   13   C CG1 . ILE A 1 2   ? 8.295   6.576   15.457  1.00 16.47 ? 2   ILE A CG1 1 
ATOM   14   C CG2 . ILE A 1 2   ? 7.096   7.239   17.556  1.00 13.09 ? 2   ILE A CG2 1 
ATOM   15   C CD1 . ILE A 1 2   ? 7.560   5.258   15.367  1.00 16.01 ? 2   ILE A CD1 1 
ATOM   16   N N   . LEU A 1 3   ? 4.324   8.714   16.663  1.00 15.74 ? 3   LEU A N   1 
ATOM   17   C CA  . LEU A 1 3   ? 3.448   9.594   17.434  1.00 15.84 ? 3   LEU A CA  1 
ATOM   18   C C   . LEU A 1 3   ? 3.202   9.002   18.830  1.00 18.50 ? 3   LEU A C   1 
ATOM   19   O O   . LEU A 1 3   ? 3.623   7.877   19.116  1.00 17.36 ? 3   LEU A O   1 
ATOM   20   C CB  . LEU A 1 3   ? 2.111   9.766   16.697  1.00 16.21 ? 3   LEU A CB  1 
ATOM   21   C CG  . LEU A 1 3   ? 1.875   10.930  15.720  1.00 18.62 ? 3   LEU A CG  1 
ATOM   22   C CD1 . LEU A 1 3   ? 3.170   11.603  15.317  1.00 18.37 ? 3   LEU A CD1 1 
ATOM   23   C CD2 . LEU A 1 3   ? 1.126   10.411  14.511  1.00 17.85 ? 3   LEU A CD2 1 
ATOM   24   N N   . PRO A 1 4   ? 2.525   9.755   19.720  1.00 18.68 ? 4   PRO A N   1 
ATOM   25   C CA  . PRO A 1 4   ? 2.248   9.259   21.072  1.00 18.73 ? 4   PRO A CA  1 
ATOM   26   C C   . PRO A 1 4   ? 1.601   7.873   21.052  1.00 18.96 ? 4   PRO A C   1 
ATOM   27   O O   . PRO A 1 4   ? 1.893   7.027   21.901  1.00 18.04 ? 4   PRO A O   1 
ATOM   28   C CB  . PRO A 1 4   ? 1.333   10.336  21.642  1.00 17.03 ? 4   PRO A CB  1 
ATOM   29   C CG  . PRO A 1 4   ? 1.909   11.579  21.039  1.00 17.70 ? 4   PRO A CG  1 
ATOM   30   C CD  . PRO A 1 4   ? 2.110   11.164  19.588  1.00 16.90 ? 4   PRO A CD  1 
ATOM   31   N N   . ASN A 1 5   ? 0.711   7.658   20.087  1.00 16.13 ? 5   ASN A N   1 
ATOM   32   C CA  . ASN A 1 5   ? 0.053   6.369   19.915  1.00 15.55 ? 5   ASN A CA  1 
ATOM   33   C C   . ASN A 1 5   ? 0.954   5.546   18.987  1.00 15.51 ? 5   ASN A C   1 
ATOM   34   O O   . ASN A 1 5   ? 0.974   5.754   17.770  1.00 15.40 ? 5   ASN A O   1 
ATOM   35   C CB  . ASN A 1 5   ? -1.342  6.556   19.295  1.00 13.22 ? 5   ASN A CB  1 
ATOM   36   C CG  . ASN A 1 5   ? -1.976  5.239   18.844  1.00 16.07 ? 5   ASN A CG  1 
ATOM   37   O OD1 . ASN A 1 5   ? -1.673  4.170   19.374  1.00 15.56 ? 5   ASN A OD1 1 
ATOM   38   N ND2 . ASN A 1 5   ? -2.880  5.323   17.866  1.00 12.55 ? 5   ASN A ND2 1 
ATOM   39   N N   . ASN A 1 6   ? 1.724   4.642   19.586  1.00 14.06 ? 6   ASN A N   1 
ATOM   40   C CA  . ASN A 1 6   ? 2.639   3.763   18.858  1.00 13.46 ? 6   ASN A CA  1 
ATOM   41   C C   . ASN A 1 6   ? 2.172   2.362   19.224  1.00 13.66 ? 6   ASN A C   1 
ATOM   42   O O   . ASN A 1 6   ? 2.649   1.748   20.177  1.00 16.40 ? 6   ASN A O   1 
ATOM   43   C CB  . ASN A 1 6   ? 4.082   3.992   19.321  1.00 13.43 ? 6   ASN A CB  1 
ATOM   44   C CG  . ASN A 1 6   ? 5.091   3.211   18.497  1.00 15.11 ? 6   ASN A CG  1 
ATOM   45   O OD1 . ASN A 1 6   ? 6.302   3.331   18.705  1.00 19.55 ? 6   ASN A OD1 1 
ATOM   46   N ND2 . ASN A 1 6   ? 4.601   2.405   17.564  1.00 16.50 ? 6   ASN A ND2 1 
ATOM   47   N N   . ASP A 1 7   ? 1.238   1.862   18.433  1.00 13.79 ? 7   ASP A N   1 
ATOM   48   C CA  . ASP A 1 7   ? 0.633   0.577   18.697  1.00 15.35 ? 7   ASP A CA  1 
ATOM   49   C C   . ASP A 1 7   ? 0.738   -0.367  17.489  1.00 15.20 ? 7   ASP A C   1 
ATOM   50   O O   . ASP A 1 7   ? -0.158  -0.399  16.643  1.00 14.79 ? 7   ASP A O   1 
ATOM   51   C CB  . ASP A 1 7   ? -0.819  0.857   19.080  1.00 14.94 ? 7   ASP A CB  1 
ATOM   52   C CG  . ASP A 1 7   ? -1.502  -0.344  19.565  1.00 17.28 ? 7   ASP A CG  1 
ATOM   53   O OD1 . ASP A 1 7   ? -2.660  -0.273  20.042  1.00 27.32 ? 7   ASP A OD1 1 
ATOM   54   O OD2 . ASP A 1 7   ? -0.836  -1.389  19.453  1.00 15.57 ? 7   ASP A OD2 1 
ATOM   55   N N   . ARG A 1 8   ? 1.822   -1.151  17.438  1.00 16.33 ? 8   ARG A N   1 
ATOM   56   C CA  . ARG A 1 8   ? 2.091   -2.048  16.308  1.00 14.99 ? 8   ARG A CA  1 
ATOM   57   C C   . ARG A 1 8   ? 2.377   -3.525  16.632  1.00 15.25 ? 8   ARG A C   1 
ATOM   58   O O   . ARG A 1 8   ? 3.068   -3.841  17.602  1.00 12.97 ? 8   ARG A O   1 
ATOM   59   C CB  . ARG A 1 8   ? 3.253   -1.467  15.490  1.00 12.52 ? 8   ARG A CB  1 
ATOM   60   C CG  . ARG A 1 8   ? 3.059   0.017   15.131  1.00 13.52 ? 8   ARG A CG  1 
ATOM   61   C CD  . ARG A 1 8   ? 4.208   0.580   14.286  1.00 12.67 ? 8   ARG A CD  1 
ATOM   62   N NE  . ARG A 1 8   ? 5.409   0.864   15.069  1.00 9.22  ? 8   ARG A NE  1 
ATOM   63   C CZ  . ARG A 1 8   ? 6.607   1.096   14.536  1.00 13.26 ? 8   ARG A CZ  1 
ATOM   64   N NH1 . ARG A 1 8   ? 6.763   1.074   13.218  1.00 14.09 ? 8   ARG A NH1 1 
ATOM   65   N NH2 . ARG A 1 8   ? 7.655   1.345   15.318  1.00 16.42 ? 8   ARG A NH2 1 
ATOM   66   N N   . HIS A 1 9   ? 1.859   -4.411  15.778  1.00 13.01 ? 9   HIS A N   1 
ATOM   67   C CA  . HIS A 1 9   ? 1.995   -5.870  15.912  1.00 13.45 ? 9   HIS A CA  1 
ATOM   68   C C   . HIS A 1 9   ? 2.548   -6.526  14.667  1.00 12.03 ? 9   HIS A C   1 
ATOM   69   O O   . HIS A 1 9   ? 2.177   -6.151  13.559  1.00 13.97 ? 9   HIS A O   1 
ATOM   70   C CB  . HIS A 1 9   ? 0.634   -6.501  16.136  1.00 13.62 ? 9   HIS A CB  1 
ATOM   71   C CG  . HIS A 1 9   ? 0.107   -6.310  17.508  1.00 16.99 ? 9   HIS A CG  1 
ATOM   72   N ND1 . HIS A 1 9   ? 0.412   -7.161  18.546  1.00 22.83 ? 9   HIS A ND1 1 
ATOM   73   C CD2 . HIS A 1 9   ? -0.713  -5.367  18.017  1.00 16.11 ? 9   HIS A CD2 1 
ATOM   74   C CE1 . HIS A 1 9   ? -0.204  -6.752  19.639  1.00 18.51 ? 9   HIS A CE1 1 
ATOM   75   N NE2 . HIS A 1 9   ? -0.892  -5.667  19.346  1.00 17.17 ? 9   HIS A NE2 1 
ATOM   76   N N   . GLN A 1 10  ? 3.378   -7.546  14.846  1.00 11.71 ? 10  GLN A N   1 
ATOM   77   C CA  . GLN A 1 10  ? 3.944   -8.242  13.700  1.00 11.32 ? 10  GLN A CA  1 
ATOM   78   C C   . GLN A 1 10  ? 3.020   -9.349  13.188  1.00 11.84 ? 10  GLN A C   1 
ATOM   79   O O   . GLN A 1 10  ? 2.446   -10.110 13.973  1.00 13.63 ? 10  GLN A O   1 
ATOM   80   C CB  . GLN A 1 10  ? 5.296   -8.862  14.056  1.00 11.62 ? 10  GLN A CB  1 
ATOM   81   C CG  . GLN A 1 10  ? 6.053   -9.339  12.818  1.00 16.18 ? 10  GLN A CG  1 
ATOM   82   C CD  . GLN A 1 10  ? 7.347   -10.054 13.144  1.00 21.98 ? 10  GLN A CD  1 
ATOM   83   O OE1 . GLN A 1 10  ? 7.877   -9.936  14.248  1.00 18.26 ? 10  GLN A OE1 1 
ATOM   84   N NE2 . GLN A 1 10  ? 7.873   -10.791 12.170  1.00 22.70 ? 10  GLN A NE2 1 
ATOM   85   N N   . ILE A 1 11  ? 2.881   -9.436  11.869  1.00 11.73 ? 11  ILE A N   1 
ATOM   86   C CA  . ILE A 1 11  ? 2.059   -10.469 11.246  1.00 11.72 ? 11  ILE A CA  1 
ATOM   87   C C   . ILE A 1 11  ? 3.019   -11.554 10.750  1.00 13.08 ? 11  ILE A C   1 
ATOM   88   O O   . ILE A 1 11  ? 3.838   -11.301 9.858   1.00 13.60 ? 11  ILE A O   1 
ATOM   89   C CB  . ILE A 1 11  ? 1.291   -9.928  10.023  1.00 11.46 ? 11  ILE A CB  1 
ATOM   90   C CG1 . ILE A 1 11  ? 0.513   -8.660  10.395  1.00 11.91 ? 11  ILE A CG1 1 
ATOM   91   C CG2 . ILE A 1 11  ? 0.362   -11.004 9.486   1.00 13.18 ? 11  ILE A CG2 1 
ATOM   92   C CD1 . ILE A 1 11  ? -0.520  -8.847  11.492  1.00 12.92 ? 11  ILE A CD1 1 
ATOM   93   N N   . THR A 1 12  ? 2.931   -12.752 11.324  1.00 14.97 ? 12  THR A N   1 
ATOM   94   C CA  . THR A 1 12  ? 3.805   -13.846 10.910  1.00 17.95 ? 12  THR A CA  1 
ATOM   95   C C   . THR A 1 12  ? 3.165   -14.740 9.847   1.00 15.75 ? 12  THR A C   1 
ATOM   96   O O   . THR A 1 12  ? 3.865   -15.250 8.970   1.00 17.69 ? 12  THR A O   1 
ATOM   97   C CB  . THR A 1 12  ? 4.249   -14.708 12.115  1.00 18.44 ? 12  THR A CB  1 
ATOM   98   O OG1 . THR A 1 12  ? 3.108   -15.081 12.893  1.00 24.00 ? 12  THR A OG1 1 
ATOM   99   C CG2 . THR A 1 12  ? 5.223   -13.929 12.988  1.00 20.28 ? 12  THR A CG2 1 
ATOM   100  N N   . ASP A 1 13  ? 1.848   -14.933 9.921   1.00 14.57 ? 13  ASP A N   1 
ATOM   101  C CA  . ASP A 1 13  ? 1.138   -15.742 8.926   1.00 13.71 ? 13  ASP A CA  1 
ATOM   102  C C   . ASP A 1 13  ? 0.516   -14.752 7.940   1.00 11.53 ? 13  ASP A C   1 
ATOM   103  O O   . ASP A 1 13  ? -0.668  -14.419 8.018   1.00 13.83 ? 13  ASP A O   1 
ATOM   104  C CB  . ASP A 1 13  ? 0.048   -16.598 9.585   1.00 14.60 ? 13  ASP A CB  1 
ATOM   105  C CG  . ASP A 1 13  ? -0.594  -17.580 8.609   1.00 16.75 ? 13  ASP A CG  1 
ATOM   106  O OD1 . ASP A 1 13  ? -1.405  -18.422 9.051   1.00 16.82 ? 13  ASP A OD1 1 
ATOM   107  O OD2 . ASP A 1 13  ? -0.290  -17.509 7.398   1.00 19.55 ? 13  ASP A OD2 1 
ATOM   108  N N   . THR A 1 14  ? 1.345   -14.290 7.013   1.00 13.67 ? 14  THR A N   1 
ATOM   109  C CA  . THR A 1 14  ? 0.973   -13.301 6.009   1.00 14.50 ? 14  THR A CA  1 
ATOM   110  C C   . THR A 1 14  ? 0.001   -13.713 4.898   1.00 15.13 ? 14  THR A C   1 
ATOM   111  O O   . THR A 1 14  ? -0.550  -12.850 4.209   1.00 16.09 ? 14  THR A O   1 
ATOM   112  C CB  . THR A 1 14  ? 2.246   -12.760 5.347   1.00 13.93 ? 14  THR A CB  1 
ATOM   113  O OG1 . THR A 1 14  ? 2.923   -13.836 4.684   1.00 10.49 ? 14  THR A OG1 1 
ATOM   114  C CG2 . THR A 1 14  ? 3.175   -12.166 6.402   1.00 10.03 ? 14  THR A CG2 1 
ATOM   115  N N   . THR A 1 15  ? -0.219  -15.011 4.711   1.00 15.92 ? 15  THR A N   1 
ATOM   116  C CA  . THR A 1 15  ? -1.118  -15.456 3.648   1.00 19.24 ? 15  THR A CA  1 
ATOM   117  C C   . THR A 1 15  ? -2.517  -15.782 4.151   1.00 18.47 ? 15  THR A C   1 
ATOM   118  O O   . THR A 1 15  ? -3.335  -16.348 3.431   1.00 22.80 ? 15  THR A O   1 
ATOM   119  C CB  . THR A 1 15  ? -0.549  -16.685 2.917   1.00 18.84 ? 15  THR A CB  1 
ATOM   120  O OG1 . THR A 1 15  ? -0.204  -17.692 3.873   1.00 20.03 ? 15  THR A OG1 1 
ATOM   121  C CG2 . THR A 1 15  ? 0.693   -16.298 2.122   1.00 14.05 ? 15  THR A CG2 1 
ATOM   122  N N   . ASN A 1 16  ? -2.794  -15.402 5.388   1.00 22.36 ? 16  ASN A N   1 
ATOM   123  C CA  . ASN A 1 16  ? -4.093  -15.656 5.983   1.00 23.08 ? 16  ASN A CA  1 
ATOM   124  C C   . ASN A 1 16  ? -4.956  -14.393 5.987   1.00 23.03 ? 16  ASN A C   1 
ATOM   125  O O   . ASN A 1 16  ? -4.471  -13.292 6.247   1.00 18.49 ? 16  ASN A O   1 
ATOM   126  C CB  . ASN A 1 16  ? -3.905  -16.174 7.411   1.00 27.55 ? 16  ASN A CB  1 
ATOM   127  C CG  . ASN A 1 16  ? -5.216  -16.362 8.140   1.00 31.23 ? 16  ASN A CG  1 
ATOM   128  O OD1 . ASN A 1 16  ? -6.127  -17.025 7.646   1.00 36.61 ? 16  ASN A OD1 1 
ATOM   129  N ND2 . ASN A 1 16  ? -5.317  -15.782 9.329   1.00 36.17 ? 16  ASN A ND2 1 
ATOM   130  N N   . GLY A 1 17  ? -6.236  -14.560 5.676   1.00 23.82 ? 17  GLY A N   1 
ATOM   131  C CA  . GLY A 1 17  ? -7.152  -13.434 5.672   1.00 21.43 ? 17  GLY A CA  1 
ATOM   132  C C   . GLY A 1 17  ? -6.831  -12.327 4.688   1.00 20.47 ? 17  GLY A C   1 
ATOM   133  O O   . GLY A 1 17  ? -6.331  -12.573 3.585   1.00 21.48 ? 17  GLY A O   1 
ATOM   134  N N   . HIS A 1 18  ? -7.107  -11.095 5.106   1.00 19.97 ? 18  HIS A N   1 
ATOM   135  C CA  . HIS A 1 18  ? -6.891  -9.923  4.267   1.00 17.77 ? 18  HIS A CA  1 
ATOM   136  C C   . HIS A 1 18  ? -5.440  -9.474  4.126   1.00 15.28 ? 18  HIS A C   1 
ATOM   137  O O   . HIS A 1 18  ? -5.167  -8.499  3.426   1.00 17.92 ? 18  HIS A O   1 
ATOM   138  C CB  . HIS A 1 18  ? -7.725  -8.748  4.794   1.00 16.55 ? 18  HIS A CB  1 
ATOM   139  C CG  . HIS A 1 18  ? -7.233  -8.188  6.095   1.00 17.61 ? 18  HIS A CG  1 
ATOM   140  N ND1 . HIS A 1 18  ? -7.414  -8.829  7.302   1.00 14.91 ? 18  HIS A ND1 1 
ATOM   141  C CD2 . HIS A 1 18  ? -6.549  -7.051  6.374   1.00 16.24 ? 18  HIS A CD2 1 
ATOM   142  C CE1 . HIS A 1 18  ? -6.862  -8.114  8.266   1.00 16.81 ? 18  HIS A CE1 1 
ATOM   143  N NE2 . HIS A 1 18  ? -6.330  -7.030  7.730   1.00 16.44 ? 18  HIS A NE2 1 
ATOM   144  N N   . TYR A 1 19  ? -4.510  -10.170 4.775   1.00 12.51 ? 19  TYR A N   1 
ATOM   145  C CA  . TYR A 1 19  ? -3.101  -9.776  4.704   1.00 10.69 ? 19  TYR A CA  1 
ATOM   146  C C   . TYR A 1 19  ? -2.376  -10.157 3.412   1.00 10.55 ? 19  TYR A C   1 
ATOM   147  O O   . TYR A 1 19  ? -1.432  -9.481  3.006   1.00 10.96 ? 19  TYR A O   1 
ATOM   148  C CB  . TYR A 1 19  ? -2.319  -10.357 5.888   1.00 10.32 ? 19  TYR A CB  1 
ATOM   149  C CG  . TYR A 1 19  ? -2.826  -9.915  7.240   1.00 13.02 ? 19  TYR A CG  1 
ATOM   150  C CD1 . TYR A 1 19  ? -3.521  -10.799 8.066   1.00 11.01 ? 19  TYR A CD1 1 
ATOM   151  C CD2 . TYR A 1 19  ? -2.627  -8.611  7.690   1.00 14.55 ? 19  TYR A CD2 1 
ATOM   152  C CE1 . TYR A 1 19  ? -4.009  -10.397 9.307   1.00 14.44 ? 19  TYR A CE1 1 
ATOM   153  C CE2 . TYR A 1 19  ? -3.113  -8.192  8.935   1.00 14.30 ? 19  TYR A CE2 1 
ATOM   154  C CZ  . TYR A 1 19  ? -3.802  -9.095  9.736   1.00 18.36 ? 19  TYR A CZ  1 
ATOM   155  O OH  . TYR A 1 19  ? -4.292  -8.702  10.961  1.00 19.32 ? 19  TYR A OH  1 
ATOM   156  N N   . ALA A 1 20  ? -2.828  -11.221 2.759   1.00 10.48 ? 20  ALA A N   1 
ATOM   157  C CA  . ALA A 1 20  ? -2.179  -11.705 1.548   1.00 12.25 ? 20  ALA A CA  1 
ATOM   158  C C   . ALA A 1 20  ? -1.744  -10.655 0.519   1.00 11.42 ? 20  ALA A C   1 
ATOM   159  O O   . ALA A 1 20  ? -0.598  -10.672 0.078   1.00 12.14 ? 20  ALA A O   1 
ATOM   160  C CB  . ALA A 1 20  ? -3.052  -12.768 0.884   1.00 11.42 ? 20  ALA A CB  1 
ATOM   161  N N   . PRO A 1 21  ? -2.636  -9.722  0.129   1.00 12.64 ? 21  PRO A N   1 
ATOM   162  C CA  . PRO A 1 21  ? -2.237  -8.711  -0.861  1.00 10.01 ? 21  PRO A CA  1 
ATOM   163  C C   . PRO A 1 21  ? -1.312  -7.584  -0.382  1.00 10.67 ? 21  PRO A C   1 
ATOM   164  O O   . PRO A 1 21  ? -0.875  -6.756  -1.191  1.00 10.23 ? 21  PRO A O   1 
ATOM   165  C CB  . PRO A 1 21  ? -3.577  -8.184  -1.373  1.00 7.39  ? 21  PRO A CB  1 
ATOM   166  C CG  . PRO A 1 21  ? -4.437  -8.260  -0.156  1.00 10.36 ? 21  PRO A CG  1 
ATOM   167  C CD  . PRO A 1 21  ? -4.075  -9.612  0.436   1.00 8.59  ? 21  PRO A CD  1 
ATOM   168  N N   . VAL A 1 22  ? -1.016  -7.532  0.917   1.00 10.06 ? 22  VAL A N   1 
ATOM   169  C CA  . VAL A 1 22  ? -0.118  -6.489  1.420   1.00 11.51 ? 22  VAL A CA  1 
ATOM   170  C C   . VAL A 1 22  ? 1.257   -6.844  0.849   1.00 12.03 ? 22  VAL A C   1 
ATOM   171  O O   . VAL A 1 22  ? 1.714   -7.980  0.979   1.00 13.47 ? 22  VAL A O   1 
ATOM   172  C CB  . VAL A 1 22  ? -0.112  -6.447  2.967   1.00 9.95  ? 22  VAL A CB  1 
ATOM   173  C CG1 . VAL A 1 22  ? 0.844   -5.360  3.468   1.00 9.58  ? 22  VAL A CG1 1 
ATOM   174  C CG2 . VAL A 1 22  ? -1.528  -6.142  3.468   1.00 7.46  ? 22  VAL A CG2 1 
ATOM   175  N N   . THR A 1 23  ? 1.908   -5.866  0.227   1.00 12.33 ? 23  THR A N   1 
ATOM   176  C CA  . THR A 1 23  ? 3.173   -6.091  -0.470  1.00 11.34 ? 23  THR A CA  1 
ATOM   177  C C   . THR A 1 23  ? 4.401   -5.272  -0.066  1.00 10.28 ? 23  THR A C   1 
ATOM   178  O O   . THR A 1 23  ? 4.304   -4.087  0.241   1.00 12.20 ? 23  THR A O   1 
ATOM   179  C CB  . THR A 1 23  ? 2.936   -5.878  -1.995  1.00 9.40  ? 23  THR A CB  1 
ATOM   180  O OG1 . THR A 1 23  ? 1.850   -6.703  -2.422  1.00 10.54 ? 23  THR A OG1 1 
ATOM   181  C CG2 . THR A 1 23  ? 4.170   -6.227  -2.807  1.00 11.44 ? 23  THR A CG2 1 
ATOM   182  N N   . TYR A 1 24  ? 5.562   -5.923  -0.103  1.00 8.41  ? 24  TYR A N   1 
ATOM   183  C CA  . TYR A 1 24  ? 6.851   -5.302  0.203   1.00 11.06 ? 24  TYR A CA  1 
ATOM   184  C C   . TYR A 1 24  ? 7.474   -4.853  -1.125  1.00 12.41 ? 24  TYR A C   1 
ATOM   185  O O   . TYR A 1 24  ? 7.518   -5.625  -2.091  1.00 13.81 ? 24  TYR A O   1 
ATOM   186  C CB  . TYR A 1 24  ? 7.771   -6.323  0.887   1.00 12.10 ? 24  TYR A CB  1 
ATOM   187  C CG  . TYR A 1 24  ? 9.229   -5.906  1.012   1.00 15.22 ? 24  TYR A CG  1 
ATOM   188  C CD1 . TYR A 1 24  ? 9.600   -4.770  1.736   1.00 15.45 ? 24  TYR A CD1 1 
ATOM   189  C CD2 . TYR A 1 24  ? 10.239  -6.661  0.415   1.00 15.58 ? 24  TYR A CD2 1 
ATOM   190  C CE1 . TYR A 1 24  ? 10.951  -4.398  1.863   1.00 18.13 ? 24  TYR A CE1 1 
ATOM   191  C CE2 . TYR A 1 24  ? 11.592  -6.298  0.533   1.00 19.94 ? 24  TYR A CE2 1 
ATOM   192  C CZ  . TYR A 1 24  ? 11.937  -5.168  1.258   1.00 17.25 ? 24  TYR A CZ  1 
ATOM   193  O OH  . TYR A 1 24  ? 13.267  -4.809  1.376   1.00 18.74 ? 24  TYR A OH  1 
ATOM   194  N N   . ILE A 1 25  ? 7.957   -3.613  -1.177  1.00 12.30 ? 25  ILE A N   1 
ATOM   195  C CA  . ILE A 1 25  ? 8.558   -3.086  -2.403  1.00 12.27 ? 25  ILE A CA  1 
ATOM   196  C C   . ILE A 1 25  ? 10.017  -2.655  -2.252  1.00 12.93 ? 25  ILE A C   1 
ATOM   197  O O   . ILE A 1 25  ? 10.404  -2.043  -1.251  1.00 13.48 ? 25  ILE A O   1 
ATOM   198  C CB  . ILE A 1 25  ? 7.729   -1.893  -2.953  1.00 15.78 ? 25  ILE A CB  1 
ATOM   199  C CG1 . ILE A 1 25  ? 6.364   -2.401  -3.434  1.00 14.45 ? 25  ILE A CG1 1 
ATOM   200  C CG2 . ILE A 1 25  ? 8.481   -1.198  -4.096  1.00 16.71 ? 25  ILE A CG2 1 
ATOM   201  C CD1 . ILE A 1 25  ? 5.495   -1.341  -4.082  1.00 16.94 ? 25  ILE A CD1 1 
ATOM   202  N N   . GLN A 1 26  ? 10.817  -2.980  -3.266  1.00 14.23 ? 26  GLN A N   1 
ATOM   203  C CA  . GLN A 1 26  ? 12.238  -2.649  -3.299  1.00 14.78 ? 26  GLN A CA  1 
ATOM   204  C C   . GLN A 1 26  ? 12.554  -1.989  -4.652  1.00 15.43 ? 26  GLN A C   1 
ATOM   205  O O   . GLN A 1 26  ? 12.358  -2.601  -5.708  1.00 17.11 ? 26  GLN A O   1 
ATOM   206  C CB  . GLN A 1 26  ? 13.059  -3.938  -3.149  1.00 18.76 ? 26  GLN A CB  1 
ATOM   207  C CG  . GLN A 1 26  ? 14.199  -3.866  -2.162  1.00 21.36 ? 26  GLN A CG  1 
ATOM   208  C CD  . GLN A 1 26  ? 14.866  -5.221  -1.943  1.00 21.60 ? 26  GLN A CD  1 
ATOM   209  O OE1 . GLN A 1 26  ? 15.359  -5.847  -2.887  1.00 23.83 ? 26  GLN A OE1 1 
ATOM   210  N NE2 . GLN A 1 26  ? 14.887  -5.675  -0.694  1.00 18.97 ? 26  GLN A NE2 1 
ATOM   211  N N   . VAL A 1 27  ? 13.015  -0.743  -4.633  1.00 16.44 ? 27  VAL A N   1 
ATOM   212  C CA  . VAL A 1 27  ? 13.368  -0.059  -5.877  1.00 18.65 ? 27  VAL A CA  1 
ATOM   213  C C   . VAL A 1 27  ? 14.892  -0.051  -5.942  1.00 20.73 ? 27  VAL A C   1 
ATOM   214  O O   . VAL A 1 27  ? 15.557  0.733   -5.266  1.00 18.85 ? 27  VAL A O   1 
ATOM   215  C CB  . VAL A 1 27  ? 12.833  1.388   -5.920  1.00 17.60 ? 27  VAL A CB  1 
ATOM   216  C CG1 . VAL A 1 27  ? 13.255  2.059   -7.214  1.00 18.02 ? 27  VAL A CG1 1 
ATOM   217  C CG2 . VAL A 1 27  ? 11.318  1.384   -5.812  1.00 17.33 ? 27  VAL A CG2 1 
ATOM   218  N N   . GLU A 1 28  ? 15.434  -0.946  -6.758  1.00 23.51 ? 28  GLU A N   1 
ATOM   219  C CA  . GLU A 1 28  ? 16.870  -1.097  -6.891  1.00 29.18 ? 28  GLU A CA  1 
ATOM   220  C C   . GLU A 1 28  ? 17.505  -0.161  -7.906  1.00 31.64 ? 28  GLU A C   1 
ATOM   221  O O   . GLU A 1 28  ? 17.713  -0.525  -9.062  1.00 36.04 ? 28  GLU A O   1 
ATOM   222  C CB  . GLU A 1 28  ? 17.186  -2.557  -7.226  1.00 29.20 ? 28  GLU A CB  1 
ATOM   223  C CG  . GLU A 1 28  ? 16.675  -3.527  -6.162  1.00 38.20 ? 28  GLU A CG  1 
ATOM   224  C CD  . GLU A 1 28  ? 16.556  -4.960  -6.658  1.00 44.28 ? 28  GLU A CD  1 
ATOM   225  O OE1 . GLU A 1 28  ? 16.082  -5.820  -5.884  1.00 45.41 ? 28  GLU A OE1 1 
ATOM   226  O OE2 . GLU A 1 28  ? 16.934  -5.229  -7.818  1.00 47.67 ? 28  GLU A OE2 1 
ATOM   227  N N   . ALA A 1 29  ? 17.801  1.054   -7.460  1.00 33.28 ? 29  ALA A N   1 
ATOM   228  C CA  . ALA A 1 29  ? 18.446  2.049   -8.301  1.00 34.02 ? 29  ALA A CA  1 
ATOM   229  C C   . ALA A 1 29  ? 19.943  1.787   -8.170  1.00 35.76 ? 29  ALA A C   1 
ATOM   230  O O   . ALA A 1 29  ? 20.385  1.150   -7.214  1.00 37.88 ? 29  ALA A O   1 
ATOM   231  C CB  . ALA A 1 29  ? 18.109  3.452   -7.812  1.00 29.25 ? 29  ALA A CB  1 
ATOM   232  N N   . PRO A 1 30  ? 20.746  2.268   -9.129  1.00 38.03 ? 30  PRO A N   1 
ATOM   233  C CA  . PRO A 1 30  ? 22.190  2.035   -9.034  1.00 38.43 ? 30  PRO A CA  1 
ATOM   234  C C   . PRO A 1 30  ? 22.833  2.819   -7.884  1.00 38.09 ? 30  PRO A C   1 
ATOM   235  O O   . PRO A 1 30  ? 23.931  2.490   -7.434  1.00 37.22 ? 30  PRO A O   1 
ATOM   236  C CB  . PRO A 1 30  ? 22.695  2.478   -10.403 1.00 38.43 ? 30  PRO A CB  1 
ATOM   237  C CG  . PRO A 1 30  ? 21.759  3.609   -10.740 1.00 40.22 ? 30  PRO A CG  1 
ATOM   238  C CD  . PRO A 1 30  ? 20.411  3.055   -10.330 1.00 39.28 ? 30  PRO A CD  1 
ATOM   239  N N   . THR A 1 31  ? 22.129  3.844   -7.410  1.00 37.10 ? 31  THR A N   1 
ATOM   240  C CA  . THR A 1 31  ? 22.613  4.692   -6.327  1.00 34.88 ? 31  THR A CA  1 
ATOM   241  C C   . THR A 1 31  ? 22.263  4.161   -4.935  1.00 32.33 ? 31  THR A C   1 
ATOM   242  O O   . THR A 1 31  ? 22.768  4.666   -3.933  1.00 30.93 ? 31  THR A O   1 
ATOM   243  C CB  . THR A 1 31  ? 22.041  6.114   -6.456  1.00 36.32 ? 31  THR A CB  1 
ATOM   244  O OG1 . THR A 1 31  ? 20.610  6.064   -6.389  1.00 44.47 ? 31  THR A OG1 1 
ATOM   245  C CG2 . THR A 1 31  ? 22.451  6.729   -7.784  1.00 37.76 ? 31  THR A CG2 1 
ATOM   246  N N   . GLY A 1 32  ? 21.403  3.148   -4.880  1.00 29.48 ? 32  GLY A N   1 
ATOM   247  C CA  . GLY A 1 32  ? 20.997  2.577   -3.604  1.00 26.23 ? 32  GLY A CA  1 
ATOM   248  C C   . GLY A 1 32  ? 19.618  1.943   -3.685  1.00 25.82 ? 32  GLY A C   1 
ATOM   249  O O   . GLY A 1 32  ? 18.915  2.103   -4.686  1.00 24.53 ? 32  GLY A O   1 
ATOM   250  N N   . THR A 1 33  ? 19.221  1.230   -2.635  1.00 22.55 ? 33  THR A N   1 
ATOM   251  C CA  . THR A 1 33  ? 17.925  0.563   -2.617  1.00 21.80 ? 33  THR A CA  1 
ATOM   252  C C   . THR A 1 33  ? 16.886  1.314   -1.780  1.00 20.45 ? 33  THR A C   1 
ATOM   253  O O   . THR A 1 33  ? 17.097  1.572   -0.595  1.00 22.28 ? 33  THR A O   1 
ATOM   254  C CB  . THR A 1 33  ? 18.061  -0.876  -2.075  1.00 22.60 ? 33  THR A CB  1 
ATOM   255  O OG1 . THR A 1 33  ? 19.085  -1.567  -2.801  1.00 25.17 ? 33  THR A OG1 1 
ATOM   256  C CG2 . THR A 1 33  ? 16.753  -1.635  -2.232  1.00 20.76 ? 33  THR A CG2 1 
ATOM   257  N N   . PHE A 1 34  ? 15.767  1.659   -2.410  1.00 18.80 ? 34  PHE A N   1 
ATOM   258  C CA  . PHE A 1 34  ? 14.674  2.374   -1.750  1.00 17.89 ? 34  PHE A CA  1 
ATOM   259  C C   . PHE A 1 34  ? 13.628  1.344   -1.309  1.00 16.05 ? 34  PHE A C   1 
ATOM   260  O O   . PHE A 1 34  ? 13.191  0.525   -2.114  1.00 18.95 ? 34  PHE A O   1 
ATOM   261  C CB  . PHE A 1 34  ? 14.042  3.364   -2.738  1.00 19.85 ? 34  PHE A CB  1 
ATOM   262  C CG  . PHE A 1 34  ? 12.978  4.242   -2.138  1.00 23.65 ? 34  PHE A CG  1 
ATOM   263  C CD1 . PHE A 1 34  ? 13.321  5.369   -1.402  1.00 23.72 ? 34  PHE A CD1 1 
ATOM   264  C CD2 . PHE A 1 34  ? 11.627  3.938   -2.309  1.00 24.92 ? 34  PHE A CD2 1 
ATOM   265  C CE1 . PHE A 1 34  ? 12.332  6.187   -0.844  1.00 28.39 ? 34  PHE A CE1 1 
ATOM   266  C CE2 . PHE A 1 34  ? 10.633  4.747   -1.755  1.00 23.78 ? 34  PHE A CE2 1 
ATOM   267  C CZ  . PHE A 1 34  ? 10.984  5.873   -1.022  1.00 23.38 ? 34  PHE A CZ  1 
ATOM   268  N N   . ILE A 1 35  ? 13.220  1.368   -0.045  1.00 12.62 ? 35  ILE A N   1 
ATOM   269  C CA  . ILE A 1 35  ? 12.223  0.398   0.408   1.00 14.60 ? 35  ILE A CA  1 
ATOM   270  C C   . ILE A 1 35  ? 10.856  1.033   0.663   1.00 13.57 ? 35  ILE A C   1 
ATOM   271  O O   . ILE A 1 35  ? 10.767  2.172   1.130   1.00 14.27 ? 35  ILE A O   1 
ATOM   272  C CB  . ILE A 1 35  ? 12.703  -0.356  1.675   1.00 14.23 ? 35  ILE A CB  1 
ATOM   273  C CG1 . ILE A 1 35  ? 12.959  0.626   2.815   1.00 12.49 ? 35  ILE A CG1 1 
ATOM   274  C CG2 . ILE A 1 35  ? 13.984  -1.137  1.359   1.00 12.38 ? 35  ILE A CG2 1 
ATOM   275  C CD1 . ILE A 1 35  ? 13.341  -0.057  4.121   1.00 15.58 ? 35  ILE A CD1 1 
ATOM   276  N N   . ALA A 1 36  ? 9.792   0.294   0.341   1.00 11.80 ? 36  ALA A N   1 
ATOM   277  C CA  . ALA A 1 36  ? 8.425   0.792   0.511   1.00 11.22 ? 36  ALA A CA  1 
ATOM   278  C C   . ALA A 1 36  ? 7.381   -0.328  0.633   1.00 10.98 ? 36  ALA A C   1 
ATOM   279  O O   . ALA A 1 36  ? 7.730   -1.496  0.801   1.00 11.95 ? 36  ALA A O   1 
ATOM   280  C CB  . ALA A 1 36  ? 8.064   1.716   -0.663  1.00 11.02 ? 36  ALA A CB  1 
ATOM   281  N N   . SER A 1 37  ? 6.104   0.046   0.550   1.00 10.24 ? 37  SER A N   1 
ATOM   282  C CA  . SER A 1 37  ? 4.981   -0.892  0.656   1.00 9.68  ? 37  SER A CA  1 
ATOM   283  C C   . SER A 1 37  ? 3.955   -0.645  -0.461  1.00 10.56 ? 37  SER A C   1 
ATOM   284  O O   . SER A 1 37  ? 4.112   0.278   -1.260  1.00 12.47 ? 37  SER A O   1 
ATOM   285  C CB  . SER A 1 37  ? 4.273   -0.726  2.012   1.00 9.06  ? 37  SER A CB  1 
ATOM   286  O OG  . SER A 1 37  ? 5.167   -0.842  3.108   1.00 8.33  ? 37  SER A OG  1 
ATOM   287  N N   . GLY A 1 38  ? 2.902   -1.466  -0.490  1.00 11.75 ? 38  GLY A N   1 
ATOM   288  C CA  . GLY A 1 38  ? 1.848   -1.333  -1.490  1.00 13.66 ? 38  GLY A CA  1 
ATOM   289  C C   . GLY A 1 38  ? 0.783   -2.410  -1.330  1.00 12.30 ? 38  GLY A C   1 
ATOM   290  O O   . GLY A 1 38  ? 0.886   -3.241  -0.426  1.00 11.77 ? 38  GLY A O   1 
ATOM   291  N N   . VAL A 1 39  ? -0.240  -2.413  -2.187  1.00 13.14 ? 39  VAL A N   1 
ATOM   292  C CA  . VAL A 1 39  ? -1.298  -3.428  -2.102  1.00 9.60  ? 39  VAL A CA  1 
ATOM   293  C C   . VAL A 1 39  ? -1.812  -3.865  -3.476  1.00 8.46  ? 39  VAL A C   1 
ATOM   294  O O   . VAL A 1 39  ? -2.066  -3.027  -4.343  1.00 10.24 ? 39  VAL A O   1 
ATOM   295  C CB  . VAL A 1 39  ? -2.494  -2.924  -1.259  1.00 11.53 ? 39  VAL A CB  1 
ATOM   296  C CG1 . VAL A 1 39  ? -3.135  -1.710  -1.919  1.00 11.69 ? 39  VAL A CG1 1 
ATOM   297  C CG2 . VAL A 1 39  ? -3.514  -4.046  -1.075  1.00 9.17  ? 39  VAL A CG2 1 
ATOM   298  N N   . VAL A 1 40  ? -1.950  -5.180  -3.670  1.00 9.48  ? 40  VAL A N   1 
ATOM   299  C CA  . VAL A 1 40  ? -2.438  -5.745  -4.936  1.00 9.52  ? 40  VAL A CA  1 
ATOM   300  C C   . VAL A 1 40  ? -3.957  -5.572  -5.034  1.00 10.30 ? 40  VAL A C   1 
ATOM   301  O O   . VAL A 1 40  ? -4.685  -5.968  -4.123  1.00 11.80 ? 40  VAL A O   1 
ATOM   302  C CB  . VAL A 1 40  ? -2.088  -7.256  -5.039  1.00 12.57 ? 40  VAL A CB  1 
ATOM   303  C CG1 . VAL A 1 40  ? -2.626  -7.843  -6.346  1.00 7.90  ? 40  VAL A CG1 1 
ATOM   304  C CG2 . VAL A 1 40  ? -0.574  -7.446  -4.959  1.00 10.99 ? 40  VAL A CG2 1 
ATOM   305  N N   . VAL A 1 41  ? -4.432  -4.990  -6.138  1.00 12.20 ? 41  VAL A N   1 
ATOM   306  C CA  . VAL A 1 41  ? -5.864  -4.748  -6.321  1.00 11.00 ? 41  VAL A CA  1 
ATOM   307  C C   . VAL A 1 41  ? -6.472  -5.302  -7.621  1.00 12.93 ? 41  VAL A C   1 
ATOM   308  O O   . VAL A 1 41  ? -7.642  -5.056  -7.915  1.00 12.43 ? 41  VAL A O   1 
ATOM   309  C CB  . VAL A 1 41  ? -6.171  -3.229  -6.240  1.00 12.90 ? 41  VAL A CB  1 
ATOM   310  C CG1 . VAL A 1 41  ? -5.695  -2.676  -4.895  1.00 10.49 ? 41  VAL A CG1 1 
ATOM   311  C CG2 . VAL A 1 41  ? -5.481  -2.484  -7.385  1.00 8.95  ? 41  VAL A CG2 1 
ATOM   312  N N   . GLY A 1 42  ? -5.678  -6.044  -8.388  1.00 12.87 ? 42  GLY A N   1 
ATOM   313  C CA  . GLY A 1 42  ? -6.163  -6.616  -9.634  1.00 13.75 ? 42  GLY A CA  1 
ATOM   314  C C   . GLY A 1 42  ? -5.256  -7.737  -10.108 1.00 13.01 ? 42  GLY A C   1 
ATOM   315  O O   . GLY A 1 42  ? -4.235  -8.016  -9.480  1.00 14.77 ? 42  GLY A O   1 
ATOM   316  N N   . LYS A 1 43  ? -5.619  -8.378  -11.216 1.00 14.57 ? 43  LYS A N   1 
ATOM   317  C CA  . LYS A 1 43  ? -4.829  -9.479  -11.770 1.00 12.47 ? 43  LYS A CA  1 
ATOM   318  C C   . LYS A 1 43  ? -3.358  -9.108  -11.997 1.00 14.65 ? 43  LYS A C   1 
ATOM   319  O O   . LYS A 1 43  ? -2.467  -9.922  -11.745 1.00 14.24 ? 43  LYS A O   1 
ATOM   320  C CB  . LYS A 1 43  ? -5.465  -9.951  -13.086 1.00 13.60 ? 43  LYS A CB  1 
ATOM   321  C CG  . LYS A 1 43  ? -4.759  -11.110 -13.784 1.00 13.80 ? 43  LYS A CG  1 
ATOM   322  C CD  . LYS A 1 43  ? -5.497  -11.460 -15.085 1.00 18.09 ? 43  LYS A CD  1 
ATOM   323  C CE  . LYS A 1 43  ? -4.905  -12.664 -15.800 1.00 14.93 ? 43  LYS A CE  1 
ATOM   324  N NZ  . LYS A 1 43  ? -5.661  -12.950 -17.063 1.00 17.77 ? 43  LYS A NZ  1 
ATOM   325  N N   . ASP A 1 44  ? -3.106  -7.887  -12.469 1.00 13.96 ? 44  ASP A N   1 
ATOM   326  C CA  . ASP A 1 44  ? -1.739  -7.420  -12.726 1.00 15.64 ? 44  ASP A CA  1 
ATOM   327  C C   . ASP A 1 44  ? -1.426  -6.057  -12.099 1.00 13.32 ? 44  ASP A C   1 
ATOM   328  O O   . ASP A 1 44  ? -0.371  -5.479  -12.376 1.00 14.04 ? 44  ASP A O   1 
ATOM   329  C CB  . ASP A 1 44  ? -1.501  -7.287  -14.231 1.00 16.93 ? 44  ASP A CB  1 
ATOM   330  C CG  . ASP A 1 44  ? -1.524  -8.611  -14.947 1.00 18.43 ? 44  ASP A CG  1 
ATOM   331  O OD1 . ASP A 1 44  ? -0.639  -9.441  -14.674 1.00 22.27 ? 44  ASP A OD1 1 
ATOM   332  O OD2 . ASP A 1 44  ? -2.426  -8.813  -15.782 1.00 19.02 ? 44  ASP A OD2 1 
ATOM   333  N N   . THR A 1 45  ? -2.313  -5.553  -11.248 1.00 14.27 ? 45  THR A N   1 
ATOM   334  C CA  . THR A 1 45  ? -2.117  -4.225  -10.683 1.00 15.26 ? 45  THR A CA  1 
ATOM   335  C C   . THR A 1 45  ? -1.967  -4.081  -9.173  1.00 13.91 ? 45  THR A C   1 
ATOM   336  O O   . THR A 1 45  ? -2.540  -4.837  -8.389  1.00 11.40 ? 45  THR A O   1 
ATOM   337  C CB  . THR A 1 45  ? -3.242  -3.300  -11.148 1.00 17.38 ? 45  THR A CB  1 
ATOM   338  O OG1 . THR A 1 45  ? -4.498  -3.897  -10.829 1.00 22.34 ? 45  THR A OG1 1 
ATOM   339  C CG2 . THR A 1 45  ? -3.174  -3.103  -12.655 1.00 19.48 ? 45  THR A CG2 1 
ATOM   340  N N   . LEU A 1 46  ? -1.218  -3.051  -8.794  1.00 12.81 ? 46  LEU A N   1 
ATOM   341  C CA  . LEU A 1 46  ? -0.902  -2.744  -7.404  1.00 12.78 ? 46  LEU A CA  1 
ATOM   342  C C   . LEU A 1 46  ? -0.932  -1.216  -7.203  1.00 12.53 ? 46  LEU A C   1 
ATOM   343  O O   . LEU A 1 46  ? -0.671  -0.460  -8.145  1.00 13.19 ? 46  LEU A O   1 
ATOM   344  C CB  . LEU A 1 46  ? 0.495   -3.331  -7.125  1.00 12.34 ? 46  LEU A CB  1 
ATOM   345  C CG  . LEU A 1 46  ? 1.529   -3.001  -6.038  1.00 13.68 ? 46  LEU A CG  1 
ATOM   346  C CD1 . LEU A 1 46  ? 1.880   -1.515  -6.059  1.00 12.62 ? 46  LEU A CD1 1 
ATOM   347  C CD2 . LEU A 1 46  ? 1.016   -3.437  -4.700  1.00 13.06 ? 46  LEU A CD2 1 
ATOM   348  N N   . LEU A 1 47  ? -1.267  -0.765  -5.996  1.00 8.61  ? 47  LEU A N   1 
ATOM   349  C CA  . LEU A 1 47  ? -1.287  0.672   -5.701  1.00 10.26 ? 47  LEU A CA  1 
ATOM   350  C C   . LEU A 1 47  ? -0.193  1.063   -4.689  1.00 11.19 ? 47  LEU A C   1 
ATOM   351  O O   . LEU A 1 47  ? 0.100   0.307   -3.758  1.00 12.77 ? 47  LEU A O   1 
ATOM   352  C CB  . LEU A 1 47  ? -2.661  1.093   -5.149  1.00 12.43 ? 47  LEU A CB  1 
ATOM   353  C CG  . LEU A 1 47  ? -3.908  0.945   -6.039  1.00 11.76 ? 47  LEU A CG  1 
ATOM   354  C CD1 . LEU A 1 47  ? -5.128  1.453   -5.273  1.00 12.66 ? 47  LEU A CD1 1 
ATOM   355  C CD2 . LEU A 1 47  ? -3.738  1.728   -7.341  1.00 8.39  ? 47  LEU A CD2 1 
ATOM   356  N N   . THR A 1 48  ? 0.411   2.236   -4.890  1.00 11.06 ? 48  THR A N   1 
ATOM   357  C CA  . THR A 1 48  ? 1.451   2.771   -4.003  1.00 11.73 ? 48  THR A CA  1 
ATOM   358  C C   . THR A 1 48  ? 1.498   4.303   -4.207  1.00 10.82 ? 48  THR A C   1 
ATOM   359  O O   . THR A 1 48  ? 0.571   4.857   -4.801  1.00 12.55 ? 48  THR A O   1 
ATOM   360  C CB  . THR A 1 48  ? 2.832   2.105   -4.288  1.00 12.18 ? 48  THR A CB  1 
ATOM   361  O OG1 . THR A 1 48  ? 3.781   2.495   -3.280  1.00 10.75 ? 48  THR A OG1 1 
ATOM   362  C CG2 . THR A 1 48  ? 3.353   2.492   -5.664  1.00 15.46 ? 48  THR A CG2 1 
ATOM   363  N N   . ASN A 1 49  ? 2.536   4.989   -3.714  1.00 10.83 ? 49  ASN A N   1 
ATOM   364  C CA  . ASN A 1 49  ? 2.634   6.454   -3.846  1.00 11.99 ? 49  ASN A CA  1 
ATOM   365  C C   . ASN A 1 49  ? 3.402   6.922   -5.084  1.00 11.19 ? 49  ASN A C   1 
ATOM   366  O O   . ASN A 1 49  ? 4.124   6.147   -5.707  1.00 10.67 ? 49  ASN A O   1 
ATOM   367  C CB  . ASN A 1 49  ? 3.338   7.080   -2.624  1.00 9.34  ? 49  ASN A CB  1 
ATOM   368  C CG  . ASN A 1 49  ? 2.633   6.791   -1.306  1.00 9.48  ? 49  ASN A CG  1 
ATOM   369  O OD1 . ASN A 1 49  ? 1.416   6.940   -1.179  1.00 14.38 ? 49  ASN A OD1 1 
ATOM   370  N ND2 . ASN A 1 49  ? 3.406   6.395   -0.313  1.00 6.30  ? 49  ASN A ND2 1 
ATOM   371  N N   . LYS A 1 50  ? 3.255   8.202   -5.426  1.00 13.81 ? 50  LYS A N   1 
ATOM   372  C CA  . LYS A 1 50  ? 3.978   8.775   -6.558  1.00 12.22 ? 50  LYS A CA  1 
ATOM   373  C C   . LYS A 1 50  ? 5.460   8.879   -6.201  1.00 13.24 ? 50  LYS A C   1 
ATOM   374  O O   . LYS A 1 50  ? 6.326   8.630   -7.040  1.00 14.08 ? 50  LYS A O   1 
ATOM   375  C CB  . LYS A 1 50  ? 3.480   10.185  -6.898  1.00 11.88 ? 50  LYS A CB  1 
ATOM   376  C CG  . LYS A 1 50  ? 2.108   10.264  -7.535  1.00 14.68 ? 50  LYS A CG  1 
ATOM   377  C CD  . LYS A 1 50  ? 1.690   11.727  -7.727  1.00 15.19 ? 50  LYS A CD  1 
ATOM   378  C CE  . LYS A 1 50  ? 0.321   11.836  -8.387  1.00 14.85 ? 50  LYS A CE  1 
ATOM   379  N NZ  . LYS A 1 50  ? -0.212  13.235  -8.316  1.00 18.02 ? 50  LYS A NZ  1 
ATOM   380  N N   . HIS A 1 51  ? 5.762   9.247   -4.955  1.00 15.28 ? 51  HIS A N   1 
ATOM   381  C CA  . HIS A 1 51  ? 7.165   9.389   -4.588  1.00 15.87 ? 51  HIS A CA  1 
ATOM   382  C C   . HIS A 1 51  ? 7.937   8.076   -4.576  1.00 15.83 ? 51  HIS A C   1 
ATOM   383  O O   . HIS A 1 51  ? 9.157   8.079   -4.720  1.00 15.92 ? 51  HIS A O   1 
ATOM   384  C CB  . HIS A 1 51  ? 7.331   10.141  -3.255  1.00 15.57 ? 51  HIS A CB  1 
ATOM   385  C CG  . HIS A 1 51  ? 6.917   9.373   -2.038  1.00 15.33 ? 51  HIS A CG  1 
ATOM   386  N ND1 . HIS A 1 51  ? 5.692   9.550   -1.425  1.00 13.93 ? 51  HIS A ND1 1 
ATOM   387  C CD2 . HIS A 1 51  ? 7.604   8.504   -1.257  1.00 15.89 ? 51  HIS A CD2 1 
ATOM   388  C CE1 . HIS A 1 51  ? 5.650   8.831   -0.317  1.00 15.01 ? 51  HIS A CE1 1 
ATOM   389  N NE2 . HIS A 1 51  ? 6.798   8.189   -0.191  1.00 15.89 ? 51  HIS A NE2 1 
ATOM   390  N N   . VAL A 1 52  ? 7.248   6.952   -4.418  1.00 17.12 ? 52  VAL A N   1 
ATOM   391  C CA  . VAL A 1 52  ? 7.958   5.678   -4.441  1.00 19.39 ? 52  VAL A CA  1 
ATOM   392  C C   . VAL A 1 52  ? 8.257   5.343   -5.900  1.00 19.48 ? 52  VAL A C   1 
ATOM   393  O O   . VAL A 1 52  ? 9.326   4.836   -6.233  1.00 20.20 ? 52  VAL A O   1 
ATOM   394  C CB  . VAL A 1 52  ? 7.141   4.536   -3.768  1.00 18.73 ? 52  VAL A CB  1 
ATOM   395  C CG1 . VAL A 1 52  ? 5.675   4.789   -3.912  1.00 21.12 ? 52  VAL A CG1 1 
ATOM   396  C CG2 . VAL A 1 52  ? 7.506   3.192   -4.395  1.00 15.50 ? 52  VAL A CG2 1 
ATOM   397  N N   . VAL A 1 53  ? 7.308   5.655   -6.772  1.00 18.16 ? 53  VAL A N   1 
ATOM   398  C CA  . VAL A 1 53  ? 7.477   5.412   -8.194  1.00 18.71 ? 53  VAL A CA  1 
ATOM   399  C C   . VAL A 1 53  ? 8.559   6.329   -8.785  1.00 18.20 ? 53  VAL A C   1 
ATOM   400  O O   . VAL A 1 53  ? 9.264   5.944   -9.718  1.00 16.82 ? 53  VAL A O   1 
ATOM   401  C CB  . VAL A 1 53  ? 6.127   5.608   -8.932  1.00 22.12 ? 53  VAL A CB  1 
ATOM   402  C CG1 . VAL A 1 53  ? 6.355   6.008   -10.372 1.00 22.18 ? 53  VAL A CG1 1 
ATOM   403  C CG2 . VAL A 1 53  ? 5.322   4.312   -8.865  1.00 18.53 ? 53  VAL A CG2 1 
ATOM   404  N N   . ASP A 1 54  ? 8.710   7.530   -8.234  1.00 18.08 ? 54  ASP A N   1 
ATOM   405  C CA  . ASP A 1 54  ? 9.723   8.456   -8.743  1.00 21.57 ? 54  ASP A CA  1 
ATOM   406  C C   . ASP A 1 54  ? 11.154  7.998   -8.469  1.00 19.75 ? 54  ASP A C   1 
ATOM   407  O O   . ASP A 1 54  ? 12.095  8.450   -9.128  1.00 19.32 ? 54  ASP A O   1 
ATOM   408  C CB  . ASP A 1 54  ? 9.516   9.861   -8.166  1.00 23.47 ? 54  ASP A CB  1 
ATOM   409  C CG  . ASP A 1 54  ? 8.312   10.566  -8.767  1.00 25.79 ? 54  ASP A CG  1 
ATOM   410  O OD1 . ASP A 1 54  ? 8.026   10.345  -9.964  1.00 28.92 ? 54  ASP A OD1 1 
ATOM   411  O OD2 . ASP A 1 54  ? 7.662   11.353  -8.051  1.00 28.95 ? 54  ASP A OD2 1 
ATOM   412  N N   . ALA A 1 55  ? 11.317  7.097   -7.503  1.00 19.28 ? 55  ALA A N   1 
ATOM   413  C CA  . ALA A 1 55  ? 12.636  6.579   -7.150  1.00 16.52 ? 55  ALA A CA  1 
ATOM   414  C C   . ALA A 1 55  ? 13.218  5.698   -8.253  1.00 16.67 ? 55  ALA A C   1 
ATOM   415  O O   . ALA A 1 55  ? 14.408  5.385   -8.240  1.00 17.43 ? 55  ALA A O   1 
ATOM   416  C CB  . ALA A 1 55  ? 12.560  5.795   -5.832  1.00 19.25 ? 55  ALA A CB  1 
ATOM   417  N N   . THR A 1 56  ? 12.382  5.293   -9.208  1.00 18.31 ? 56  THR A N   1 
ATOM   418  C CA  . THR A 1 56  ? 12.851  4.458   -10.314 1.00 22.08 ? 56  THR A CA  1 
ATOM   419  C C   . THR A 1 56  ? 13.516  5.317   -11.386 1.00 22.18 ? 56  THR A C   1 
ATOM   420  O O   . THR A 1 56  ? 14.220  4.798   -12.254 1.00 21.38 ? 56  THR A O   1 
ATOM   421  C CB  . THR A 1 56  ? 11.701  3.689   -11.000 1.00 20.43 ? 56  THR A CB  1 
ATOM   422  O OG1 . THR A 1 56  ? 10.779  4.623   -11.568 1.00 18.39 ? 56  THR A OG1 1 
ATOM   423  C CG2 . THR A 1 56  ? 10.977  2.787   -10.010 1.00 20.41 ? 56  THR A CG2 1 
ATOM   424  N N   . HIS A 1 57  ? 13.282  6.625   -11.317 1.00 23.99 ? 57  HIS A N   1 
ATOM   425  C CA  . HIS A 1 57  ? 13.827  7.576   -12.282 1.00 26.64 ? 57  HIS A CA  1 
ATOM   426  C C   . HIS A 1 57  ? 13.335  7.303   -13.696 1.00 26.21 ? 57  HIS A C   1 
ATOM   427  O O   . HIS A 1 57  ? 14.075  7.478   -14.661 1.00 28.33 ? 57  HIS A O   1 
ATOM   428  C CB  . HIS A 1 57  ? 15.360  7.556   -12.261 1.00 30.57 ? 57  HIS A CB  1 
ATOM   429  C CG  . HIS A 1 57  ? 15.946  8.118   -11.005 1.00 37.11 ? 57  HIS A CG  1 
ATOM   430  N ND1 . HIS A 1 57  ? 15.872  9.457   -10.684 1.00 42.17 ? 57  HIS A ND1 1 
ATOM   431  C CD2 . HIS A 1 57  ? 16.568  7.516   -9.963  1.00 39.04 ? 57  HIS A CD2 1 
ATOM   432  C CE1 . HIS A 1 57  ? 16.420  9.654   -9.498  1.00 41.39 ? 57  HIS A CE1 1 
ATOM   433  N NE2 . HIS A 1 57  ? 16.849  8.492   -9.039  1.00 39.55 ? 57  HIS A NE2 1 
ATOM   434  N N   . GLY A 1 58  ? 12.085  6.866   -13.815 1.00 25.34 ? 58  GLY A N   1 
ATOM   435  C CA  . GLY A 1 58  ? 11.520  6.604   -15.127 1.00 27.97 ? 58  GLY A CA  1 
ATOM   436  C C   . GLY A 1 58  ? 11.644  5.184   -15.648 1.00 27.23 ? 58  GLY A C   1 
ATOM   437  O O   . GLY A 1 58  ? 11.044  4.846   -16.669 1.00 28.79 ? 58  GLY A O   1 
ATOM   438  N N   . ASP A 1 59  ? 12.419  4.350   -14.960 1.00 25.68 ? 59  ASP A N   1 
ATOM   439  C CA  . ASP A 1 59  ? 12.596  2.966   -15.384 1.00 26.23 ? 59  ASP A CA  1 
ATOM   440  C C   . ASP A 1 59  ? 11.816  2.018   -14.472 1.00 25.38 ? 59  ASP A C   1 
ATOM   441  O O   . ASP A 1 59  ? 12.218  1.751   -13.338 1.00 22.45 ? 59  ASP A O   1 
ATOM   442  C CB  . ASP A 1 59  ? 14.083  2.603   -15.387 1.00 26.99 ? 59  ASP A CB  1 
ATOM   443  C CG  . ASP A 1 59  ? 14.329  1.152   -15.755 1.00 32.06 ? 59  ASP A CG  1 
ATOM   444  O OD1 . ASP A 1 59  ? 13.476  0.564   -16.460 1.00 31.00 ? 59  ASP A OD1 1 
ATOM   445  O OD2 . ASP A 1 59  ? 15.380  0.605   -15.349 1.00 37.80 ? 59  ASP A OD2 1 
ATOM   446  N N   . PRO A 1 60  ? 10.682  1.496   -14.962 1.00 22.83 ? 60  PRO A N   1 
ATOM   447  C CA  . PRO A 1 60  ? 9.863   0.583   -14.160 1.00 20.73 ? 60  PRO A CA  1 
ATOM   448  C C   . PRO A 1 60  ? 10.501  -0.761  -13.807 1.00 21.93 ? 60  PRO A C   1 
ATOM   449  O O   . PRO A 1 60  ? 10.135  -1.371  -12.801 1.00 22.26 ? 60  PRO A O   1 
ATOM   450  C CB  . PRO A 1 60  ? 8.590   0.436   -14.993 1.00 21.36 ? 60  PRO A CB  1 
ATOM   451  C CG  . PRO A 1 60  ? 9.059   0.667   -16.389 1.00 22.61 ? 60  PRO A CG  1 
ATOM   452  C CD  . PRO A 1 60  ? 10.029  1.804   -16.246 1.00 21.84 ? 60  PRO A CD  1 
ATOM   453  N N   . HIS A 1 61  ? 11.450  -1.219  -14.617 1.00 20.41 ? 61  HIS A N   1 
ATOM   454  C CA  . HIS A 1 61  ? 12.102  -2.498  -14.349 1.00 22.37 ? 61  HIS A CA  1 
ATOM   455  C C   . HIS A 1 61  ? 12.926  -2.463  -13.068 1.00 20.16 ? 61  HIS A C   1 
ATOM   456  O O   . HIS A 1 61  ? 13.391  -3.497  -12.595 1.00 19.87 ? 61  HIS A O   1 
ATOM   457  C CB  . HIS A 1 61  ? 12.986  -2.905  -15.531 1.00 27.72 ? 61  HIS A CB  1 
ATOM   458  C CG  . HIS A 1 61  ? 12.230  -3.082  -16.810 1.00 34.19 ? 61  HIS A CG  1 
ATOM   459  N ND1 . HIS A 1 61  ? 11.069  -3.820  -16.889 1.00 35.98 ? 61  HIS A ND1 1 
ATOM   460  C CD2 . HIS A 1 61  ? 12.458  -2.606  -18.057 1.00 37.48 ? 61  HIS A CD2 1 
ATOM   461  C CE1 . HIS A 1 61  ? 10.614  -3.790  -18.129 1.00 38.83 ? 61  HIS A CE1 1 
ATOM   462  N NE2 . HIS A 1 61  ? 11.439  -3.060  -18.858 1.00 39.81 ? 61  HIS A NE2 1 
ATOM   463  N N   . ALA A 1 62  ? 13.104  -1.271  -12.511 1.00 19.87 ? 62  ALA A N   1 
ATOM   464  C CA  . ALA A 1 62  ? 13.864  -1.114  -11.277 1.00 17.25 ? 62  ALA A CA  1 
ATOM   465  C C   . ALA A 1 62  ? 12.997  -1.387  -10.042 1.00 16.59 ? 62  ALA A C   1 
ATOM   466  O O   . ALA A 1 62  ? 13.512  -1.507  -8.928  1.00 17.66 ? 62  ALA A O   1 
ATOM   467  C CB  . ALA A 1 62  ? 14.448  0.296   -11.203 1.00 18.96 ? 62  ALA A CB  1 
ATOM   468  N N   . LEU A 1 63  ? 11.686  -1.485  -10.241 1.00 13.94 ? 63  LEU A N   1 
ATOM   469  C CA  . LEU A 1 63  ? 10.759  -1.733  -9.137  1.00 14.16 ? 63  LEU A CA  1 
ATOM   470  C C   . LEU A 1 63  ? 10.354  -3.208  -9.023  1.00 14.37 ? 63  LEU A C   1 
ATOM   471  O O   . LEU A 1 63  ? 9.764   -3.774  -9.948  1.00 13.57 ? 63  LEU A O   1 
ATOM   472  C CB  . LEU A 1 63  ? 9.512   -0.850  -9.304  1.00 14.79 ? 63  LEU A CB  1 
ATOM   473  C CG  . LEU A 1 63  ? 8.556   -0.686  -8.111  1.00 9.89  ? 63  LEU A CG  1 
ATOM   474  C CD1 . LEU A 1 63  ? 7.655   0.522   -8.347  1.00 13.90 ? 63  LEU A CD1 1 
ATOM   475  C CD2 . LEU A 1 63  ? 7.712   -1.952  -7.927  1.00 10.19 ? 63  LEU A CD2 1 
ATOM   476  N N   . LYS A 1 64  ? 10.678  -3.821  -7.885  1.00 11.72 ? 64  LYS A N   1 
ATOM   477  C CA  . LYS A 1 64  ? 10.357  -5.223  -7.620  1.00 15.16 ? 64  LYS A CA  1 
ATOM   478  C C   . LYS A 1 64  ? 9.341   -5.293  -6.483  1.00 15.50 ? 64  LYS A C   1 
ATOM   479  O O   . LYS A 1 64  ? 9.425   -4.513  -5.534  1.00 16.45 ? 64  LYS A O   1 
ATOM   480  C CB  . LYS A 1 64  ? 11.607  -5.997  -7.185  1.00 17.85 ? 64  LYS A CB  1 
ATOM   481  C CG  . LYS A 1 64  ? 12.831  -5.823  -8.065  1.00 26.84 ? 64  LYS A CG  1 
ATOM   482  C CD  . LYS A 1 64  ? 12.611  -6.349  -9.466  1.00 34.23 ? 64  LYS A CD  1 
ATOM   483  C CE  . LYS A 1 64  ? 13.930  -6.405  -10.229 1.00 38.92 ? 64  LYS A CE  1 
ATOM   484  N NZ  . LYS A 1 64  ? 14.629  -5.086  -10.243 1.00 39.96 ? 64  LYS A NZ  1 
ATOM   485  N N   . ALA A 1 65  ? 8.405   -6.238  -6.565  1.00 13.45 ? 65  ALA A N   1 
ATOM   486  C CA  . ALA A 1 65  ? 7.382   -6.402  -5.535  1.00 12.69 ? 65  ALA A CA  1 
ATOM   487  C C   . ALA A 1 65  ? 7.297   -7.846  -5.043  1.00 11.82 ? 65  ALA A C   1 
ATOM   488  O O   . ALA A 1 65  ? 7.311   -8.786  -5.844  1.00 15.04 ? 65  ALA A O   1 
ATOM   489  C CB  . ALA A 1 65  ? 6.021   -5.955  -6.075  1.00 11.59 ? 65  ALA A CB  1 
ATOM   490  N N   . PHE A 1 66  ? 7.194   -8.009  -3.723  1.00 12.14 ? 66  PHE A N   1 
ATOM   491  C CA  . PHE A 1 66  ? 7.113   -9.326  -3.098  1.00 11.06 ? 66  PHE A CA  1 
ATOM   492  C C   . PHE A 1 66  ? 5.872   -9.415  -2.201  1.00 13.05 ? 66  PHE A C   1 
ATOM   493  O O   . PHE A 1 66  ? 5.911   -9.023  -1.034  1.00 10.32 ? 66  PHE A O   1 
ATOM   494  C CB  . PHE A 1 66  ? 8.370   -9.582  -2.254  1.00 12.53 ? 66  PHE A CB  1 
ATOM   495  C CG  . PHE A 1 66  ? 9.664   -9.295  -2.980  1.00 16.08 ? 66  PHE A CG  1 
ATOM   496  C CD1 . PHE A 1 66  ? 10.157  -7.996  -3.072  1.00 15.87 ? 66  PHE A CD1 1 
ATOM   497  C CD2 . PHE A 1 66  ? 10.374  -10.323 -3.592  1.00 14.52 ? 66  PHE A CD2 1 
ATOM   498  C CE1 . PHE A 1 66  ? 11.344  -7.723  -3.769  1.00 16.59 ? 66  PHE A CE1 1 
ATOM   499  C CE2 . PHE A 1 66  ? 11.561  -10.064 -4.291  1.00 18.54 ? 66  PHE A CE2 1 
ATOM   500  C CZ  . PHE A 1 66  ? 12.044  -8.759  -4.378  1.00 18.34 ? 66  PHE A CZ  1 
ATOM   501  N N   . PRO A 1 67  ? 4.749   -9.921  -2.734  1.00 14.91 ? 67  PRO A N   1 
ATOM   502  C CA  . PRO A 1 67  ? 3.549   -10.010 -1.892  1.00 13.26 ? 67  PRO A CA  1 
ATOM   503  C C   . PRO A 1 67  ? 3.629   -11.014 -0.741  1.00 13.87 ? 67  PRO A C   1 
ATOM   504  O O   . PRO A 1 67  ? 4.174   -12.107 -0.887  1.00 12.78 ? 67  PRO A O   1 
ATOM   505  C CB  . PRO A 1 67  ? 2.443   -10.350 -2.893  1.00 16.32 ? 67  PRO A CB  1 
ATOM   506  C CG  . PRO A 1 67  ? 3.177   -11.060 -4.001  1.00 14.59 ? 67  PRO A CG  1 
ATOM   507  C CD  . PRO A 1 67  ? 4.446   -10.261 -4.136  1.00 12.99 ? 67  PRO A CD  1 
ATOM   508  N N   . SER A 1 68  ? 3.091   -10.619 0.409   1.00 13.62 ? 68  SER A N   1 
ATOM   509  C CA  . SER A 1 68  ? 3.064   -11.477 1.591   1.00 12.34 ? 68  SER A CA  1 
ATOM   510  C C   . SER A 1 68  ? 4.448   -11.815 2.155   1.00 10.35 ? 68  SER A C   1 
ATOM   511  O O   . SER A 1 68  ? 4.604   -12.833 2.829   1.00 10.85 ? 68  SER A O   1 
ATOM   512  C CB  . SER A 1 68  ? 2.329   -12.788 1.272   1.00 10.66 ? 68  SER A CB  1 
ATOM   513  O OG  . SER A 1 68  ? 1.258   -12.584 0.363   1.00 13.45 ? 68  SER A OG  1 
ATOM   514  N N   . ALA A 1 69  ? 5.448   -10.979 1.882   1.00 11.27 ? 69  ALA A N   1 
ATOM   515  C CA  . ALA A 1 69  ? 6.797   -11.218 2.399   1.00 9.80  ? 69  ALA A CA  1 
ATOM   516  C C   . ALA A 1 69  ? 6.749   -11.356 3.924   1.00 11.04 ? 69  ALA A C   1 
ATOM   517  O O   . ALA A 1 69  ? 6.099   -10.559 4.597   1.00 11.49 ? 69  ALA A O   1 
ATOM   518  C CB  . ALA A 1 69  ? 7.720   -10.069 2.004   1.00 9.67  ? 69  ALA A CB  1 
ATOM   519  N N   . ILE A 1 70  ? 7.447   -12.362 4.457   1.00 13.56 ? 70  ILE A N   1 
ATOM   520  C CA  . ILE A 1 70  ? 7.467   -12.642 5.897   1.00 14.23 ? 70  ILE A CA  1 
ATOM   521  C C   . ILE A 1 70  ? 8.700   -12.070 6.602   1.00 16.31 ? 70  ILE A C   1 
ATOM   522  O O   . ILE A 1 70  ? 8.613   -11.588 7.729   1.00 16.16 ? 70  ILE A O   1 
ATOM   523  C CB  . ILE A 1 70  ? 7.407   -14.166 6.147   1.00 16.31 ? 70  ILE A CB  1 
ATOM   524  C CG1 . ILE A 1 70  ? 6.152   -14.749 5.488   1.00 16.83 ? 70  ILE A CG1 1 
ATOM   525  C CG2 . ILE A 1 70  ? 7.409   -14.450 7.647   1.00 19.56 ? 70  ILE A CG2 1 
ATOM   526  C CD1 . ILE A 1 70  ? 6.100   -16.278 5.471   1.00 13.54 ? 70  ILE A CD1 1 
ATOM   527  N N   . ASN A 1 71  ? 9.852   -12.161 5.944   1.00 17.53 ? 71  ASN A N   1 
ATOM   528  C CA  . ASN A 1 71  ? 11.102  -11.618 6.467   1.00 19.94 ? 71  ASN A CA  1 
ATOM   529  C C   . ASN A 1 71  ? 12.142  -11.665 5.354   1.00 20.04 ? 71  ASN A C   1 
ATOM   530  O O   . ASN A 1 71  ? 11.857  -12.153 4.260   1.00 18.73 ? 71  ASN A O   1 
ATOM   531  C CB  . ASN A 1 71  ? 11.581  -12.379 7.717   1.00 19.81 ? 71  ASN A CB  1 
ATOM   532  C CG  . ASN A 1 71  ? 11.809  -13.858 7.469   1.00 23.70 ? 71  ASN A CG  1 
ATOM   533  O OD1 . ASN A 1 71  ? 12.698  -14.249 6.707   1.00 25.10 ? 71  ASN A OD1 1 
ATOM   534  N ND2 . ASN A 1 71  ? 11.011  -14.691 8.122   1.00 25.72 ? 71  ASN A ND2 1 
ATOM   535  N N   . GLN A 1 72  ? 13.337  -11.150 5.620   1.00 21.95 ? 72  GLN A N   1 
ATOM   536  C CA  . GLN A 1 72  ? 14.380  -11.125 4.603   1.00 26.07 ? 72  GLN A CA  1 
ATOM   537  C C   . GLN A 1 72  ? 14.605  -12.486 3.943   1.00 26.03 ? 72  GLN A C   1 
ATOM   538  O O   . GLN A 1 72  ? 14.813  -13.490 4.617   1.00 23.82 ? 72  GLN A O   1 
ATOM   539  C CB  . GLN A 1 72  ? 15.689  -10.607 5.203   1.00 31.18 ? 72  GLN A CB  1 
ATOM   540  C CG  . GLN A 1 72  ? 16.770  -10.356 4.170   1.00 39.66 ? 72  GLN A CG  1 
ATOM   541  C CD  . GLN A 1 72  ? 17.866  -9.438  4.677   1.00 49.58 ? 72  GLN A CD  1 
ATOM   542  O OE1 . GLN A 1 72  ? 18.517  -9.724  5.684   1.00 54.04 ? 72  GLN A OE1 1 
ATOM   543  N NE2 . GLN A 1 72  ? 18.076  -8.325  3.977   1.00 53.01 ? 72  GLN A NE2 1 
ATOM   544  N N   . ASP A 1 73  ? 14.541  -12.508 2.617   1.00 29.69 ? 73  ASP A N   1 
ATOM   545  C CA  . ASP A 1 73  ? 14.750  -13.736 1.856   1.00 36.36 ? 73  ASP A CA  1 
ATOM   546  C C   . ASP A 1 73  ? 13.729  -14.839 2.144   1.00 35.53 ? 73  ASP A C   1 
ATOM   547  O O   . ASP A 1 73  ? 14.034  -16.022 2.014   1.00 39.15 ? 73  ASP A O   1 
ATOM   548  C CB  . ASP A 1 73  ? 16.166  -14.261 2.114   1.00 44.47 ? 73  ASP A CB  1 
ATOM   549  C CG  . ASP A 1 73  ? 17.239  -13.311 1.609   1.00 52.40 ? 73  ASP A CG  1 
ATOM   550  O OD1 . ASP A 1 73  ? 18.408  -13.450 2.031   1.00 59.63 ? 73  ASP A OD1 1 
ATOM   551  O OD2 . ASP A 1 73  ? 16.915  -12.432 0.781   1.00 57.31 ? 73  ASP A OD2 1 
ATOM   552  N N   . ASN A 1 74  ? 12.524  -14.453 2.548   1.00 32.08 ? 74  ASN A N   1 
ATOM   553  C CA  . ASN A 1 74  ? 11.457  -15.414 2.817   1.00 26.91 ? 74  ASN A CA  1 
ATOM   554  C C   . ASN A 1 74  ? 10.189  -14.836 2.195   1.00 23.26 ? 74  ASN A C   1 
ATOM   555  O O   . ASN A 1 74  ? 9.381   -14.188 2.867   1.00 18.66 ? 74  ASN A O   1 
ATOM   556  C CB  . ASN A 1 74  ? 11.271  -15.623 4.321   1.00 26.94 ? 74  ASN A CB  1 
ATOM   557  C CG  . ASN A 1 74  ? 10.313  -16.764 4.640   1.00 29.41 ? 74  ASN A CG  1 
ATOM   558  O OD1 . ASN A 1 74  ? 10.061  -17.070 5.807   1.00 34.55 ? 74  ASN A OD1 1 
ATOM   559  N ND2 . ASN A 1 74  ? 9.776   -17.398 3.604   1.00 32.60 ? 74  ASN A ND2 1 
ATOM   560  N N   . TYR A 1 75  ? 10.051  -15.067 0.894   1.00 20.33 ? 75  TYR A N   1 
ATOM   561  C CA  . TYR A 1 75  ? 8.935   -14.576 0.095   1.00 21.90 ? 75  TYR A CA  1 
ATOM   562  C C   . TYR A 1 75  ? 8.106   -15.769 -0.393  1.00 20.08 ? 75  TYR A C   1 
ATOM   563  O O   . TYR A 1 75  ? 8.454   -16.414 -1.380  1.00 22.83 ? 75  TYR A O   1 
ATOM   564  C CB  . TYR A 1 75  ? 9.498   -13.795 -1.100  1.00 22.98 ? 75  TYR A CB  1 
ATOM   565  C CG  . TYR A 1 75  ? 10.555  -12.777 -0.712  1.00 25.62 ? 75  TYR A CG  1 
ATOM   566  C CD1 . TYR A 1 75  ? 11.784  -12.725 -1.373  1.00 29.32 ? 75  TYR A CD1 1 
ATOM   567  C CD2 . TYR A 1 75  ? 10.328  -11.868 0.321   1.00 25.03 ? 75  TYR A CD2 1 
ATOM   568  C CE1 . TYR A 1 75  ? 12.762  -11.786 -1.009  1.00 30.39 ? 75  TYR A CE1 1 
ATOM   569  C CE2 . TYR A 1 75  ? 11.293  -10.930 0.689   1.00 24.27 ? 75  TYR A CE2 1 
ATOM   570  C CZ  . TYR A 1 75  ? 12.504  -10.893 0.024   1.00 28.40 ? 75  TYR A CZ  1 
ATOM   571  O OH  . TYR A 1 75  ? 13.450  -9.961  0.397   1.00 28.59 ? 75  TYR A OH  1 
ATOM   572  N N   . PRO A 1 76  ? 6.993   -16.071 0.293   1.00 20.15 ? 76  PRO A N   1 
ATOM   573  C CA  . PRO A 1 76  ? 6.139   -17.201 -0.091  1.00 19.74 ? 76  PRO A CA  1 
ATOM   574  C C   . PRO A 1 76  ? 5.597   -17.224 -1.520  1.00 19.91 ? 76  PRO A C   1 
ATOM   575  O O   . PRO A 1 76  ? 5.285   -18.295 -2.044  1.00 20.03 ? 76  PRO A O   1 
ATOM   576  C CB  . PRO A 1 76  ? 5.027   -17.174 0.962   1.00 16.68 ? 76  PRO A CB  1 
ATOM   577  C CG  . PRO A 1 76  ? 4.996   -15.738 1.417   1.00 19.77 ? 76  PRO A CG  1 
ATOM   578  C CD  . PRO A 1 76  ? 6.455   -15.379 1.479   1.00 17.63 ? 76  PRO A CD  1 
ATOM   579  N N   . ASN A 1 77  ? 5.492   -16.060 -2.156  1.00 19.45 ? 77  ASN A N   1 
ATOM   580  C CA  . ASN A 1 77  ? 4.973   -15.995 -3.520  1.00 18.47 ? 77  ASN A CA  1 
ATOM   581  C C   . ASN A 1 77  ? 6.017   -15.490 -4.512  1.00 18.10 ? 77  ASN A C   1 
ATOM   582  O O   . ASN A 1 77  ? 5.693   -15.174 -5.657  1.00 19.42 ? 77  ASN A O   1 
ATOM   583  C CB  . ASN A 1 77  ? 3.739   -15.082 -3.562  1.00 20.10 ? 77  ASN A CB  1 
ATOM   584  C CG  . ASN A 1 77  ? 2.629   -15.553 -2.633  1.00 20.29 ? 77  ASN A CG  1 
ATOM   585  O OD1 . ASN A 1 77  ? 2.061   -16.628 -2.824  1.00 21.51 ? 77  ASN A OD1 1 
ATOM   586  N ND2 . ASN A 1 77  ? 2.320   -14.749 -1.618  1.00 21.48 ? 77  ASN A ND2 1 
ATOM   587  N N   . GLY A 1 78  ? 7.271   -15.416 -4.075  1.00 17.63 ? 78  GLY A N   1 
ATOM   588  C CA  . GLY A 1 78  ? 8.326   -14.931 -4.949  1.00 17.00 ? 78  GLY A CA  1 
ATOM   589  C C   . GLY A 1 78  ? 8.187   -13.438 -5.209  1.00 15.29 ? 78  GLY A C   1 
ATOM   590  O O   . GLY A 1 78  ? 7.533   -12.731 -4.437  1.00 15.86 ? 78  GLY A O   1 
ATOM   591  N N   . GLY A 1 79  ? 8.795   -12.957 -6.291  1.00 15.66 ? 79  GLY A N   1 
ATOM   592  C CA  . GLY A 1 79  ? 8.720   -11.542 -6.620  1.00 15.77 ? 79  GLY A CA  1 
ATOM   593  C C   . GLY A 1 79  ? 8.293   -11.274 -8.055  1.00 17.34 ? 79  GLY A C   1 
ATOM   594  O O   . GLY A 1 79  ? 8.325   -12.178 -8.893  1.00 18.36 ? 79  GLY A O   1 
ATOM   595  N N   . PHE A 1 80  ? 7.891   -10.033 -8.333  1.00 15.94 ? 80  PHE A N   1 
ATOM   596  C CA  . PHE A 1 80  ? 7.455   -9.625  -9.668  1.00 13.47 ? 80  PHE A CA  1 
ATOM   597  C C   . PHE A 1 80  ? 8.104   -8.293  -10.063 1.00 14.22 ? 80  PHE A C   1 
ATOM   598  O O   . PHE A 1 80  ? 8.388   -7.455  -9.204  1.00 15.92 ? 80  PHE A O   1 
ATOM   599  C CB  . PHE A 1 80  ? 5.927   -9.481  -9.711  1.00 11.14 ? 80  PHE A CB  1 
ATOM   600  C CG  . PHE A 1 80  ? 5.177   -10.750 -9.382  1.00 13.63 ? 80  PHE A CG  1 
ATOM   601  C CD1 . PHE A 1 80  ? 5.091   -11.211 -8.069  1.00 13.18 ? 80  PHE A CD1 1 
ATOM   602  C CD2 . PHE A 1 80  ? 4.576   -11.498 -10.390 1.00 13.32 ? 80  PHE A CD2 1 
ATOM   603  C CE1 . PHE A 1 80  ? 4.421   -12.405 -7.762  1.00 11.02 ? 80  PHE A CE1 1 
ATOM   604  C CE2 . PHE A 1 80  ? 3.900   -12.695 -10.094 1.00 15.60 ? 80  PHE A CE2 1 
ATOM   605  C CZ  . PHE A 1 80  ? 3.825   -13.145 -8.781  1.00 12.01 ? 80  PHE A CZ  1 
ATOM   606  N N   . THR A 1 81  ? 8.335   -8.104  -11.363 1.00 14.29 ? 81  THR A N   1 
ATOM   607  C CA  . THR A 1 81  ? 8.948   -6.879  -11.880 1.00 13.74 ? 81  THR A CA  1 
ATOM   608  C C   . THR A 1 81  ? 7.912   -6.017  -12.606 1.00 12.71 ? 81  THR A C   1 
ATOM   609  O O   . THR A 1 81  ? 7.089   -6.525  -13.371 1.00 14.82 ? 81  THR A O   1 
ATOM   610  C CB  . THR A 1 81  ? 10.112  -7.214  -12.857 1.00 14.51 ? 81  THR A CB  1 
ATOM   611  O OG1 . THR A 1 81  ? 11.101  -7.993  -12.173 1.00 17.84 ? 81  THR A OG1 1 
ATOM   612  C CG2 . THR A 1 81  ? 10.767  -5.947  -13.373 1.00 10.82 ? 81  THR A CG2 1 
ATOM   613  N N   . ALA A 1 82  ? 7.957   -4.712  -12.366 1.00 13.09 ? 82  ALA A N   1 
ATOM   614  C CA  . ALA A 1 82  ? 7.013   -3.779  -12.978 1.00 14.47 ? 82  ALA A CA  1 
ATOM   615  C C   . ALA A 1 82  ? 7.264   -3.540  -14.464 1.00 17.38 ? 82  ALA A C   1 
ATOM   616  O O   . ALA A 1 82  ? 8.397   -3.668  -14.950 1.00 15.36 ? 82  ALA A O   1 
ATOM   617  C CB  . ALA A 1 82  ? 7.047   -2.448  -12.235 1.00 12.55 ? 82  ALA A CB  1 
ATOM   618  N N   . GLU A 1 83  ? 6.203   -3.186  -15.184 1.00 16.39 ? 83  GLU A N   1 
ATOM   619  C CA  . GLU A 1 83  ? 6.329   -2.915  -16.608 1.00 19.58 ? 83  GLU A CA  1 
ATOM   620  C C   . GLU A 1 83  ? 5.705   -1.581  -17.021 1.00 20.71 ? 83  GLU A C   1 
ATOM   621  O O   . GLU A 1 83  ? 6.095   -1.008  -18.035 1.00 22.86 ? 83  GLU A O   1 
ATOM   622  C CB  . GLU A 1 83  ? 5.710   -4.046  -17.434 1.00 21.10 ? 83  GLU A CB  1 
ATOM   623  C CG  . GLU A 1 83  ? 4.198   -4.075  -17.453 1.00 27.37 ? 83  GLU A CG  1 
ATOM   624  C CD  . GLU A 1 83  ? 3.660   -5.020  -18.517 1.00 30.43 ? 83  GLU A CD  1 
ATOM   625  O OE1 . GLU A 1 83  ? 2.422   -5.153  -18.635 1.00 34.04 ? 83  GLU A OE1 1 
ATOM   626  O OE2 . GLU A 1 83  ? 4.480   -5.627  -19.237 1.00 35.06 ? 83  GLU A OE2 1 
ATOM   627  N N   . GLN A 1 84  ? 4.750   -1.081  -16.236 1.00 22.59 ? 84  GLN A N   1 
ATOM   628  C CA  . GLN A 1 84  ? 4.105   0.187   -16.565 1.00 22.91 ? 84  GLN A CA  1 
ATOM   629  C C   . GLN A 1 84  ? 3.635   0.958   -15.335 1.00 17.52 ? 84  GLN A C   1 
ATOM   630  O O   . GLN A 1 84  ? 3.110   0.378   -14.387 1.00 16.46 ? 84  GLN A O   1 
ATOM   631  C CB  . GLN A 1 84  ? 2.908   -0.051  -17.491 1.00 25.97 ? 84  GLN A CB  1 
ATOM   632  C CG  . GLN A 1 84  ? 2.292   1.231   -18.030 1.00 34.83 ? 84  GLN A CG  1 
ATOM   633  C CD  . GLN A 1 84  ? 1.083   0.980   -18.906 1.00 39.67 ? 84  GLN A CD  1 
ATOM   634  O OE1 . GLN A 1 84  ? -0.001  0.663   -18.417 1.00 44.92 ? 84  GLN A OE1 1 
ATOM   635  N NE2 . GLN A 1 84  ? 1.265   1.113   -20.214 1.00 43.23 ? 84  GLN A NE2 1 
ATOM   636  N N   . ILE A 1 85  ? 3.815   2.275   -15.372 1.00 18.77 ? 85  ILE A N   1 
ATOM   637  C CA  . ILE A 1 85  ? 3.414   3.141   -14.272 1.00 18.14 ? 85  ILE A CA  1 
ATOM   638  C C   . ILE A 1 85  ? 2.452   4.239   -14.737 1.00 18.33 ? 85  ILE A C   1 
ATOM   639  O O   . ILE A 1 85  ? 2.651   4.850   -15.790 1.00 18.45 ? 85  ILE A O   1 
ATOM   640  C CB  . ILE A 1 85  ? 4.653   3.807   -13.628 1.00 20.14 ? 85  ILE A CB  1 
ATOM   641  C CG1 . ILE A 1 85  ? 5.610   2.731   -13.112 1.00 18.19 ? 85  ILE A CG1 1 
ATOM   642  C CG2 . ILE A 1 85  ? 4.216   4.741   -12.500 1.00 17.24 ? 85  ILE A CG2 1 
ATOM   643  C CD1 . ILE A 1 85  ? 6.945   3.275   -12.646 1.00 20.64 ? 85  ILE A CD1 1 
ATOM   644  N N   . THR A 1 86  ? 1.401   4.477   -13.953 1.00 15.80 ? 86  THR A N   1 
ATOM   645  C CA  . THR A 1 86  ? 0.421   5.515   -14.270 1.00 18.87 ? 86  THR A CA  1 
ATOM   646  C C   . THR A 1 86  ? 0.167   6.326   -13.003 1.00 18.46 ? 86  THR A C   1 
ATOM   647  O O   . THR A 1 86  ? -0.293  5.784   -11.994 1.00 18.71 ? 86  THR A O   1 
ATOM   648  C CB  . THR A 1 86  ? -0.926  4.916   -14.754 1.00 18.10 ? 86  THR A CB  1 
ATOM   649  O OG1 . THR A 1 86  ? -0.719  4.162   -15.953 1.00 21.98 ? 86  THR A OG1 1 
ATOM   650  C CG2 . THR A 1 86  ? -1.932  6.029   -15.043 1.00 16.45 ? 86  THR A CG2 1 
ATOM   651  N N   . LYS A 1 87  ? 0.467   7.619   -13.050 1.00 17.73 ? 87  LYS A N   1 
ATOM   652  C CA  . LYS A 1 87  ? 0.271   8.482   -11.888 1.00 18.36 ? 87  LYS A CA  1 
ATOM   653  C C   . LYS A 1 87  ? -1.105  9.138   -11.886 1.00 17.25 ? 87  LYS A C   1 
ATOM   654  O O   . LYS A 1 87  ? -1.653  9.449   -12.943 1.00 14.96 ? 87  LYS A O   1 
ATOM   655  C CB  . LYS A 1 87  ? 1.332   9.583   -11.856 1.00 20.33 ? 87  LYS A CB  1 
ATOM   656  C CG  . LYS A 1 87  ? 2.768   9.093   -11.846 1.00 26.81 ? 87  LYS A CG  1 
ATOM   657  C CD  . LYS A 1 87  ? 3.716   10.280  -11.821 1.00 28.78 ? 87  LYS A CD  1 
ATOM   658  C CE  . LYS A 1 87  ? 5.164   9.849   -11.864 1.00 31.03 ? 87  LYS A CE  1 
ATOM   659  N NZ  . LYS A 1 87  ? 6.071   11.025  -11.776 1.00 34.50 ? 87  LYS A NZ  1 
ATOM   660  N N   . TYR A 1 88  ? -1.649  9.346   -10.690 1.00 16.35 ? 88  TYR A N   1 
ATOM   661  C CA  . TYR A 1 88  ? -2.948  9.993   -10.519 1.00 16.02 ? 88  TYR A CA  1 
ATOM   662  C C   . TYR A 1 88  ? -2.812  11.432  -11.034 1.00 16.60 ? 88  TYR A C   1 
ATOM   663  O O   . TYR A 1 88  ? -1.798  12.087  -10.786 1.00 17.63 ? 88  TYR A O   1 
ATOM   664  C CB  . TYR A 1 88  ? -3.324  10.008  -9.033  1.00 14.80 ? 88  TYR A CB  1 
ATOM   665  C CG  . TYR A 1 88  ? -4.606  10.744  -8.706  1.00 13.99 ? 88  TYR A CG  1 
ATOM   666  C CD1 . TYR A 1 88  ? -4.678  11.596  -7.600  1.00 10.44 ? 88  TYR A CD1 1 
ATOM   667  C CD2 . TYR A 1 88  ? -5.750  10.577  -9.487  1.00 11.94 ? 88  TYR A CD2 1 
ATOM   668  C CE1 . TYR A 1 88  ? -5.860  12.266  -7.282  1.00 12.23 ? 88  TYR A CE1 1 
ATOM   669  C CE2 . TYR A 1 88  ? -6.940  11.239  -9.178  1.00 14.99 ? 88  TYR A CE2 1 
ATOM   670  C CZ  . TYR A 1 88  ? -6.986  12.081  -8.075  1.00 14.74 ? 88  TYR A CZ  1 
ATOM   671  O OH  . TYR A 1 88  ? -8.158  12.737  -7.770  1.00 14.90 ? 88  TYR A OH  1 
ATOM   672  N N   . SER A 1 89  ? -3.829  11.921  -11.740 1.00 19.73 ? 89  SER A N   1 
ATOM   673  C CA  . SER A 1 89  ? -3.793  13.276  -12.284 1.00 21.86 ? 89  SER A CA  1 
ATOM   674  C C   . SER A 1 89  ? -4.084  14.384  -11.266 1.00 20.59 ? 89  SER A C   1 
ATOM   675  O O   . SER A 1 89  ? -3.799  15.555  -11.523 1.00 19.29 ? 89  SER A O   1 
ATOM   676  C CB  . SER A 1 89  ? -4.768  13.390  -13.460 1.00 25.99 ? 89  SER A CB  1 
ATOM   677  O OG  . SER A 1 89  ? -6.075  12.986  -13.085 1.00 33.25 ? 89  SER A OG  1 
ATOM   678  N N   . GLY A 1 90  ? -4.651  14.020  -10.118 1.00 17.21 ? 90  GLY A N   1 
ATOM   679  C CA  . GLY A 1 90  ? -4.947  15.011  -9.097  1.00 17.07 ? 90  GLY A CA  1 
ATOM   680  C C   . GLY A 1 90  ? -3.744  15.263  -8.202  1.00 18.17 ? 90  GLY A C   1 
ATOM   681  O O   . GLY A 1 90  ? -2.641  14.800  -8.488  1.00 17.54 ? 90  GLY A O   1 
ATOM   682  N N   . GLU A 1 91  ? -3.950  15.983  -7.103  1.00 18.67 ? 91  GLU A N   1 
ATOM   683  C CA  . GLU A 1 91  ? -2.856  16.289  -6.189  1.00 20.66 ? 91  GLU A CA  1 
ATOM   684  C C   . GLU A 1 91  ? -2.401  15.096  -5.356  1.00 20.49 ? 91  GLU A C   1 
ATOM   685  O O   . GLU A 1 91  ? -1.235  15.024  -4.966  1.00 19.99 ? 91  GLU A O   1 
ATOM   686  C CB  . GLU A 1 91  ? -3.249  17.441  -5.260  1.00 23.08 ? 91  GLU A CB  1 
ATOM   687  C CG  . GLU A 1 91  ? -3.407  18.778  -5.970  1.00 26.43 ? 91  GLU A CG  1 
ATOM   688  C CD  . GLU A 1 91  ? -2.091  19.319  -6.489  1.00 27.65 ? 91  GLU A CD  1 
ATOM   689  O OE1 . GLU A 1 91  ? -2.050  19.764  -7.654  1.00 31.24 ? 91  GLU A OE1 1 
ATOM   690  O OE2 . GLU A 1 91  ? -1.097  19.307  -5.730  1.00 29.22 ? 91  GLU A OE2 1 
ATOM   691  N N   . GLY A 1 92  ? -3.316  14.167  -5.088  1.00 17.47 ? 92  GLY A N   1 
ATOM   692  C CA  . GLY A 1 92  ? -2.990  12.995  -4.288  1.00 14.81 ? 92  GLY A CA  1 
ATOM   693  C C   . GLY A 1 92  ? -1.730  12.230  -4.670  1.00 12.78 ? 92  GLY A C   1 
ATOM   694  O O   . GLY A 1 92  ? -1.488  11.955  -5.847  1.00 14.51 ? 92  GLY A O   1 
ATOM   695  N N   . ASP A 1 93  ? -0.937  11.874  -3.659  1.00 14.08 ? 93  ASP A N   1 
ATOM   696  C CA  . ASP A 1 93  ? 0.317   11.136  -3.838  1.00 13.21 ? 93  ASP A CA  1 
ATOM   697  C C   . ASP A 1 93  ? -0.050  9.670   -4.084  1.00 13.23 ? 93  ASP A C   1 
ATOM   698  O O   . ASP A 1 93  ? 0.128   8.819   -3.210  1.00 15.48 ? 93  ASP A O   1 
ATOM   699  C CB  . ASP A 1 93  ? 1.159   11.282  -2.562  1.00 14.34 ? 93  ASP A CB  1 
ATOM   700  C CG  . ASP A 1 93  ? 2.585   10.793  -2.726  1.00 14.01 ? 93  ASP A CG  1 
ATOM   701  O OD1 . ASP A 1 93  ? 3.360   10.920  -1.751  1.00 16.04 ? 93  ASP A OD1 1 
ATOM   702  O OD2 . ASP A 1 93  ? 2.943   10.287  -3.811  1.00 18.18 ? 93  ASP A OD2 1 
ATOM   703  N N   . LEU A 1 94  ? -0.549  9.383   -5.284  1.00 14.19 ? 94  LEU A N   1 
ATOM   704  C CA  . LEU A 1 94  ? -1.011  8.041   -5.635  1.00 11.69 ? 94  LEU A CA  1 
ATOM   705  C C   . LEU A 1 94  ? -0.596  7.602   -7.039  1.00 13.29 ? 94  LEU A C   1 
ATOM   706  O O   . LEU A 1 94  ? -0.581  8.407   -7.965  1.00 14.53 ? 94  LEU A O   1 
ATOM   707  C CB  . LEU A 1 94  ? -2.542  8.024   -5.507  1.00 13.89 ? 94  LEU A CB  1 
ATOM   708  C CG  . LEU A 1 94  ? -3.451  6.815   -5.774  1.00 18.28 ? 94  LEU A CG  1 
ATOM   709  C CD1 . LEU A 1 94  ? -3.637  6.625   -7.262  1.00 21.78 ? 94  LEU A CD1 1 
ATOM   710  C CD2 . LEU A 1 94  ? -2.877  5.577   -5.120  1.00 20.35 ? 94  LEU A CD2 1 
ATOM   711  N N   . ALA A 1 95  ? -0.260  6.323   -7.195  1.00 11.44 ? 95  ALA A N   1 
ATOM   712  C CA  . ALA A 1 95  ? 0.135   5.796   -8.506  1.00 11.63 ? 95  ALA A CA  1 
ATOM   713  C C   . ALA A 1 95  ? -0.271  4.336   -8.688  1.00 11.89 ? 95  ALA A C   1 
ATOM   714  O O   . ALA A 1 95  ? -0.388  3.589   -7.716  1.00 13.76 ? 95  ALA A O   1 
ATOM   715  C CB  . ALA A 1 95  ? 1.647   5.946   -8.702  1.00 11.12 ? 95  ALA A CB  1 
ATOM   716  N N   . ILE A 1 96  ? -0.505  3.943   -9.939  1.00 12.36 ? 96  ILE A N   1 
ATOM   717  C CA  . ILE A 1 96  ? -0.875  2.570   -10.277 1.00 14.46 ? 96  ILE A CA  1 
ATOM   718  C C   . ILE A 1 96  ? 0.337   1.908   -10.944 1.00 15.24 ? 96  ILE A C   1 
ATOM   719  O O   . ILE A 1 96  ? 0.960   2.497   -11.829 1.00 17.91 ? 96  ILE A O   1 
ATOM   720  C CB  . ILE A 1 96  ? -2.040  2.525   -11.291 1.00 15.01 ? 96  ILE A CB  1 
ATOM   721  C CG1 . ILE A 1 96  ? -3.246  3.303   -10.758 1.00 15.66 ? 96  ILE A CG1 1 
ATOM   722  C CG2 . ILE A 1 96  ? -2.422  1.080   -11.573 1.00 15.17 ? 96  ILE A CG2 1 
ATOM   723  C CD1 . ILE A 1 96  ? -4.366  3.443   -11.781 1.00 18.46 ? 96  ILE A CD1 1 
ATOM   724  N N   . VAL A 1 97  ? 0.665   0.691   -10.521 1.00 14.84 ? 97  VAL A N   1 
ATOM   725  C CA  . VAL A 1 97  ? 1.796   -0.040  -11.086 1.00 14.87 ? 97  VAL A CA  1 
ATOM   726  C C   . VAL A 1 97  ? 1.316   -1.368  -11.675 1.00 15.84 ? 97  VAL A C   1 
ATOM   727  O O   . VAL A 1 97  ? 0.654   -2.151  -10.988 1.00 12.00 ? 97  VAL A O   1 
ATOM   728  C CB  . VAL A 1 97  ? 2.864   -0.348  -10.005 1.00 16.56 ? 97  VAL A CB  1 
ATOM   729  C CG1 . VAL A 1 97  ? 4.060   -1.056  -10.641 1.00 14.17 ? 97  VAL A CG1 1 
ATOM   730  C CG2 . VAL A 1 97  ? 3.308   0.945   -9.314  1.00 13.71 ? 97  VAL A CG2 1 
ATOM   731  N N   . LYS A 1 98  ? 1.639   -1.617  -12.943 1.00 14.98 ? 98  LYS A N   1 
ATOM   732  C CA  . LYS A 1 98  ? 1.247   -2.866  -13.599 1.00 16.66 ? 98  LYS A CA  1 
ATOM   733  C C   . LYS A 1 98  ? 2.480   -3.775  -13.727 1.00 14.73 ? 98  LYS A C   1 
ATOM   734  O O   . LYS A 1 98  ? 3.565   -3.313  -14.088 1.00 16.74 ? 98  LYS A O   1 
ATOM   735  C CB  . LYS A 1 98  ? 0.641   -2.569  -14.975 1.00 18.76 ? 98  LYS A CB  1 
ATOM   736  C CG  . LYS A 1 98  ? 0.051   -3.782  -15.668 1.00 26.44 ? 98  LYS A CG  1 
ATOM   737  C CD  . LYS A 1 98  ? -0.603  -3.416  -16.996 1.00 35.59 ? 98  LYS A CD  1 
ATOM   738  C CE  . LYS A 1 98  ? -1.108  -4.661  -17.713 1.00 42.59 ? 98  LYS A CE  1 
ATOM   739  N NZ  . LYS A 1 98  ? -1.799  -4.349  -19.000 1.00 49.36 ? 98  LYS A NZ  1 
ATOM   740  N N   . PHE A 1 99  ? 2.309   -5.062  -13.427 1.00 11.35 ? 99  PHE A N   1 
ATOM   741  C CA  . PHE A 1 99  ? 3.416   -6.022  -13.465 1.00 14.52 ? 99  PHE A CA  1 
ATOM   742  C C   . PHE A 1 99  ? 3.280   -7.086  -14.539 1.00 15.47 ? 99  PHE A C   1 
ATOM   743  O O   . PHE A 1 99  ? 2.177   -7.467  -14.921 1.00 16.25 ? 99  PHE A O   1 
ATOM   744  C CB  . PHE A 1 99  ? 3.547   -6.760  -12.124 1.00 14.76 ? 99  PHE A CB  1 
ATOM   745  C CG  . PHE A 1 99  ? 3.900   -5.878  -10.963 1.00 15.03 ? 99  PHE A CG  1 
ATOM   746  C CD1 . PHE A 1 99  ? 2.916   -5.145  -10.301 1.00 14.47 ? 99  PHE A CD1 1 
ATOM   747  C CD2 . PHE A 1 99  ? 5.221   -5.773  -10.531 1.00 11.09 ? 99  PHE A CD2 1 
ATOM   748  C CE1 . PHE A 1 99  ? 3.246   -4.320  -9.224  1.00 13.00 ? 99  PHE A CE1 1 
ATOM   749  C CE2 . PHE A 1 99  ? 5.564   -4.952  -9.457  1.00 10.60 ? 99  PHE A CE2 1 
ATOM   750  C CZ  . PHE A 1 99  ? 4.575   -4.223  -8.801  1.00 10.27 ? 99  PHE A CZ  1 
ATOM   751  N N   . SER A 1 100 ? 4.416   -7.584  -15.012 1.00 19.75 ? 100 SER A N   1 
ATOM   752  C CA  . SER A 1 100 ? 4.391   -8.648  -16.003 1.00 22.08 ? 100 SER A CA  1 
ATOM   753  C C   . SER A 1 100 ? 4.417   -9.946  -15.197 1.00 20.75 ? 100 SER A C   1 
ATOM   754  O O   . SER A 1 100 ? 4.797   -9.947  -14.027 1.00 19.66 ? 100 SER A O   1 
ATOM   755  C CB  . SER A 1 100 ? 5.617   -8.557  -16.913 1.00 23.23 ? 100 SER A CB  1 
ATOM   756  O OG  . SER A 1 100 ? 6.803   -8.758  -16.176 1.00 23.64 ? 100 SER A OG  1 
ATOM   757  N N   . PRO A 1 101 ? 3.983   -11.063 -15.800 1.00 21.11 ? 101 PRO A N   1 
ATOM   758  C CA  . PRO A 1 101 ? 3.982   -12.348 -15.089 1.00 20.06 ? 101 PRO A CA  1 
ATOM   759  C C   . PRO A 1 101 ? 5.386   -12.798 -14.666 1.00 20.29 ? 101 PRO A C   1 
ATOM   760  O O   . PRO A 1 101 ? 6.380   -12.268 -15.155 1.00 20.18 ? 101 PRO A O   1 
ATOM   761  C CB  . PRO A 1 101 ? 3.320   -13.297 -16.091 1.00 19.25 ? 101 PRO A CB  1 
ATOM   762  C CG  . PRO A 1 101 ? 3.582   -12.648 -17.421 1.00 21.69 ? 101 PRO A CG  1 
ATOM   763  C CD  . PRO A 1 101 ? 3.372   -11.198 -17.133 1.00 23.25 ? 101 PRO A CD  1 
ATOM   764  N N   . ASN A 1 102 ? 5.469   -13.763 -13.753 1.00 20.66 ? 102 ASN A N   1 
ATOM   765  C CA  . ASN A 1 102 ? 6.772   -14.234 -13.288 1.00 23.33 ? 102 ASN A CA  1 
ATOM   766  C C   . ASN A 1 102 ? 7.310   -15.404 -14.105 1.00 25.13 ? 102 ASN A C   1 
ATOM   767  O O   . ASN A 1 102 ? 6.694   -15.825 -15.086 1.00 25.11 ? 102 ASN A O   1 
ATOM   768  C CB  . ASN A 1 102 ? 6.715   -14.627 -11.804 1.00 21.74 ? 102 ASN A CB  1 
ATOM   769  C CG  . ASN A 1 102 ? 5.832   -15.830 -11.545 1.00 20.25 ? 102 ASN A CG  1 
ATOM   770  O OD1 . ASN A 1 102 ? 5.422   -16.532 -12.470 1.00 23.73 ? 102 ASN A OD1 1 
ATOM   771  N ND2 . ASN A 1 102 ? 5.546   -16.085 -10.275 1.00 26.24 ? 102 ASN A ND2 1 
ATOM   772  N N   . GLU A 1 103 ? 8.462   -15.925 -13.686 1.00 28.59 ? 103 GLU A N   1 
ATOM   773  C CA  . GLU A 1 103 ? 9.114   -17.040 -14.364 1.00 28.84 ? 103 GLU A CA  1 
ATOM   774  C C   . GLU A 1 103 ? 8.191   -18.239 -14.575 1.00 28.53 ? 103 GLU A C   1 
ATOM   775  O O   . GLU A 1 103 ? 8.337   -18.969 -15.554 1.00 29.38 ? 103 GLU A O   1 
ATOM   776  C CB  . GLU A 1 103 ? 10.356  -17.469 -13.584 1.00 31.71 ? 103 GLU A CB  1 
ATOM   777  N N   . GLN A 1 104 ? 7.246   -18.445 -13.660 1.00 26.77 ? 104 GLN A N   1 
ATOM   778  C CA  . GLN A 1 104 ? 6.311   -19.563 -13.779 1.00 28.06 ? 104 GLN A CA  1 
ATOM   779  C C   . GLN A 1 104 ? 5.058   -19.179 -14.557 1.00 27.31 ? 104 GLN A C   1 
ATOM   780  O O   . GLN A 1 104 ? 4.074   -19.921 -14.564 1.00 29.18 ? 104 GLN A O   1 
ATOM   781  C CB  . GLN A 1 104 ? 5.892   -20.079 -12.397 1.00 30.79 ? 104 GLN A CB  1 
ATOM   782  C CG  . GLN A 1 104 ? 6.890   -21.007 -11.715 1.00 39.12 ? 104 GLN A CG  1 
ATOM   783  C CD  . GLN A 1 104 ? 8.098   -20.280 -11.169 1.00 45.07 ? 104 GLN A CD  1 
ATOM   784  O OE1 . GLN A 1 104 ? 8.907   -19.733 -11.920 1.00 50.39 ? 104 GLN A OE1 1 
ATOM   785  N NE2 . GLN A 1 104 ? 8.227   -20.265 -9.847  1.00 49.88 ? 104 GLN A NE2 1 
ATOM   786  N N   . ASN A 1 105 ? 5.099   -18.020 -15.208 1.00 26.96 ? 105 ASN A N   1 
ATOM   787  C CA  . ASN A 1 105 ? 3.967   -17.526 -15.989 1.00 26.01 ? 105 ASN A CA  1 
ATOM   788  C C   . ASN A 1 105 ? 2.733   -17.234 -15.137 1.00 22.05 ? 105 ASN A C   1 
ATOM   789  O O   . ASN A 1 105 ? 1.604   -17.299 -15.625 1.00 24.82 ? 105 ASN A O   1 
ATOM   790  C CB  . ASN A 1 105 ? 3.605   -18.528 -17.087 1.00 27.73 ? 105 ASN A CB  1 
ATOM   791  C CG  . ASN A 1 105 ? 4.733   -18.735 -18.073 1.00 31.82 ? 105 ASN A CG  1 
ATOM   792  O OD1 . ASN A 1 105 ? 5.187   -17.791 -18.727 1.00 30.44 ? 105 ASN A OD1 1 
ATOM   793  N ND2 . ASN A 1 105 ? 5.200   -19.972 -18.181 1.00 33.15 ? 105 ASN A ND2 1 
ATOM   794  N N   . LYS A 1 106 ? 2.953   -16.911 -13.867 1.00 19.45 ? 106 LYS A N   1 
ATOM   795  C CA  . LYS A 1 106 ? 1.860   -16.591 -12.951 1.00 22.13 ? 106 LYS A CA  1 
ATOM   796  C C   . LYS A 1 106 ? 1.708   -15.077 -12.816 1.00 17.56 ? 106 LYS A C   1 
ATOM   797  O O   . LYS A 1 106 ? 2.680   -14.335 -12.965 1.00 14.81 ? 106 LYS A O   1 
ATOM   798  C CB  . LYS A 1 106 ? 2.130   -17.197 -11.565 1.00 24.69 ? 106 LYS A CB  1 
ATOM   799  C CG  . LYS A 1 106 ? 1.838   -18.690 -11.446 1.00 28.52 ? 106 LYS A CG  1 
ATOM   800  C CD  . LYS A 1 106 ? 0.339   -18.959 -11.532 1.00 37.07 ? 106 LYS A CD  1 
ATOM   801  C CE  . LYS A 1 106 ? 0.008   -20.424 -11.261 1.00 40.38 ? 106 LYS A CE  1 
ATOM   802  N NZ  . LYS A 1 106 ? 0.654   -21.336 -12.246 1.00 45.96 ? 106 LYS A NZ  1 
ATOM   803  N N   . HIS A 1 107 ? 0.486   -14.630 -12.533 1.00 14.31 ? 107 HIS A N   1 
ATOM   804  C CA  . HIS A 1 107 ? 0.186   -13.210 -12.347 1.00 14.54 ? 107 HIS A CA  1 
ATOM   805  C C   . HIS A 1 107 ? 0.170   -12.847 -10.877 1.00 11.94 ? 107 HIS A C   1 
ATOM   806  O O   . HIS A 1 107 ? -0.235  -13.655 -10.047 1.00 12.38 ? 107 HIS A O   1 
ATOM   807  C CB  . HIS A 1 107 ? -1.168  -12.878 -12.935 1.00 14.65 ? 107 HIS A CB  1 
ATOM   808  C CG  . HIS A 1 107 ? -1.156  -12.821 -14.420 1.00 13.74 ? 107 HIS A CG  1 
ATOM   809  N ND1 . HIS A 1 107 ? -0.881  -11.665 -15.115 1.00 13.86 ? 107 HIS A ND1 1 
ATOM   810  C CD2 . HIS A 1 107 ? -1.297  -13.793 -15.345 1.00 15.65 ? 107 HIS A CD2 1 
ATOM   811  C CE1 . HIS A 1 107 ? -0.850  -11.926 -16.406 1.00 12.79 ? 107 HIS A CE1 1 
ATOM   812  N NE2 . HIS A 1 107 ? -1.099  -13.210 -16.572 1.00 12.60 ? 107 HIS A NE2 1 
ATOM   813  N N   . ILE A 1 108 ? 0.577   -11.621 -10.565 1.00 13.53 ? 108 ILE A N   1 
ATOM   814  C CA  . ILE A 1 108 ? 0.631   -11.187 -9.178  1.00 12.24 ? 108 ILE A CA  1 
ATOM   815  C C   . ILE A 1 108 ? -0.729  -11.275 -8.492  1.00 15.14 ? 108 ILE A C   1 
ATOM   816  O O   . ILE A 1 108 ? -0.808  -11.597 -7.310  1.00 18.18 ? 108 ILE A O   1 
ATOM   817  C CB  . ILE A 1 108 ? 1.222   -9.750  -9.070  1.00 16.06 ? 108 ILE A CB  1 
ATOM   818  C CG1 . ILE A 1 108 ? 1.458   -9.401  -7.597  1.00 13.13 ? 108 ILE A CG1 1 
ATOM   819  C CG2 . ILE A 1 108 ? 0.302   -8.734  -9.751  1.00 10.38 ? 108 ILE A CG2 1 
ATOM   820  C CD1 . ILE A 1 108 ? 2.398   -8.219  -7.389  1.00 17.69 ? 108 ILE A CD1 1 
ATOM   821  N N   . GLY A 1 109 ? -1.796  -11.024 -9.247  1.00 12.46 ? 109 GLY A N   1 
ATOM   822  C CA  . GLY A 1 109 ? -3.138  -11.084 -8.692  1.00 11.14 ? 109 GLY A CA  1 
ATOM   823  C C   . GLY A 1 109 ? -3.782  -12.464 -8.755  1.00 11.47 ? 109 GLY A C   1 
ATOM   824  O O   . GLY A 1 109 ? -4.982  -12.608 -8.505  1.00 15.05 ? 109 GLY A O   1 
ATOM   825  N N   . GLU A 1 110 ? -2.997  -13.478 -9.109  1.00 13.32 ? 110 GLU A N   1 
ATOM   826  C CA  . GLU A 1 110 ? -3.495  -14.850 -9.164  1.00 14.26 ? 110 GLU A CA  1 
ATOM   827  C C   . GLU A 1 110 ? -2.882  -15.664 -8.029  1.00 15.24 ? 110 GLU A C   1 
ATOM   828  O O   . GLU A 1 110 ? -3.506  -16.593 -7.516  1.00 15.95 ? 110 GLU A O   1 
ATOM   829  C CB  . GLU A 1 110 ? -3.129  -15.526 -10.481 1.00 17.48 ? 110 GLU A CB  1 
ATOM   830  C CG  . GLU A 1 110 ? -3.724  -14.909 -11.709 1.00 27.01 ? 110 GLU A CG  1 
ATOM   831  C CD  . GLU A 1 110 ? -3.471  -15.763 -12.935 1.00 30.87 ? 110 GLU A CD  1 
ATOM   832  O OE1 . GLU A 1 110 ? -2.333  -16.271 -13.082 1.00 33.87 ? 110 GLU A OE1 1 
ATOM   833  O OE2 . GLU A 1 110 ? -4.407  -15.919 -13.744 1.00 33.15 ? 110 GLU A OE2 1 
ATOM   834  N N   . VAL A 1 111 ? -1.653  -15.328 -7.650  1.00 16.16 ? 111 VAL A N   1 
ATOM   835  C CA  . VAL A 1 111 ? -0.982  -16.050 -6.572  1.00 16.80 ? 111 VAL A CA  1 
ATOM   836  C C   . VAL A 1 111 ? -1.526  -15.580 -5.231  1.00 17.24 ? 111 VAL A C   1 
ATOM   837  O O   . VAL A 1 111 ? -1.380  -16.251 -4.208  1.00 15.26 ? 111 VAL A O   1 
ATOM   838  C CB  . VAL A 1 111 ? 0.551   -15.835 -6.611  1.00 15.95 ? 111 VAL A CB  1 
ATOM   839  C CG1 . VAL A 1 111 ? 1.107   -16.332 -7.943  1.00 17.26 ? 111 VAL A CG1 1 
ATOM   840  C CG2 . VAL A 1 111 ? 0.885   -14.369 -6.411  1.00 16.31 ? 111 VAL A CG2 1 
ATOM   841  N N   . VAL A 1 112 ? -2.166  -14.418 -5.260  1.00 18.12 ? 112 VAL A N   1 
ATOM   842  C CA  . VAL A 1 112 ? -2.760  -13.812 -4.080  1.00 19.19 ? 112 VAL A CA  1 
ATOM   843  C C   . VAL A 1 112 ? -4.136  -13.268 -4.486  1.00 18.99 ? 112 VAL A C   1 
ATOM   844  O O   . VAL A 1 112 ? -4.357  -12.944 -5.653  1.00 22.15 ? 112 VAL A O   1 
ATOM   845  C CB  . VAL A 1 112 ? -1.850  -12.660 -3.570  1.00 20.81 ? 112 VAL A CB  1 
ATOM   846  C CG1 . VAL A 1 112 ? -2.678  -11.543 -3.000  1.00 19.69 ? 112 VAL A CG1 1 
ATOM   847  C CG2 . VAL A 1 112 ? -0.877  -13.191 -2.522  1.00 21.27 ? 112 VAL A CG2 1 
ATOM   848  N N   . LYS A 1 113 ? -5.064  -13.184 -3.538  1.00 17.51 ? 113 LYS A N   1 
ATOM   849  C CA  . LYS A 1 113 ? -6.393  -12.658 -3.841  1.00 17.58 ? 113 LYS A CA  1 
ATOM   850  C C   . LYS A 1 113 ? -6.401  -11.131 -3.681  1.00 16.95 ? 113 LYS A C   1 
ATOM   851  O O   . LYS A 1 113 ? -6.145  -10.618 -2.594  1.00 17.82 ? 113 LYS A O   1 
ATOM   852  C CB  . LYS A 1 113 ? -7.438  -13.269 -2.903  1.00 20.92 ? 113 LYS A CB  1 
ATOM   853  C CG  . LYS A 1 113 ? -8.862  -12.894 -3.274  1.00 24.15 ? 113 LYS A CG  1 
ATOM   854  C CD  . LYS A 1 113 ? -9.848  -13.216 -2.175  1.00 29.62 ? 113 LYS A CD  1 
ATOM   855  C CE  . LYS A 1 113 ? -11.245 -12.761 -2.572  1.00 33.62 ? 113 LYS A CE  1 
ATOM   856  N NZ  . LYS A 1 113 ? -12.244 -13.018 -1.499  1.00 38.67 ? 113 LYS A NZ  1 
ATOM   857  N N   . PRO A 1 114 ? -6.701  -10.387 -4.762  1.00 15.83 ? 114 PRO A N   1 
ATOM   858  C CA  . PRO A 1 114 ? -6.731  -8.921  -4.695  1.00 11.90 ? 114 PRO A CA  1 
ATOM   859  C C   . PRO A 1 114 ? -7.608  -8.398  -3.550  1.00 13.39 ? 114 PRO A C   1 
ATOM   860  O O   . PRO A 1 114 ? -8.607  -9.023  -3.176  1.00 14.73 ? 114 PRO A O   1 
ATOM   861  C CB  . PRO A 1 114 ? -7.278  -8.524  -6.067  1.00 10.86 ? 114 PRO A CB  1 
ATOM   862  C CG  . PRO A 1 114 ? -6.765  -9.625  -6.968  1.00 8.74  ? 114 PRO A CG  1 
ATOM   863  C CD  . PRO A 1 114 ? -7.014  -10.860 -6.124  1.00 13.24 ? 114 PRO A CD  1 
ATOM   864  N N   . ALA A 1 115 ? -7.229  -7.251  -2.994  1.00 13.90 ? 115 ALA A N   1 
ATOM   865  C CA  . ALA A 1 115 ? -7.982  -6.642  -1.901  1.00 16.75 ? 115 ALA A CA  1 
ATOM   866  C C   . ALA A 1 115 ? -9.300  -6.066  -2.413  1.00 16.54 ? 115 ALA A C   1 
ATOM   867  O O   . ALA A 1 115 ? -9.434  -5.769  -3.600  1.00 17.59 ? 115 ALA A O   1 
ATOM   868  C CB  . ALA A 1 115 ? -7.151  -5.531  -1.254  1.00 14.89 ? 115 ALA A CB  1 
ATOM   869  N N   . THR A 1 116 ? -10.267 -5.910  -1.508  1.00 13.65 ? 116 THR A N   1 
ATOM   870  C CA  . THR A 1 116 ? -11.571 -5.340  -1.839  1.00 14.73 ? 116 THR A CA  1 
ATOM   871  C C   . THR A 1 116 ? -11.524 -3.850  -1.484  1.00 11.83 ? 116 THR A C   1 
ATOM   872  O O   . THR A 1 116 ? -11.053 -3.482  -0.406  1.00 11.56 ? 116 THR A O   1 
ATOM   873  C CB  . THR A 1 116 ? -12.701 -6.007  -1.026  1.00 13.89 ? 116 THR A CB  1 
ATOM   874  O OG1 . THR A 1 116 ? -12.796 -7.395  -1.378  1.00 16.72 ? 116 THR A OG1 1 
ATOM   875  C CG2 . THR A 1 116 ? -14.037 -5.323  -1.304  1.00 11.22 ? 116 THR A CG2 1 
ATOM   876  N N   . MET A 1 117 ? -12.004 -3.000  -2.390  1.00 13.57 ? 117 MET A N   1 
ATOM   877  C CA  . MET A 1 117 ? -12.000 -1.553  -2.175  1.00 14.64 ? 117 MET A CA  1 
ATOM   878  C C   . MET A 1 117 ? -13.344 -1.093  -1.611  1.00 14.06 ? 117 MET A C   1 
ATOM   879  O O   . MET A 1 117 ? -14.398 -1.565  -2.037  1.00 13.98 ? 117 MET A O   1 
ATOM   880  C CB  . MET A 1 117 ? -11.733 -0.817  -3.497  1.00 13.41 ? 117 MET A CB  1 
ATOM   881  C CG  . MET A 1 117 ? -10.510 -1.296  -4.281  1.00 14.43 ? 117 MET A CG  1 
ATOM   882  S SD  . MET A 1 117 ? -8.940  -1.109  -3.404  1.00 13.38 ? 117 MET A SD  1 
ATOM   883  C CE  . MET A 1 117 ? -8.718  0.649   -3.515  1.00 15.59 ? 117 MET A CE  1 
ATOM   884  N N   . SER A 1 118 ? -13.315 -0.165  -0.663  1.00 15.70 ? 118 SER A N   1 
ATOM   885  C CA  . SER A 1 118 ? -14.549 0.328   -0.056  1.00 15.85 ? 118 SER A CA  1 
ATOM   886  C C   . SER A 1 118 ? -15.177 1.460   -0.858  1.00 17.29 ? 118 SER A C   1 
ATOM   887  O O   . SER A 1 118 ? -14.484 2.180   -1.587  1.00 16.08 ? 118 SER A O   1 
ATOM   888  C CB  . SER A 1 118 ? -14.272 0.822   1.370   1.00 16.99 ? 118 SER A CB  1 
ATOM   889  O OG  . SER A 1 118 ? -15.434 1.396   1.950   1.00 11.84 ? 118 SER A OG  1 
ATOM   890  N N   . ASN A 1 119 ? -16.494 1.613   -0.730  1.00 21.40 ? 119 ASN A N   1 
ATOM   891  C CA  . ASN A 1 119 ? -17.195 2.696   -1.409  1.00 23.04 ? 119 ASN A CA  1 
ATOM   892  C C   . ASN A 1 119 ? -17.101 3.951   -0.553  1.00 18.46 ? 119 ASN A C   1 
ATOM   893  O O   . ASN A 1 119 ? -17.447 5.041   -0.999  1.00 20.91 ? 119 ASN A O   1 
ATOM   894  C CB  . ASN A 1 119 ? -18.669 2.359   -1.632  1.00 30.13 ? 119 ASN A CB  1 
ATOM   895  C CG  . ASN A 1 119 ? -18.896 1.587   -2.903  1.00 37.04 ? 119 ASN A CG  1 
ATOM   896  O OD1 . ASN A 1 119 ? -18.299 1.885   -3.942  1.00 41.36 ? 119 ASN A OD1 1 
ATOM   897  N ND2 . ASN A 1 119 ? -19.778 0.599   -2.841  1.00 47.73 ? 119 ASN A ND2 1 
ATOM   898  N N   . ASN A 1 120 ? -16.639 3.774   0.683   1.00 16.33 ? 120 ASN A N   1 
ATOM   899  C CA  . ASN A 1 120 ? -16.466 4.871   1.636   1.00 17.02 ? 120 ASN A CA  1 
ATOM   900  C C   . ASN A 1 120 ? -17.726 5.670   1.957   1.00 20.88 ? 120 ASN A C   1 
ATOM   901  O O   . ASN A 1 120 ? -17.651 6.828   2.376   1.00 20.77 ? 120 ASN A O   1 
ATOM   902  C CB  . ASN A 1 120 ? -15.361 5.825   1.153   1.00 16.04 ? 120 ASN A CB  1 
ATOM   903  C CG  . ASN A 1 120 ? -13.962 5.334   1.522   1.00 15.36 ? 120 ASN A CG  1 
ATOM   904  O OD1 . ASN A 1 120 ? -13.742 4.863   2.638   1.00 12.71 ? 120 ASN A OD1 1 
ATOM   905  N ND2 . ASN A 1 120 ? -13.010 5.456   0.591   1.00 10.90 ? 120 ASN A ND2 1 
ATOM   906  N N   . ALA A 1 121 ? -18.884 5.041   1.789   1.00 23.86 ? 121 ALA A N   1 
ATOM   907  C CA  . ALA A 1 121 ? -20.157 5.701   2.054   1.00 27.22 ? 121 ALA A CA  1 
ATOM   908  C C   . ALA A 1 121 ? -20.417 5.919   3.540   1.00 28.28 ? 121 ALA A C   1 
ATOM   909  O O   . ALA A 1 121 ? -21.128 6.846   3.918   1.00 30.05 ? 121 ALA A O   1 
ATOM   910  C CB  . ALA A 1 121 ? -21.291 4.889   1.446   1.00 23.85 ? 121 ALA A CB  1 
ATOM   911  N N   . GLU A 1 122 ? -19.835 5.072   4.383   1.00 27.35 ? 122 GLU A N   1 
ATOM   912  C CA  . GLU A 1 122 ? -20.048 5.182   5.822   1.00 28.13 ? 122 GLU A CA  1 
ATOM   913  C C   . GLU A 1 122 ? -18.806 5.579   6.616   1.00 22.87 ? 122 GLU A C   1 
ATOM   914  O O   . GLU A 1 122 ? -18.844 5.625   7.849   1.00 21.97 ? 122 GLU A O   1 
ATOM   915  C CB  . GLU A 1 122 ? -20.591 3.856   6.355   1.00 34.75 ? 122 GLU A CB  1 
ATOM   916  C CG  . GLU A 1 122 ? -21.880 3.407   5.684   1.00 46.67 ? 122 GLU A CG  1 
ATOM   917  C CD  . GLU A 1 122 ? -22.321 2.027   6.134   1.00 51.84 ? 122 GLU A CD  1 
ATOM   918  O OE1 . GLU A 1 122 ? -22.538 1.835   7.349   1.00 55.76 ? 122 GLU A OE1 1 
ATOM   919  O OE2 . GLU A 1 122 ? -22.452 1.135   5.270   1.00 52.67 ? 122 GLU A OE2 1 
ATOM   920  N N   . THR A 1 123 ? -17.713 5.870   5.917   1.00 19.03 ? 123 THR A N   1 
ATOM   921  C CA  . THR A 1 123 ? -16.465 6.249   6.576   1.00 17.39 ? 123 THR A CA  1 
ATOM   922  C C   . THR A 1 123 ? -16.601 7.618   7.235   1.00 18.71 ? 123 THR A C   1 
ATOM   923  O O   . THR A 1 123 ? -17.093 8.564   6.620   1.00 18.12 ? 123 THR A O   1 
ATOM   924  C CB  . THR A 1 123 ? -15.302 6.289   5.571   1.00 14.62 ? 123 THR A CB  1 
ATOM   925  O OG1 . THR A 1 123 ? -15.250 5.047   4.854   1.00 15.79 ? 123 THR A OG1 1 
ATOM   926  C CG2 . THR A 1 123 ? -13.979 6.504   6.295   1.00 18.50 ? 123 THR A CG2 1 
ATOM   927  N N   . GLN A 1 124 ? -16.167 7.720   8.489   1.00 19.83 ? 124 GLN A N   1 
ATOM   928  C CA  . GLN A 1 124 ? -16.253 8.977   9.227   1.00 19.53 ? 124 GLN A CA  1 
ATOM   929  C C   . GLN A 1 124 ? -15.172 9.136   10.289  1.00 15.29 ? 124 GLN A C   1 
ATOM   930  O O   . GLN A 1 124 ? -14.483 8.177   10.644  1.00 16.07 ? 124 GLN A O   1 
ATOM   931  C CB  . GLN A 1 124 ? -17.637 9.115   9.876   1.00 23.58 ? 124 GLN A CB  1 
ATOM   932  C CG  . GLN A 1 124 ? -18.175 7.833   10.487  1.00 31.17 ? 124 GLN A CG  1 
ATOM   933  C CD  . GLN A 1 124 ? -19.528 8.022   11.158  1.00 36.64 ? 124 GLN A CD  1 
ATOM   934  O OE1 . GLN A 1 124 ? -19.612 8.492   12.289  1.00 40.15 ? 124 GLN A OE1 1 
ATOM   935  N NE2 . GLN A 1 124 ? -20.595 7.661   10.452  1.00 37.41 ? 124 GLN A NE2 1 
ATOM   936  N N   . THR A 1 125 ? -15.028 10.361  10.786  1.00 17.81 ? 125 THR A N   1 
ATOM   937  C CA  . THR A 1 125 ? -14.043 10.678  11.813  1.00 18.33 ? 125 THR A CA  1 
ATOM   938  C C   . THR A 1 125 ? -14.299 9.873   13.086  1.00 18.01 ? 125 THR A C   1 
ATOM   939  O O   . THR A 1 125 ? -15.446 9.599   13.432  1.00 19.27 ? 125 THR A O   1 
ATOM   940  C CB  . THR A 1 125 ? -14.071 12.197  12.146  1.00 19.71 ? 125 THR A CB  1 
ATOM   941  O OG1 . THR A 1 125 ? -13.579 12.939  11.021  1.00 21.87 ? 125 THR A OG1 1 
ATOM   942  C CG2 . THR A 1 125 ? -13.205 12.510  13.367  1.00 19.68 ? 125 THR A CG2 1 
ATOM   943  N N   . ASN A 1 126 ? -13.218 9.488   13.762  1.00 20.54 ? 126 ASN A N   1 
ATOM   944  C CA  . ASN A 1 126 ? -13.270 8.719   15.007  1.00 22.49 ? 126 ASN A CA  1 
ATOM   945  C C   . ASN A 1 126 ? -13.422 7.204   14.885  1.00 19.92 ? 126 ASN A C   1 
ATOM   946  O O   . ASN A 1 126 ? -13.508 6.515   15.900  1.00 20.73 ? 126 ASN A O   1 
ATOM   947  C CB  . ASN A 1 126 ? -14.369 9.250   15.936  1.00 29.01 ? 126 ASN A CB  1 
ATOM   948  C CG  . ASN A 1 126 ? -13.958 10.521  16.659  1.00 35.23 ? 126 ASN A CG  1 
ATOM   949  O OD1 . ASN A 1 126 ? -12.864 10.598  17.219  1.00 37.54 ? 126 ASN A OD1 1 
ATOM   950  N ND2 . ASN A 1 126 ? -14.835 11.520  16.661  1.00 36.33 ? 126 ASN A ND2 1 
ATOM   951  N N   . GLN A 1 127 ? -13.451 6.674   13.668  1.00 19.57 ? 127 GLN A N   1 
ATOM   952  C CA  . GLN A 1 127 ? -13.578 5.226   13.495  1.00 19.50 ? 127 GLN A CA  1 
ATOM   953  C C   . GLN A 1 127 ? -12.210 4.559   13.630  1.00 17.40 ? 127 GLN A C   1 
ATOM   954  O O   . GLN A 1 127 ? -11.192 5.158   13.293  1.00 12.61 ? 127 GLN A O   1 
ATOM   955  C CB  . GLN A 1 127 ? -14.164 4.889   12.120  1.00 21.42 ? 127 GLN A CB  1 
ATOM   956  C CG  . GLN A 1 127 ? -15.577 5.392   11.893  1.00 26.97 ? 127 GLN A CG  1 
ATOM   957  C CD  . GLN A 1 127 ? -16.104 5.011   10.525  1.00 28.01 ? 127 GLN A CD  1 
ATOM   958  O OE1 . GLN A 1 127 ? -15.393 5.123   9.526   1.00 32.27 ? 127 GLN A OE1 1 
ATOM   959  N NE2 . GLN A 1 127 ? -17.357 4.565   10.469  1.00 32.76 ? 127 GLN A NE2 1 
ATOM   960  N N   . ASN A 1 128 ? -12.191 3.320   14.118  1.00 13.85 ? 128 ASN A N   1 
ATOM   961  C CA  . ASN A 1 128 ? -10.937 2.591   14.277  1.00 17.15 ? 128 ASN A CA  1 
ATOM   962  C C   . ASN A 1 128 ? -10.484 2.006   12.944  1.00 15.90 ? 128 ASN A C   1 
ATOM   963  O O   . ASN A 1 128 ? -11.286 1.430   12.210  1.00 14.56 ? 128 ASN A O   1 
ATOM   964  C CB  . ASN A 1 128 ? -11.095 1.454   15.291  1.00 20.10 ? 128 ASN A CB  1 
ATOM   965  C CG  . ASN A 1 128 ? -11.370 1.955   16.687  1.00 23.30 ? 128 ASN A CG  1 
ATOM   966  O OD1 . ASN A 1 128 ? -10.654 2.811   17.203  1.00 26.43 ? 128 ASN A OD1 1 
ATOM   967  N ND2 . ASN A 1 128 ? -12.411 1.417   17.314  1.00 27.54 ? 128 ASN A ND2 1 
ATOM   968  N N   . ILE A 1 129 ? -9.199  2.156   12.641  1.00 13.79 ? 129 ILE A N   1 
ATOM   969  C CA  . ILE A 1 129 ? -8.626  1.649   11.399  1.00 12.05 ? 129 ILE A CA  1 
ATOM   970  C C   . ILE A 1 129 ? -7.260  1.039   11.692  1.00 13.11 ? 129 ILE A C   1 
ATOM   971  O O   . ILE A 1 129 ? -6.764  1.116   12.820  1.00 12.94 ? 129 ILE A O   1 
ATOM   972  C CB  . ILE A 1 129 ? -8.393  2.791   10.373  1.00 12.93 ? 129 ILE A CB  1 
ATOM   973  C CG1 . ILE A 1 129 ? -7.548  3.901   11.024  1.00 11.11 ? 129 ILE A CG1 1 
ATOM   974  C CG2 . ILE A 1 129 ? -9.733  3.342   9.862   1.00 10.22 ? 129 ILE A CG2 1 
ATOM   975  C CD1 . ILE A 1 129 ? -6.997  4.930   10.049  1.00 12.35 ? 129 ILE A CD1 1 
ATOM   976  N N   . THR A 1 130 ? -6.666  0.426   10.669  1.00 13.66 ? 130 THR A N   1 
ATOM   977  C CA  . THR A 1 130 ? -5.321  -0.137  10.765  1.00 14.13 ? 130 THR A CA  1 
ATOM   978  C C   . THR A 1 130 ? -4.582  0.209   9.474   1.00 13.18 ? 130 THR A C   1 
ATOM   979  O O   . THR A 1 130 ? -5.198  0.318   8.408   1.00 14.55 ? 130 THR A O   1 
ATOM   980  C CB  . THR A 1 130 ? -5.308  -1.687  10.912  1.00 11.23 ? 130 THR A CB  1 
ATOM   981  O OG1 . THR A 1 130 ? -5.987  -2.289  9.803   1.00 13.33 ? 130 THR A OG1 1 
ATOM   982  C CG2 . THR A 1 130 ? -5.964  -2.110  12.223  1.00 12.91 ? 130 THR A CG2 1 
ATOM   983  N N   . VAL A 1 131 ? -3.271  0.412   9.586   1.00 12.05 ? 131 VAL A N   1 
ATOM   984  C CA  . VAL A 1 131 ? -2.408  0.690   8.436   1.00 13.32 ? 131 VAL A CA  1 
ATOM   985  C C   . VAL A 1 131 ? -1.370  -0.423  8.513   1.00 10.41 ? 131 VAL A C   1 
ATOM   986  O O   . VAL A 1 131 ? -0.596  -0.501  9.468   1.00 12.67 ? 131 VAL A O   1 
ATOM   987  C CB  . VAL A 1 131 ? -1.736  2.073   8.541   1.00 10.30 ? 131 VAL A CB  1 
ATOM   988  C CG1 . VAL A 1 131 ? -0.646  2.220   7.480   1.00 11.42 ? 131 VAL A CG1 1 
ATOM   989  C CG2 . VAL A 1 131 ? -2.784  3.159   8.350   1.00 11.17 ? 131 VAL A CG2 1 
ATOM   990  N N   . THR A 1 132 ? -1.369  -1.290  7.507   1.00 10.41 ? 132 THR A N   1 
ATOM   991  C CA  . THR A 1 132 ? -0.485  -2.447  7.493   1.00 9.38  ? 132 THR A CA  1 
ATOM   992  C C   . THR A 1 132 ? 0.507   -2.433  6.338   1.00 9.87  ? 132 THR A C   1 
ATOM   993  O O   . THR A 1 132 ? 0.130   -2.262  5.178   1.00 9.28  ? 132 THR A O   1 
ATOM   994  C CB  . THR A 1 132 ? -1.347  -3.716  7.454   1.00 10.65 ? 132 THR A CB  1 
ATOM   995  O OG1 . THR A 1 132 ? -2.328  -3.627  8.497   1.00 14.21 ? 132 THR A OG1 1 
ATOM   996  C CG2 . THR A 1 132 ? -0.499  -4.978  7.660   1.00 7.91  ? 132 THR A CG2 1 
ATOM   997  N N   . GLY A 1 133 ? 1.781   -2.613  6.669   1.00 8.88  ? 133 GLY A N   1 
ATOM   998  C CA  . GLY A 1 133 ? 2.821   -2.597  5.660   1.00 10.02 ? 133 GLY A CA  1 
ATOM   999  C C   . GLY A 1 133 ? 4.182   -2.979  6.207   1.00 8.90  ? 133 GLY A C   1 
ATOM   1000 O O   . GLY A 1 133 ? 4.280   -3.743  7.172   1.00 9.19  ? 133 GLY A O   1 
ATOM   1001 N N   . TYR A 1 134 ? 5.238   -2.429  5.609   1.00 9.64  ? 134 TYR A N   1 
ATOM   1002 C CA  . TYR A 1 134 ? 6.605   -2.766  6.004   1.00 12.91 ? 134 TYR A CA  1 
ATOM   1003 C C   . TYR A 1 134 ? 7.461   -1.599  6.519   1.00 11.85 ? 134 TYR A C   1 
ATOM   1004 O O   . TYR A 1 134 ? 8.182   -0.956  5.751   1.00 10.59 ? 134 TYR A O   1 
ATOM   1005 C CB  . TYR A 1 134 ? 7.306   -3.449  4.821   1.00 10.29 ? 134 TYR A CB  1 
ATOM   1006 C CG  . TYR A 1 134 ? 6.645   -4.755  4.398   1.00 12.26 ? 134 TYR A CG  1 
ATOM   1007 C CD1 . TYR A 1 134 ? 5.501   -4.766  3.587   1.00 11.99 ? 134 TYR A CD1 1 
ATOM   1008 C CD2 . TYR A 1 134 ? 7.135   -5.978  4.857   1.00 10.13 ? 134 TYR A CD2 1 
ATOM   1009 C CE1 . TYR A 1 134 ? 4.861   -5.974  3.247   1.00 10.99 ? 134 TYR A CE1 1 
ATOM   1010 C CE2 . TYR A 1 134 ? 6.511   -7.182  4.531   1.00 6.93  ? 134 TYR A CE2 1 
ATOM   1011 C CZ  . TYR A 1 134 ? 5.377   -7.175  3.726   1.00 11.58 ? 134 TYR A CZ  1 
ATOM   1012 O OH  . TYR A 1 134 ? 4.781   -8.378  3.410   1.00 9.78  ? 134 TYR A OH  1 
ATOM   1013 N N   . PRO A 1 135 ? 7.408   -1.325  7.835   1.00 12.17 ? 135 PRO A N   1 
ATOM   1014 C CA  . PRO A 1 135 ? 8.175   -0.237  8.461   1.00 9.50  ? 135 PRO A CA  1 
ATOM   1015 C C   . PRO A 1 135 ? 9.683   -0.474  8.472   1.00 11.73 ? 135 PRO A C   1 
ATOM   1016 O O   . PRO A 1 135 ? 10.146  -1.570  8.794   1.00 11.50 ? 135 PRO A O   1 
ATOM   1017 C CB  . PRO A 1 135 ? 7.590   -0.168  9.876   1.00 12.29 ? 135 PRO A CB  1 
ATOM   1018 C CG  . PRO A 1 135 ? 7.206   -1.584  10.144  1.00 13.66 ? 135 PRO A CG  1 
ATOM   1019 C CD  . PRO A 1 135 ? 6.578   -2.022  8.832   1.00 7.65  ? 135 PRO A CD  1 
ATOM   1020 N N   . GLY A 1 136 ? 10.440  0.567   8.142   1.00 14.15 ? 136 GLY A N   1 
ATOM   1021 C CA  . GLY A 1 136 ? 11.889  0.460   8.092   1.00 13.16 ? 136 GLY A CA  1 
ATOM   1022 C C   . GLY A 1 136 ? 12.662  0.438   9.402   1.00 13.79 ? 136 GLY A C   1 
ATOM   1023 O O   . GLY A 1 136 ? 13.884  0.292   9.383   1.00 14.08 ? 136 GLY A O   1 
ATOM   1024 N N   . ASP A 1 137 ? 11.987  0.588   10.538  1.00 15.58 ? 137 ASP A N   1 
ATOM   1025 C CA  . ASP A 1 137 ? 12.701  0.558   11.816  1.00 15.74 ? 137 ASP A CA  1 
ATOM   1026 C C   . ASP A 1 137 ? 12.629  -0.830  12.454  1.00 14.43 ? 137 ASP A C   1 
ATOM   1027 O O   . ASP A 1 137 ? 13.106  -1.040  13.573  1.00 13.48 ? 137 ASP A O   1 
ATOM   1028 C CB  . ASP A 1 137 ? 12.145  1.613   12.790  1.00 14.58 ? 137 ASP A CB  1 
ATOM   1029 C CG  . ASP A 1 137 ? 10.689  1.379   13.155  1.00 15.89 ? 137 ASP A CG  1 
ATOM   1030 O OD1 . ASP A 1 137 ? 10.307  1.716   14.299  1.00 17.73 ? 137 ASP A OD1 1 
ATOM   1031 O OD2 . ASP A 1 137 ? 9.917   0.876   12.303  1.00 14.18 ? 137 ASP A OD2 1 
ATOM   1032 N N   . LYS A 1 138 ? 12.040  -1.775  11.725  1.00 14.90 ? 138 LYS A N   1 
ATOM   1033 C CA  . LYS A 1 138 ? 11.894  -3.154  12.184  1.00 14.53 ? 138 LYS A CA  1 
ATOM   1034 C C   . LYS A 1 138 ? 12.767  -4.049  11.306  1.00 15.57 ? 138 LYS A C   1 
ATOM   1035 O O   . LYS A 1 138 ? 13.341  -3.586  10.316  1.00 14.56 ? 138 LYS A O   1 
ATOM   1036 C CB  . LYS A 1 138 ? 10.432  -3.588  12.068  1.00 13.10 ? 138 LYS A CB  1 
ATOM   1037 C CG  . LYS A 1 138 ? 9.454   -2.767  12.901  1.00 14.04 ? 138 LYS A CG  1 
ATOM   1038 C CD  . LYS A 1 138 ? 9.719   -2.925  14.398  1.00 15.35 ? 138 LYS A CD  1 
ATOM   1039 C CE  . LYS A 1 138 ? 8.634   -2.254  15.224  1.00 16.94 ? 138 LYS A CE  1 
ATOM   1040 N NZ  . LYS A 1 138 ? 8.850   -2.452  16.687  1.00 18.64 ? 138 LYS A NZ  1 
ATOM   1041 N N   . PRO A 1 139 ? 12.886  -5.343  11.649  1.00 14.76 ? 139 PRO A N   1 
ATOM   1042 C CA  . PRO A 1 139 ? 13.721  -6.218  10.814  1.00 17.33 ? 139 PRO A CA  1 
ATOM   1043 C C   . PRO A 1 139 ? 13.283  -6.178  9.347   1.00 17.53 ? 139 PRO A C   1 
ATOM   1044 O O   . PRO A 1 139 ? 12.093  -6.105  9.046   1.00 15.40 ? 139 PRO A O   1 
ATOM   1045 C CB  . PRO A 1 139 ? 13.518  -7.590  11.446  1.00 13.95 ? 139 PRO A CB  1 
ATOM   1046 C CG  . PRO A 1 139 ? 13.282  -7.259  12.901  1.00 17.09 ? 139 PRO A CG  1 
ATOM   1047 C CD  . PRO A 1 139 ? 12.345  -6.077  12.806  1.00 16.57 ? 139 PRO A CD  1 
ATOM   1048 N N   . VAL A 1 140 ? 14.254  -6.230  8.444   1.00 19.77 ? 140 VAL A N   1 
ATOM   1049 C CA  . VAL A 1 140 ? 13.992  -6.178  7.009   1.00 20.49 ? 140 VAL A CA  1 
ATOM   1050 C C   . VAL A 1 140 ? 12.870  -7.094  6.524   1.00 17.98 ? 140 VAL A C   1 
ATOM   1051 O O   . VAL A 1 140 ? 12.818  -8.280  6.854   1.00 13.94 ? 140 VAL A O   1 
ATOM   1052 C CB  . VAL A 1 140 ? 15.269  -6.515  6.199   1.00 22.93 ? 140 VAL A CB  1 
ATOM   1053 C CG1 . VAL A 1 140 ? 14.956  -6.539  4.707   1.00 23.92 ? 140 VAL A CG1 1 
ATOM   1054 C CG2 . VAL A 1 140 ? 16.357  -5.492  6.495   1.00 22.40 ? 140 VAL A CG2 1 
ATOM   1055 N N   . ALA A 1 141 ? 11.974  -6.515  5.735   1.00 16.19 ? 141 ALA A N   1 
ATOM   1056 C CA  . ALA A 1 141 ? 10.853  -7.229  5.137   1.00 15.37 ? 141 ALA A CA  1 
ATOM   1057 C C   . ALA A 1 141 ? 9.855   -7.917  6.072   1.00 13.26 ? 141 ALA A C   1 
ATOM   1058 O O   . ALA A 1 141 ? 9.317   -8.968  5.722   1.00 12.93 ? 141 ALA A O   1 
ATOM   1059 C CB  . ALA A 1 141 ? 11.379  -8.240  4.112   1.00 12.88 ? 141 ALA A CB  1 
ATOM   1060 N N   . THR A 1 142 ? 9.603   -7.350  7.250   1.00 11.85 ? 142 THR A N   1 
ATOM   1061 C CA  . THR A 1 142 ? 8.614   -7.946  8.153   1.00 11.18 ? 142 THR A CA  1 
ATOM   1062 C C   . THR A 1 142 ? 7.341   -7.095  8.127   1.00 10.21 ? 142 THR A C   1 
ATOM   1063 O O   . THR A 1 142 ? 7.413   -5.864  8.107   1.00 11.46 ? 142 THR A O   1 
ATOM   1064 C CB  . THR A 1 142 ? 9.133   -8.070  9.608   1.00 9.78  ? 142 THR A CB  1 
ATOM   1065 O OG1 . THR A 1 142 ? 9.640   -6.810  10.059  1.00 11.18 ? 142 THR A OG1 1 
ATOM   1066 C CG2 . THR A 1 142 ? 10.227  -9.117  9.685   1.00 10.24 ? 142 THR A CG2 1 
ATOM   1067 N N   . MET A 1 143 ? 6.184   -7.757  8.113   1.00 11.62 ? 143 MET A N   1 
ATOM   1068 C CA  . MET A 1 143 ? 4.892   -7.069  8.053   1.00 9.44  ? 143 MET A CA  1 
ATOM   1069 C C   . MET A 1 143 ? 4.359   -6.707  9.430   1.00 10.27 ? 143 MET A C   1 
ATOM   1070 O O   . MET A 1 143 ? 4.300   -7.558  10.321  1.00 9.51  ? 143 MET A O   1 
ATOM   1071 C CB  . MET A 1 143 ? 3.864   -7.953  7.337   1.00 8.59  ? 143 MET A CB  1 
ATOM   1072 C CG  . MET A 1 143 ? 2.550   -7.245  7.008   1.00 8.12  ? 143 MET A CG  1 
ATOM   1073 S SD  . MET A 1 143 ? 1.254   -8.372  6.442   1.00 19.68 ? 143 MET A SD  1 
ATOM   1074 C CE  . MET A 1 143 ? 1.886   -8.836  4.817   1.00 13.40 ? 143 MET A CE  1 
ATOM   1075 N N   . TRP A 1 144 ? 3.954   -5.450  9.592   1.00 12.28 ? 144 TRP A N   1 
ATOM   1076 C CA  . TRP A 1 144 ? 3.424   -4.964  10.862  1.00 13.22 ? 144 TRP A CA  1 
ATOM   1077 C C   . TRP A 1 144 ? 2.101   -4.218  10.684  1.00 11.51 ? 144 TRP A C   1 
ATOM   1078 O O   . TRP A 1 144 ? 1.922   -3.458  9.727   1.00 10.77 ? 144 TRP A O   1 
ATOM   1079 C CB  . TRP A 1 144 ? 4.442   -4.034  11.539  1.00 12.73 ? 144 TRP A CB  1 
ATOM   1080 C CG  . TRP A 1 144 ? 5.720   -4.717  11.930  1.00 11.73 ? 144 TRP A CG  1 
ATOM   1081 C CD1 . TRP A 1 144 ? 6.707   -5.172  11.092  1.00 9.76  ? 144 TRP A CD1 1 
ATOM   1082 C CD2 . TRP A 1 144 ? 6.136   -5.060  13.261  1.00 9.53  ? 144 TRP A CD2 1 
ATOM   1083 N NE1 . TRP A 1 144 ? 7.706   -5.779  11.819  1.00 12.18 ? 144 TRP A NE1 1 
ATOM   1084 C CE2 . TRP A 1 144 ? 7.383   -5.723  13.153  1.00 13.68 ? 144 TRP A CE2 1 
ATOM   1085 C CE3 . TRP A 1 144 ? 5.573   -4.872  14.535  1.00 7.91  ? 144 TRP A CE3 1 
ATOM   1086 C CZ2 . TRP A 1 144 ? 8.079   -6.200  14.273  1.00 9.70  ? 144 TRP A CZ2 1 
ATOM   1087 C CZ3 . TRP A 1 144 ? 6.266   -5.349  15.654  1.00 10.33 ? 144 TRP A CZ3 1 
ATOM   1088 C CH2 . TRP A 1 144 ? 7.507   -6.006  15.511  1.00 8.55  ? 144 TRP A CH2 1 
ATOM   1089 N N   . GLU A 1 145 ? 1.181   -4.443  11.618  1.00 11.86 ? 145 GLU A N   1 
ATOM   1090 C CA  . GLU A 1 145 ? -0.134  -3.810  11.613  1.00 13.94 ? 145 GLU A CA  1 
ATOM   1091 C C   . GLU A 1 145 ? -0.152  -2.689  12.666  1.00 13.63 ? 145 GLU A C   1 
ATOM   1092 O O   . GLU A 1 145 ? 0.155   -2.931  13.832  1.00 16.10 ? 145 GLU A O   1 
ATOM   1093 C CB  . GLU A 1 145 ? -1.196  -4.862  11.946  1.00 13.82 ? 145 GLU A CB  1 
ATOM   1094 C CG  . GLU A 1 145 ? -2.631  -4.381  11.896  1.00 16.67 ? 145 GLU A CG  1 
ATOM   1095 C CD  . GLU A 1 145 ? -3.609  -5.494  12.242  1.00 19.92 ? 145 GLU A CD  1 
ATOM   1096 O OE1 . GLU A 1 145 ? -3.683  -5.875  13.429  1.00 23.54 ? 145 GLU A OE1 1 
ATOM   1097 O OE2 . GLU A 1 145 ? -4.292  -5.996  11.326  1.00 21.14 ? 145 GLU A OE2 1 
ATOM   1098 N N   . SER A 1 146 ? -0.511  -1.473  12.251  1.00 12.87 ? 146 SER A N   1 
ATOM   1099 C CA  . SER A 1 146 ? -0.559  -0.319  13.157  1.00 13.81 ? 146 SER A CA  1 
ATOM   1100 C C   . SER A 1 146 ? -2.014  0.094   13.410  1.00 14.07 ? 146 SER A C   1 
ATOM   1101 O O   . SER A 1 146 ? -2.786  0.275   12.468  1.00 13.63 ? 146 SER A O   1 
ATOM   1102 C CB  . SER A 1 146 ? 0.228   0.849   12.550  1.00 10.49 ? 146 SER A CB  1 
ATOM   1103 O OG  . SER A 1 146 ? 0.378   1.907   13.481  1.00 12.68 ? 146 SER A OG  1 
ATOM   1104 N N   . LYS A 1 147 ? -2.374  0.254   14.681  1.00 14.49 ? 147 LYS A N   1 
ATOM   1105 C CA  . LYS A 1 147 ? -3.741  0.594   15.076  1.00 11.56 ? 147 LYS A CA  1 
ATOM   1106 C C   . LYS A 1 147 ? -3.953  2.033   15.554  1.00 12.06 ? 147 LYS A C   1 
ATOM   1107 O O   . LYS A 1 147 ? -3.133  2.583   16.295  1.00 13.26 ? 147 LYS A O   1 
ATOM   1108 C CB  . LYS A 1 147 ? -4.184  -0.389  16.160  1.00 13.57 ? 147 LYS A CB  1 
ATOM   1109 C CG  . LYS A 1 147 ? -4.113  -1.841  15.683  1.00 17.90 ? 147 LYS A CG  1 
ATOM   1110 C CD  . LYS A 1 147 ? -3.794  -2.829  16.798  1.00 20.65 ? 147 LYS A CD  1 
ATOM   1111 C CE  . LYS A 1 147 ? -4.947  -2.992  17.766  1.00 23.08 ? 147 LYS A CE  1 
ATOM   1112 N NZ  . LYS A 1 147 ? -5.081  -1.814  18.648  1.00 34.44 ? 147 LYS A NZ  1 
ATOM   1113 N N   . GLY A 1 148 ? -5.069  2.629   15.130  1.00 13.46 ? 148 GLY A N   1 
ATOM   1114 C CA  . GLY A 1 148 ? -5.389  4.001   15.504  1.00 12.69 ? 148 GLY A CA  1 
ATOM   1115 C C   . GLY A 1 148 ? -6.785  4.420   15.060  1.00 15.34 ? 148 GLY A C   1 
ATOM   1116 O O   . GLY A 1 148 ? -7.614  3.570   14.734  1.00 15.06 ? 148 GLY A O   1 
ATOM   1117 N N   . LYS A 1 149 ? -7.045  5.728   15.048  1.00 16.39 ? 149 LYS A N   1 
ATOM   1118 C CA  . LYS A 1 149 ? -8.344  6.274   14.650  1.00 18.05 ? 149 LYS A CA  1 
ATOM   1119 C C   . LYS A 1 149 ? -8.221  7.381   13.606  1.00 14.42 ? 149 LYS A C   1 
ATOM   1120 O O   . LYS A 1 149 ? -7.187  8.046   13.513  1.00 15.56 ? 149 LYS A O   1 
ATOM   1121 C CB  . LYS A 1 149 ? -9.072  6.875   15.859  1.00 19.91 ? 149 LYS A CB  1 
ATOM   1122 C CG  . LYS A 1 149 ? -9.635  5.887   16.857  1.00 27.73 ? 149 LYS A CG  1 
ATOM   1123 C CD  . LYS A 1 149 ? -10.248 6.633   18.045  1.00 30.19 ? 149 LYS A CD  1 
ATOM   1124 C CE  . LYS A 1 149 ? -10.997 5.691   18.973  1.00 33.15 ? 149 LYS A CE  1 
ATOM   1125 N NZ  . LYS A 1 149 ? -12.181 5.074   18.304  1.00 36.22 ? 149 LYS A NZ  1 
ATOM   1126 N N   . ILE A 1 150 ? -9.288  7.585   12.839  1.00 15.71 ? 150 ILE A N   1 
ATOM   1127 C CA  . ILE A 1 150 ? -9.321  8.650   11.836  1.00 14.32 ? 150 ILE A CA  1 
ATOM   1128 C C   . ILE A 1 150 ? -9.586  9.945   12.599  1.00 16.50 ? 150 ILE A C   1 
ATOM   1129 O O   . ILE A 1 150 ? -10.489 9.996   13.440  1.00 14.90 ? 150 ILE A O   1 
ATOM   1130 C CB  . ILE A 1 150 ? -10.462 8.435   10.815  1.00 14.59 ? 150 ILE A CB  1 
ATOM   1131 C CG1 . ILE A 1 150 ? -10.195 7.172   9.991   1.00 12.96 ? 150 ILE A CG1 1 
ATOM   1132 C CG2 . ILE A 1 150 ? -10.580 9.657   9.895   1.00 10.99 ? 150 ILE A CG2 1 
ATOM   1133 C CD1 . ILE A 1 150 ? -11.311 6.828   9.008   1.00 12.80 ? 150 ILE A CD1 1 
ATOM   1134 N N   . THR A 1 151 ? -8.804  10.983  12.313  1.00 15.03 ? 151 THR A N   1 
ATOM   1135 C CA  . THR A 1 151 ? -8.949  12.271  12.997  1.00 16.06 ? 151 THR A CA  1 
ATOM   1136 C C   . THR A 1 151 ? -9.321  13.440  12.079  1.00 19.83 ? 151 THR A C   1 
ATOM   1137 O O   . THR A 1 151 ? -9.625  14.531  12.560  1.00 19.80 ? 151 THR A O   1 
ATOM   1138 C CB  . THR A 1 151 ? -7.638  12.665  13.716  1.00 14.90 ? 151 THR A CB  1 
ATOM   1139 O OG1 . THR A 1 151 ? -6.598  12.864  12.748  1.00 25.02 ? 151 THR A OG1 1 
ATOM   1140 C CG2 . THR A 1 151 ? -7.210  11.580  14.680  1.00 16.30 ? 151 THR A CG2 1 
ATOM   1141 N N   . TYR A 1 152 ? -9.314  13.214  10.767  1.00 20.24 ? 152 TYR A N   1 
ATOM   1142 C CA  . TYR A 1 152 ? -9.600  14.285  9.815   1.00 18.04 ? 152 TYR A CA  1 
ATOM   1143 C C   . TYR A 1 152 ? -9.991  13.737  8.442   1.00 17.80 ? 152 TYR A C   1 
ATOM   1144 O O   . TYR A 1 152 ? -9.338  12.832  7.924   1.00 15.88 ? 152 TYR A O   1 
ATOM   1145 C CB  . TYR A 1 152 ? -8.340  15.152  9.688   1.00 20.61 ? 152 TYR A CB  1 
ATOM   1146 C CG  . TYR A 1 152 ? -8.371  16.270  8.668   1.00 21.79 ? 152 TYR A CG  1 
ATOM   1147 C CD1 . TYR A 1 152 ? -8.682  17.574  9.045   1.00 23.28 ? 152 TYR A CD1 1 
ATOM   1148 C CD2 . TYR A 1 152 ? -7.998  16.041  7.343   1.00 26.22 ? 152 TYR A CD2 1 
ATOM   1149 C CE1 . TYR A 1 152 ? -8.608  18.630  8.131   1.00 26.24 ? 152 TYR A CE1 1 
ATOM   1150 C CE2 . TYR A 1 152 ? -7.923  17.088  6.420   1.00 28.01 ? 152 TYR A CE2 1 
ATOM   1151 C CZ  . TYR A 1 152 ? -8.223  18.380  6.823   1.00 28.10 ? 152 TYR A CZ  1 
ATOM   1152 O OH  . TYR A 1 152 ? -8.113  19.424  5.929   1.00 31.88 ? 152 TYR A OH  1 
ATOM   1153 N N   . LEU A 1 153 ? -11.052 14.295  7.860   1.00 16.31 ? 153 LEU A N   1 
ATOM   1154 C CA  . LEU A 1 153 ? -11.530 13.892  6.534   1.00 15.87 ? 153 LEU A CA  1 
ATOM   1155 C C   . LEU A 1 153 ? -12.014 15.122  5.759   1.00 17.97 ? 153 LEU A C   1 
ATOM   1156 O O   . LEU A 1 153 ? -12.929 15.823  6.207   1.00 18.99 ? 153 LEU A O   1 
ATOM   1157 C CB  . LEU A 1 153 ? -12.695 12.899  6.639   1.00 18.03 ? 153 LEU A CB  1 
ATOM   1158 C CG  . LEU A 1 153 ? -12.466 11.408  6.894   1.00 21.16 ? 153 LEU A CG  1 
ATOM   1159 C CD1 . LEU A 1 153 ? -13.823 10.734  7.067   1.00 18.80 ? 153 LEU A CD1 1 
ATOM   1160 C CD2 . LEU A 1 153 ? -11.700 10.773  5.737   1.00 19.92 ? 153 LEU A CD2 1 
ATOM   1161 N N   . LYS A 1 154 ? -11.398 15.383  4.609   1.00 16.88 ? 154 LYS A N   1 
ATOM   1162 C CA  . LYS A 1 154 ? -11.778 16.516  3.767   1.00 17.43 ? 154 LYS A CA  1 
ATOM   1163 C C   . LYS A 1 154 ? -11.306 16.303  2.338   1.00 14.35 ? 154 LYS A C   1 
ATOM   1164 O O   . LYS A 1 154 ? -10.115 16.147  2.091   1.00 12.45 ? 154 LYS A O   1 
ATOM   1165 C CB  . LYS A 1 154 ? -11.200 17.831  4.312   1.00 19.75 ? 154 LYS A CB  1 
ATOM   1166 C CG  . LYS A 1 154 ? -11.425 19.021  3.375   1.00 20.07 ? 154 LYS A CG  1 
ATOM   1167 C CD  . LYS A 1 154 ? -11.750 20.312  4.112   1.00 25.80 ? 154 LYS A CD  1 
ATOM   1168 C CE  . LYS A 1 154 ? -10.566 20.850  4.890   1.00 29.38 ? 154 LYS A CE  1 
ATOM   1169 N NZ  . LYS A 1 154 ? -9.430  21.177  3.992   1.00 35.26 ? 154 LYS A NZ  1 
ATOM   1170 N N   . GLY A 1 155 ? -12.245 16.289  1.400   1.00 15.91 ? 155 GLY A N   1 
ATOM   1171 C CA  . GLY A 1 155 ? -11.882 16.088  0.008   1.00 17.34 ? 155 GLY A CA  1 
ATOM   1172 C C   . GLY A 1 155 ? -11.234 14.736  -0.203  1.00 17.86 ? 155 GLY A C   1 
ATOM   1173 O O   . GLY A 1 155 ? -11.802 13.709  0.166   1.00 18.68 ? 155 GLY A O   1 
ATOM   1174 N N   . GLU A 1 156 ? -10.044 14.717  -0.796  1.00 17.82 ? 156 GLU A N   1 
ATOM   1175 C CA  . GLU A 1 156 ? -9.367  13.448  -1.018  1.00 18.06 ? 156 GLU A CA  1 
ATOM   1176 C C   . GLU A 1 156 ? -8.219  13.232  -0.035  1.00 17.68 ? 156 GLU A C   1 
ATOM   1177 O O   . GLU A 1 156 ? -7.295  12.471  -0.312  1.00 17.60 ? 156 GLU A O   1 
ATOM   1178 C CB  . GLU A 1 156 ? -8.868  13.336  -2.472  1.00 18.80 ? 156 GLU A CB  1 
ATOM   1179 C CG  . GLU A 1 156 ? -8.083  14.526  -3.004  1.00 22.78 ? 156 GLU A CG  1 
ATOM   1180 C CD  . GLU A 1 156 ? -7.503  14.285  -4.406  1.00 25.20 ? 156 GLU A CD  1 
ATOM   1181 O OE1 . GLU A 1 156 ? -8.271  13.937  -5.339  1.00 18.72 ? 156 GLU A OE1 1 
ATOM   1182 O OE2 . GLU A 1 156 ? -6.272  14.456  -4.572  1.00 23.07 ? 156 GLU A OE2 1 
ATOM   1183 N N   . ALA A 1 157 ? -8.305  13.888  1.125   1.00 14.90 ? 157 ALA A N   1 
ATOM   1184 C CA  . ALA A 1 157 ? -7.279  13.779  2.162   1.00 14.94 ? 157 ALA A CA  1 
ATOM   1185 C C   . ALA A 1 157 ? -7.850  13.236  3.477   1.00 15.98 ? 157 ALA A C   1 
ATOM   1186 O O   . ALA A 1 157 ? -8.985  13.537  3.851   1.00 14.24 ? 157 ALA A O   1 
ATOM   1187 C CB  . ALA A 1 157 ? -6.630  15.135  2.401   1.00 14.24 ? 157 ALA A CB  1 
ATOM   1188 N N   . MET A 1 158 ? -7.041  12.450  4.177   1.00 13.91 ? 158 MET A N   1 
ATOM   1189 C CA  . MET A 1 158 ? -7.426  11.828  5.436   1.00 16.59 ? 158 MET A CA  1 
ATOM   1190 C C   . MET A 1 158 ? -6.219  11.846  6.385   1.00 16.07 ? 158 MET A C   1 
ATOM   1191 O O   . MET A 1 158 ? -5.084  11.709  5.934   1.00 16.76 ? 158 MET A O   1 
ATOM   1192 C CB  . MET A 1 158 ? -7.867  10.386  5.138   1.00 17.00 ? 158 MET A CB  1 
ATOM   1193 C CG  . MET A 1 158 ? -7.906  9.422   6.306   1.00 24.33 ? 158 MET A CG  1 
ATOM   1194 S SD  . MET A 1 158 ? -8.078  7.691   5.721   1.00 27.76 ? 158 MET A SD  1 
ATOM   1195 C CE  . MET A 1 158 ? -9.846  7.497   5.734   1.00 21.77 ? 158 MET A CE  1 
ATOM   1196 N N   . GLN A 1 159 ? -6.463  12.037  7.684   1.00 15.23 ? 159 GLN A N   1 
ATOM   1197 C CA  . GLN A 1 159 ? -5.384  12.040  8.679   1.00 14.99 ? 159 GLN A CA  1 
ATOM   1198 C C   . GLN A 1 159 ? -5.761  11.114  9.842   1.00 16.11 ? 159 GLN A C   1 
ATOM   1199 O O   . GLN A 1 159 ? -6.948  10.897  10.106  1.00 14.69 ? 159 GLN A O   1 
ATOM   1200 C CB  . GLN A 1 159 ? -5.130  13.460  9.220   1.00 13.84 ? 159 GLN A CB  1 
ATOM   1201 C CG  . GLN A 1 159 ? -4.862  14.510  8.138   1.00 14.72 ? 159 GLN A CG  1 
ATOM   1202 C CD  . GLN A 1 159 ? -4.561  15.892  8.705   1.00 16.99 ? 159 GLN A CD  1 
ATOM   1203 O OE1 . GLN A 1 159 ? -4.747  16.147  9.898   1.00 17.57 ? 159 GLN A OE1 1 
ATOM   1204 N NE2 . GLN A 1 159 ? -4.103  16.796  7.845   1.00 17.45 ? 159 GLN A NE2 1 
ATOM   1205 N N   . TYR A 1 160 ? -4.756  10.559  10.519  1.00 13.41 ? 160 TYR A N   1 
ATOM   1206 C CA  . TYR A 1 160 ? -4.986  9.669   11.657  1.00 13.10 ? 160 TYR A CA  1 
ATOM   1207 C C   . TYR A 1 160 ? -3.889  9.789   12.718  1.00 15.17 ? 160 TYR A C   1 
ATOM   1208 O O   . TYR A 1 160 ? -2.855  10.416  12.479  1.00 15.04 ? 160 TYR A O   1 
ATOM   1209 C CB  . TYR A 1 160 ? -5.134  8.209   11.201  1.00 12.13 ? 160 TYR A CB  1 
ATOM   1210 C CG  . TYR A 1 160 ? -4.357  7.827   9.955   1.00 16.08 ? 160 TYR A CG  1 
ATOM   1211 C CD1 . TYR A 1 160 ? -5.012  7.632   8.733   1.00 16.50 ? 160 TYR A CD1 1 
ATOM   1212 C CD2 . TYR A 1 160 ? -2.980  7.633   9.999   1.00 14.29 ? 160 TYR A CD2 1 
ATOM   1213 C CE1 . TYR A 1 160 ? -4.309  7.253   7.587   1.00 15.25 ? 160 TYR A CE1 1 
ATOM   1214 C CE2 . TYR A 1 160 ? -2.270  7.255   8.864   1.00 13.78 ? 160 TYR A CE2 1 
ATOM   1215 C CZ  . TYR A 1 160 ? -2.940  7.066   7.661   1.00 14.86 ? 160 TYR A CZ  1 
ATOM   1216 O OH  . TYR A 1 160 ? -2.232  6.688   6.539   1.00 14.90 ? 160 TYR A OH  1 
ATOM   1217 N N   . ASP A 1 161 ? -4.113  9.181   13.884  1.00 18.01 ? 161 ASP A N   1 
ATOM   1218 C CA  . ASP A 1 161 ? -3.163  9.274   14.998  1.00 17.96 ? 161 ASP A CA  1 
ATOM   1219 C C   . ASP A 1 161 ? -2.239  8.084   15.266  1.00 18.38 ? 161 ASP A C   1 
ATOM   1220 O O   . ASP A 1 161 ? -1.562  8.047   16.298  1.00 18.55 ? 161 ASP A O   1 
ATOM   1221 C CB  . ASP A 1 161 ? -3.922  9.589   16.295  1.00 19.21 ? 161 ASP A CB  1 
ATOM   1222 C CG  . ASP A 1 161 ? -4.882  8.480   16.696  1.00 20.01 ? 161 ASP A CG  1 
ATOM   1223 O OD1 . ASP A 1 161 ? -4.784  7.359   16.144  1.00 20.28 ? 161 ASP A OD1 1 
ATOM   1224 O OD2 . ASP A 1 161 ? -5.734  8.721   17.574  1.00 24.81 ? 161 ASP A OD2 1 
ATOM   1225 N N   . LEU A 1 162 ? -2.198  7.119   14.357  1.00 16.02 ? 162 LEU A N   1 
ATOM   1226 C CA  . LEU A 1 162 ? -1.351  5.940   14.537  1.00 13.00 ? 162 LEU A CA  1 
ATOM   1227 C C   . LEU A 1 162 ? 0.077   6.167   14.020  1.00 12.48 ? 162 LEU A C   1 
ATOM   1228 O O   . LEU A 1 162 ? 0.314   7.059   13.213  1.00 13.30 ? 162 LEU A O   1 
ATOM   1229 C CB  . LEU A 1 162 ? -2.005  4.747   13.833  1.00 10.31 ? 162 LEU A CB  1 
ATOM   1230 C CG  . LEU A 1 162 ? -2.395  5.004   12.376  1.00 10.41 ? 162 LEU A CG  1 
ATOM   1231 C CD1 . LEU A 1 162 ? -1.209  4.691   11.486  1.00 8.84  ? 162 LEU A CD1 1 
ATOM   1232 C CD2 . LEU A 1 162 ? -3.597  4.144   11.988  1.00 9.67  ? 162 LEU A CD2 1 
ATOM   1233 N N   . SER A 1 163 ? 1.022   5.351   14.481  1.00 11.94 ? 163 SER A N   1 
ATOM   1234 C CA  . SER A 1 163 ? 2.420   5.491   14.075  1.00 13.49 ? 163 SER A CA  1 
ATOM   1235 C C   . SER A 1 163 ? 2.829   4.700   12.830  1.00 13.09 ? 163 SER A C   1 
ATOM   1236 O O   . SER A 1 163 ? 2.284   3.628   12.556  1.00 11.54 ? 163 SER A O   1 
ATOM   1237 C CB  . SER A 1 163 ? 3.345   5.082   15.233  1.00 13.78 ? 163 SER A CB  1 
ATOM   1238 O OG  . SER A 1 163 ? 3.201   5.937   16.360  1.00 18.81 ? 163 SER A OG  1 
ATOM   1239 N N   . THR A 1 164 ? 3.800   5.249   12.098  1.00 12.69 ? 164 THR A N   1 
ATOM   1240 C CA  . THR A 1 164 ? 4.381   4.634   10.900  1.00 13.19 ? 164 THR A CA  1 
ATOM   1241 C C   . THR A 1 164 ? 5.805   5.182   10.794  1.00 13.59 ? 164 THR A C   1 
ATOM   1242 O O   . THR A 1 164 ? 6.140   6.168   11.456  1.00 12.43 ? 164 THR A O   1 
ATOM   1243 C CB  . THR A 1 164 ? 3.645   5.035   9.587   1.00 11.95 ? 164 THR A CB  1 
ATOM   1244 O OG1 . THR A 1 164 ? 3.688   6.460   9.436   1.00 11.80 ? 164 THR A OG1 1 
ATOM   1245 C CG2 . THR A 1 164 ? 2.203   4.559   9.589   1.00 13.37 ? 164 THR A CG2 1 
ATOM   1246 N N   . THR A 1 165 ? 6.638   4.553   9.965   1.00 14.19 ? 165 THR A N   1 
ATOM   1247 C CA  . THR A 1 165 ? 8.013   5.010   9.759   1.00 13.11 ? 165 THR A CA  1 
ATOM   1248 C C   . THR A 1 165 ? 8.402   4.835   8.291   1.00 12.41 ? 165 THR A C   1 
ATOM   1249 O O   . THR A 1 165 ? 7.666   4.214   7.515   1.00 14.32 ? 165 THR A O   1 
ATOM   1250 C CB  . THR A 1 165 ? 9.029   4.215   10.622  1.00 13.39 ? 165 THR A CB  1 
ATOM   1251 O OG1 . THR A 1 165 ? 8.958   2.820   10.294  1.00 14.18 ? 165 THR A OG1 1 
ATOM   1252 C CG2 . THR A 1 165 ? 8.743   4.400   12.109  1.00 12.93 ? 165 THR A CG2 1 
ATOM   1253 N N   . GLY A 1 166 ? 9.552   5.388   7.911   1.00 12.16 ? 166 GLY A N   1 
ATOM   1254 C CA  . GLY A 1 166 ? 10.026  5.239   6.546   1.00 13.94 ? 166 GLY A CA  1 
ATOM   1255 C C   . GLY A 1 166 ? 9.967   3.764   6.193   1.00 14.27 ? 166 GLY A C   1 
ATOM   1256 O O   . GLY A 1 166 ? 10.460  2.914   6.942   1.00 14.45 ? 166 GLY A O   1 
ATOM   1257 N N   . GLY A 1 167 ? 9.360   3.462   5.050   1.00 13.31 ? 167 GLY A N   1 
ATOM   1258 C CA  . GLY A 1 167 ? 9.195   2.083   4.628   1.00 10.09 ? 167 GLY A CA  1 
ATOM   1259 C C   . GLY A 1 167 ? 7.705   1.817   4.465   1.00 11.43 ? 167 GLY A C   1 
ATOM   1260 O O   . GLY A 1 167 ? 7.293   0.986   3.647   1.00 12.17 ? 167 GLY A O   1 
ATOM   1261 N N   . ASN A 1 168 ? 6.892   2.535   5.240   1.00 9.94  ? 168 ASN A N   1 
ATOM   1262 C CA  . ASN A 1 168 ? 5.437   2.389   5.184   1.00 11.32 ? 168 ASN A CA  1 
ATOM   1263 C C   . ASN A 1 168 ? 4.776   3.062   3.972   1.00 11.78 ? 168 ASN A C   1 
ATOM   1264 O O   . ASN A 1 168 ? 3.581   2.876   3.740   1.00 12.54 ? 168 ASN A O   1 
ATOM   1265 C CB  . ASN A 1 168 ? 4.796   2.930   6.470   1.00 8.29  ? 168 ASN A CB  1 
ATOM   1266 C CG  . ASN A 1 168 ? 4.562   1.845   7.515   1.00 10.48 ? 168 ASN A CG  1 
ATOM   1267 O OD1 . ASN A 1 168 ? 3.796   0.899   7.292   1.00 14.24 ? 168 ASN A OD1 1 
ATOM   1268 N ND2 . ASN A 1 168 ? 5.219   1.975   8.660   1.00 7.05  ? 168 ASN A ND2 1 
ATOM   1269 N N   . SER A 1 169 ? 5.538   3.840   3.206   1.00 10.85 ? 169 SER A N   1 
ATOM   1270 C CA  . SER A 1 169 ? 4.990   4.515   2.019   1.00 11.90 ? 169 SER A CA  1 
ATOM   1271 C C   . SER A 1 169 ? 4.140   3.565   1.174   1.00 11.56 ? 169 SER A C   1 
ATOM   1272 O O   . SER A 1 169 ? 4.609   2.492   0.786   1.00 13.42 ? 169 SER A O   1 
ATOM   1273 C CB  . SER A 1 169 ? 6.123   5.066   1.135   1.00 10.11 ? 169 SER A CB  1 
ATOM   1274 O OG  . SER A 1 169 ? 6.823   6.117   1.773   1.00 11.50 ? 169 SER A OG  1 
ATOM   1275 N N   . GLY A 1 170 ? 2.901   3.958   0.884   1.00 9.71  ? 170 GLY A N   1 
ATOM   1276 C CA  . GLY A 1 170 ? 2.027   3.124   0.067   1.00 10.52 ? 170 GLY A CA  1 
ATOM   1277 C C   . GLY A 1 170 ? 1.219   2.038   0.771   1.00 12.27 ? 170 GLY A C   1 
ATOM   1278 O O   . GLY A 1 170 ? 0.489   1.288   0.114   1.00 12.32 ? 170 GLY A O   1 
ATOM   1279 N N   . SER A 1 171 ? 1.342   1.937   2.093   1.00 11.96 ? 171 SER A N   1 
ATOM   1280 C CA  . SER A 1 171 ? 0.607   0.926   2.861   1.00 11.65 ? 171 SER A CA  1 
ATOM   1281 C C   . SER A 1 171 ? -0.904  1.133   2.789   1.00 10.41 ? 171 SER A C   1 
ATOM   1282 O O   . SER A 1 171 ? -1.392  2.259   2.870   1.00 11.27 ? 171 SER A O   1 
ATOM   1283 C CB  . SER A 1 171 ? 1.020   0.962   4.338   1.00 11.78 ? 171 SER A CB  1 
ATOM   1284 O OG  . SER A 1 171 ? 2.397   0.684   4.511   1.00 10.98 ? 171 SER A OG  1 
ATOM   1285 N N   . PRO A 1 172 ? -1.670  0.045   2.651   1.00 10.86 ? 172 PRO A N   1 
ATOM   1286 C CA  . PRO A 1 172 ? -3.120  0.227   2.588   1.00 10.26 ? 172 PRO A CA  1 
ATOM   1287 C C   . PRO A 1 172 ? -3.708  0.566   3.958   1.00 9.21  ? 172 PRO A C   1 
ATOM   1288 O O   . PRO A 1 172 ? -3.160  0.174   4.992   1.00 10.32 ? 172 PRO A O   1 
ATOM   1289 C CB  . PRO A 1 172 ? -3.614  -1.121  2.077   1.00 7.70  ? 172 PRO A CB  1 
ATOM   1290 C CG  . PRO A 1 172 ? -2.608  -2.091  2.662   1.00 6.00  ? 172 PRO A CG  1 
ATOM   1291 C CD  . PRO A 1 172 ? -1.302  -1.359  2.387   1.00 8.97  ? 172 PRO A CD  1 
ATOM   1292 N N   . VAL A 1 173 ? -4.819  1.298   3.954   1.00 10.19 ? 173 VAL A N   1 
ATOM   1293 C CA  . VAL A 1 173 ? -5.523  1.657   5.183   1.00 11.35 ? 173 VAL A CA  1 
ATOM   1294 C C   . VAL A 1 173 ? -6.791  0.796   5.162   1.00 14.27 ? 173 VAL A C   1 
ATOM   1295 O O   . VAL A 1 173 ? -7.568  0.871   4.203   1.00 14.96 ? 173 VAL A O   1 
ATOM   1296 C CB  . VAL A 1 173 ? -5.939  3.151   5.195   1.00 9.86  ? 173 VAL A CB  1 
ATOM   1297 C CG1 . VAL A 1 173 ? -6.537  3.512   6.548   1.00 7.89  ? 173 VAL A CG1 1 
ATOM   1298 C CG2 . VAL A 1 173 ? -4.740  4.040   4.886   1.00 8.76  ? 173 VAL A CG2 1 
ATOM   1299 N N   . PHE A 1 174 ? -6.993  -0.025  6.197   1.00 13.15 ? 174 PHE A N   1 
ATOM   1300 C CA  . PHE A 1 174 ? -8.168  -0.911  6.275   1.00 11.93 ? 174 PHE A CA  1 
ATOM   1301 C C   . PHE A 1 174 ? -9.193  -0.482  7.321   1.00 13.78 ? 174 PHE A C   1 
ATOM   1302 O O   . PHE A 1 174 ? -8.816  0.007   8.390   1.00 15.42 ? 174 PHE A O   1 
ATOM   1303 C CB  . PHE A 1 174 ? -7.767  -2.345  6.655   1.00 11.59 ? 174 PHE A CB  1 
ATOM   1304 C CG  . PHE A 1 174 ? -6.956  -3.071  5.617   1.00 13.74 ? 174 PHE A CG  1 
ATOM   1305 C CD1 . PHE A 1 174 ? -5.585  -3.247  5.787   1.00 14.63 ? 174 PHE A CD1 1 
ATOM   1306 C CD2 . PHE A 1 174 ? -7.568  -3.617  4.491   1.00 13.76 ? 174 PHE A CD2 1 
ATOM   1307 C CE1 . PHE A 1 174 ? -4.830  -3.962  4.850   1.00 16.58 ? 174 PHE A CE1 1 
ATOM   1308 C CE2 . PHE A 1 174 ? -6.825  -4.332  3.546   1.00 17.37 ? 174 PHE A CE2 1 
ATOM   1309 C CZ  . PHE A 1 174 ? -5.453  -4.505  3.729   1.00 13.42 ? 174 PHE A CZ  1 
ATOM   1310 N N   . ASN A 1 175 ? -10.482 -0.676  7.026   1.00 13.20 ? 175 ASN A N   1 
ATOM   1311 C CA  . ASN A 1 175 ? -11.522 -0.378  8.007   1.00 14.83 ? 175 ASN A CA  1 
ATOM   1312 C C   . ASN A 1 175 ? -11.826 -1.698  8.728   1.00 15.17 ? 175 ASN A C   1 
ATOM   1313 O O   . ASN A 1 175 ? -11.155 -2.708  8.474   1.00 16.53 ? 175 ASN A O   1 
ATOM   1314 C CB  . ASN A 1 175 ? -12.784 0.229   7.354   1.00 12.52 ? 175 ASN A CB  1 
ATOM   1315 C CG  . ASN A 1 175 ? -13.471 -0.696  6.355   1.00 13.33 ? 175 ASN A CG  1 
ATOM   1316 O OD1 . ASN A 1 175 ? -14.366 -0.254  5.625   1.00 15.50 ? 175 ASN A OD1 1 
ATOM   1317 N ND2 . ASN A 1 175 ? -13.077 -1.965  6.316   1.00 10.02 ? 175 ASN A ND2 1 
ATOM   1318 N N   . GLU A 1 176 ? -12.812 -1.702  9.623   1.00 17.71 ? 176 GLU A N   1 
ATOM   1319 C CA  . GLU A 1 176 ? -13.155 -2.909  10.380  1.00 18.06 ? 176 GLU A CA  1 
ATOM   1320 C C   . GLU A 1 176 ? -13.647 -4.068  9.518   1.00 18.58 ? 176 GLU A C   1 
ATOM   1321 O O   . GLU A 1 176 ? -13.531 -5.228  9.915   1.00 19.94 ? 176 GLU A O   1 
ATOM   1322 C CB  . GLU A 1 176 ? -14.199 -2.581  11.444  1.00 22.39 ? 176 GLU A CB  1 
ATOM   1323 N N   . LYS A 1 177 ? -14.208 -3.763  8.352   1.00 17.84 ? 177 LYS A N   1 
ATOM   1324 C CA  . LYS A 1 177 ? -14.693 -4.815  7.460   1.00 17.09 ? 177 LYS A CA  1 
ATOM   1325 C C   . LYS A 1 177 ? -13.553 -5.369  6.606   1.00 15.64 ? 177 LYS A C   1 
ATOM   1326 O O   . LYS A 1 177 ? -13.762 -6.251  5.774   1.00 14.42 ? 177 LYS A O   1 
ATOM   1327 C CB  . LYS A 1 177 ? -15.793 -4.276  6.544   1.00 21.73 ? 177 LYS A CB  1 
ATOM   1328 C CG  . LYS A 1 177 ? -17.045 -3.795  7.264   1.00 26.72 ? 177 LYS A CG  1 
ATOM   1329 C CD  . LYS A 1 177 ? -18.083 -3.314  6.257   1.00 32.92 ? 177 LYS A CD  1 
ATOM   1330 C CE  . LYS A 1 177 ? -19.353 -2.831  6.943   1.00 40.15 ? 177 LYS A CE  1 
ATOM   1331 N NZ  . LYS A 1 177 ? -20.374 -2.379  5.953   1.00 42.49 ? 177 LYS A NZ  1 
ATOM   1332 N N   . ASN A 1 178 ? -12.352 -4.840  6.822   1.00 17.10 ? 178 ASN A N   1 
ATOM   1333 C CA  . ASN A 1 178 ? -11.158 -5.245  6.087   1.00 18.32 ? 178 ASN A CA  1 
ATOM   1334 C C   . ASN A 1 178 ? -11.192 -4.847  4.606   1.00 17.69 ? 178 ASN A C   1 
ATOM   1335 O O   . ASN A 1 178 ? -10.714 -5.582  3.740   1.00 18.52 ? 178 ASN A O   1 
ATOM   1336 C CB  . ASN A 1 178 ? -10.919 -6.757  6.231   1.00 21.91 ? 178 ASN A CB  1 
ATOM   1337 C CG  . ASN A 1 178 ? -10.624 -7.172  7.674   1.00 22.37 ? 178 ASN A CG  1 
ATOM   1338 O OD1 . ASN A 1 178 ? -9.801  -6.558  8.353   1.00 22.19 ? 178 ASN A OD1 1 
ATOM   1339 N ND2 . ASN A 1 178 ? -11.293 -8.221  8.140   1.00 24.51 ? 178 ASN A ND2 1 
ATOM   1340 N N   . GLU A 1 179 ? -11.761 -3.677  4.330   1.00 15.61 ? 179 GLU A N   1 
ATOM   1341 C CA  . GLU A 1 179 ? -11.830 -3.136  2.970   1.00 16.46 ? 179 GLU A CA  1 
ATOM   1342 C C   . GLU A 1 179 ? -10.835 -1.978  2.935   1.00 14.63 ? 179 GLU A C   1 
ATOM   1343 O O   . GLU A 1 179 ? -10.605 -1.334  3.963   1.00 13.42 ? 179 GLU A O   1 
ATOM   1344 C CB  . GLU A 1 179 ? -13.225 -2.584  2.664   1.00 19.12 ? 179 GLU A CB  1 
ATOM   1345 C CG  . GLU A 1 179 ? -14.375 -3.521  2.972   1.00 24.75 ? 179 GLU A CG  1 
ATOM   1346 C CD  . GLU A 1 179 ? -15.726 -2.866  2.731   1.00 27.01 ? 179 GLU A CD  1 
ATOM   1347 O OE1 . GLU A 1 179 ? -15.900 -1.688  3.129   1.00 25.85 ? 179 GLU A OE1 1 
ATOM   1348 O OE2 . GLU A 1 179 ? -16.612 -3.529  2.153   1.00 28.18 ? 179 GLU A OE2 1 
ATOM   1349 N N   . VAL A 1 180 ? -10.254 -1.702  1.767   1.00 12.01 ? 180 VAL A N   1 
ATOM   1350 C CA  . VAL A 1 180 ? -9.293  -0.606  1.656   1.00 12.58 ? 180 VAL A CA  1 
ATOM   1351 C C   . VAL A 1 180 ? -10.011 0.732   1.483   1.00 12.64 ? 180 VAL A C   1 
ATOM   1352 O O   . VAL A 1 180 ? -10.798 0.903   0.546   1.00 12.82 ? 180 VAL A O   1 
ATOM   1353 C CB  . VAL A 1 180 ? -8.332  -0.812  0.458   1.00 13.10 ? 180 VAL A CB  1 
ATOM   1354 C CG1 . VAL A 1 180 ? -7.400  0.403   0.308   1.00 11.18 ? 180 VAL A CG1 1 
ATOM   1355 C CG2 . VAL A 1 180 ? -7.511  -2.083  0.665   1.00 16.74 ? 180 VAL A CG2 1 
ATOM   1356 N N   . ILE A 1 181 ? -9.733  1.677   2.381   1.00 11.30 ? 181 ILE A N   1 
ATOM   1357 C CA  . ILE A 1 181 ? -10.359 2.999   2.325   1.00 10.97 ? 181 ILE A CA  1 
ATOM   1358 C C   . ILE A 1 181 ? -9.406  4.125   1.911   1.00 11.39 ? 181 ILE A C   1 
ATOM   1359 O O   . ILE A 1 181 ? -9.846  5.236   1.617   1.00 11.57 ? 181 ILE A O   1 
ATOM   1360 C CB  . ILE A 1 181 ? -10.992 3.386   3.687   1.00 9.90  ? 181 ILE A CB  1 
ATOM   1361 C CG1 . ILE A 1 181 ? -9.912  3.486   4.766   1.00 10.73 ? 181 ILE A CG1 1 
ATOM   1362 C CG2 . ILE A 1 181 ? -12.030 2.352   4.094   1.00 9.56  ? 181 ILE A CG2 1 
ATOM   1363 C CD1 . ILE A 1 181 ? -10.442 3.986   6.116   1.00 10.08 ? 181 ILE A CD1 1 
ATOM   1364 N N   . GLY A 1 182 ? -8.106  3.846   1.895   1.00 11.49 ? 182 GLY A N   1 
ATOM   1365 C CA  . GLY A 1 182 ? -7.139  4.864   1.518   1.00 10.43 ? 182 GLY A CA  1 
ATOM   1366 C C   . GLY A 1 182 ? -5.737  4.293   1.379   1.00 11.41 ? 182 GLY A C   1 
ATOM   1367 O O   . GLY A 1 182 ? -5.523  3.106   1.648   1.00 11.37 ? 182 GLY A O   1 
ATOM   1368 N N   . ILE A 1 183 ? -4.793  5.132   0.954   1.00 14.25 ? 183 ILE A N   1 
ATOM   1369 C CA  . ILE A 1 183 ? -3.398  4.725   0.769   1.00 12.20 ? 183 ILE A CA  1 
ATOM   1370 C C   . ILE A 1 183 ? -2.471  5.712   1.504   1.00 12.02 ? 183 ILE A C   1 
ATOM   1371 O O   . ILE A 1 183 ? -2.431  6.895   1.173   1.00 11.24 ? 183 ILE A O   1 
ATOM   1372 C CB  . ILE A 1 183 ? -3.020  4.709   -0.742  1.00 14.45 ? 183 ILE A CB  1 
ATOM   1373 C CG1 . ILE A 1 183 ? -3.915  3.728   -1.511  1.00 14.15 ? 183 ILE A CG1 1 
ATOM   1374 C CG2 . ILE A 1 183 ? -1.555  4.341   -0.915  1.00 12.03 ? 183 ILE A CG2 1 
ATOM   1375 C CD1 . ILE A 1 183 ? -3.596  2.258   -1.279  1.00 11.95 ? 183 ILE A CD1 1 
ATOM   1376 N N   . HIS A 1 184 ? -1.740  5.209   2.499   1.00 9.91  ? 184 HIS A N   1 
ATOM   1377 C CA  . HIS A 1 184 ? -0.804  5.999   3.314   1.00 10.95 ? 184 HIS A CA  1 
ATOM   1378 C C   . HIS A 1 184 ? 0.331   6.662   2.508   1.00 10.31 ? 184 HIS A C   1 
ATOM   1379 O O   . HIS A 1 184 ? 0.866   6.049   1.580   1.00 11.64 ? 184 HIS A O   1 
ATOM   1380 C CB  . HIS A 1 184 ? -0.196  5.073   4.382   1.00 9.11  ? 184 HIS A CB  1 
ATOM   1381 C CG  . HIS A 1 184 ? 0.849   5.720   5.242   1.00 9.69  ? 184 HIS A CG  1 
ATOM   1382 N ND1 . HIS A 1 184 ? 0.538   6.556   6.294   1.00 10.77 ? 184 HIS A ND1 1 
ATOM   1383 C CD2 . HIS A 1 184 ? 2.202   5.654   5.205   1.00 10.45 ? 184 HIS A CD2 1 
ATOM   1384 C CE1 . HIS A 1 184 ? 1.653   6.975   6.868   1.00 10.37 ? 184 HIS A CE1 1 
ATOM   1385 N NE2 . HIS A 1 184 ? 2.678   6.443   6.226   1.00 10.65 ? 184 HIS A NE2 1 
ATOM   1386 N N   . TRP A 1 185 ? 0.687   7.910   2.837   1.00 10.96 ? 185 TRP A N   1 
ATOM   1387 C CA  . TRP A 1 185 ? 1.802   8.574   2.143   1.00 13.50 ? 185 TRP A CA  1 
ATOM   1388 C C   . TRP A 1 185 ? 2.932   9.003   3.081   1.00 15.04 ? 185 TRP A C   1 
ATOM   1389 O O   . TRP A 1 185 ? 4.096   9.018   2.680   1.00 15.80 ? 185 TRP A O   1 
ATOM   1390 C CB  . TRP A 1 185 ? 1.355   9.799   1.312   1.00 11.12 ? 185 TRP A CB  1 
ATOM   1391 C CG  . TRP A 1 185 ? 0.633   10.914  2.049   1.00 14.57 ? 185 TRP A CG  1 
ATOM   1392 C CD1 . TRP A 1 185 ? -0.718  11.133  2.070   1.00 14.55 ? 185 TRP A CD1 1 
ATOM   1393 C CD2 . TRP A 1 185 ? 1.216   11.952  2.860   1.00 13.77 ? 185 TRP A CD2 1 
ATOM   1394 N NE1 . TRP A 1 185 ? -1.013  12.235  2.838   1.00 16.48 ? 185 TRP A NE1 1 
ATOM   1395 C CE2 . TRP A 1 185 ? 0.152   12.757  3.336   1.00 16.68 ? 185 TRP A CE2 1 
ATOM   1396 C CE3 . TRP A 1 185 ? 2.529   12.279  3.230   1.00 15.89 ? 185 TRP A CE3 1 
ATOM   1397 C CZ2 . TRP A 1 185 ? 0.361   13.870  4.168   1.00 16.23 ? 185 TRP A CZ2 1 
ATOM   1398 C CZ3 . TRP A 1 185 ? 2.738   13.395  4.062   1.00 14.17 ? 185 TRP A CZ3 1 
ATOM   1399 C CH2 . TRP A 1 185 ? 1.657   14.171  4.518   1.00 16.40 ? 185 TRP A CH2 1 
ATOM   1400 N N   . GLY A 1 186 ? 2.592   9.342   4.320   1.00 17.30 ? 186 GLY A N   1 
ATOM   1401 C CA  . GLY A 1 186 ? 3.602   9.775   5.275   1.00 13.69 ? 186 GLY A CA  1 
ATOM   1402 C C   . GLY A 1 186 ? 2.991   10.633  6.369   1.00 14.31 ? 186 GLY A C   1 
ATOM   1403 O O   . GLY A 1 186 ? 1.828   10.445  6.722   1.00 14.58 ? 186 GLY A O   1 
ATOM   1404 N N   . GLY A 1 187 ? 3.762   11.578  6.904   1.00 15.54 ? 187 GLY A N   1 
ATOM   1405 C CA  . GLY A 1 187 ? 3.234   12.437  7.954   1.00 18.29 ? 187 GLY A CA  1 
ATOM   1406 C C   . GLY A 1 187 ? 4.117   13.620  8.304   1.00 18.75 ? 187 GLY A C   1 
ATOM   1407 O O   . GLY A 1 187 ? 5.087   13.903  7.606   1.00 17.96 ? 187 GLY A O   1 
ATOM   1408 N N   . VAL A 1 188 ? 3.771   14.314  9.385   1.00 19.35 ? 188 VAL A N   1 
ATOM   1409 C CA  . VAL A 1 188 ? 4.536   15.466  9.850   1.00 22.37 ? 188 VAL A CA  1 
ATOM   1410 C C   . VAL A 1 188 ? 4.927   15.230  11.308  1.00 20.98 ? 188 VAL A C   1 
ATOM   1411 O O   . VAL A 1 188 ? 4.065   15.020  12.165  1.00 20.60 ? 188 VAL A O   1 
ATOM   1412 C CB  . VAL A 1 188 ? 3.712   16.769  9.747   1.00 22.36 ? 188 VAL A CB  1 
ATOM   1413 C CG1 . VAL A 1 188 ? 4.504   17.940  10.327  1.00 22.46 ? 188 VAL A CG1 1 
ATOM   1414 C CG2 . VAL A 1 188 ? 3.364   17.039  8.294   1.00 18.17 ? 188 VAL A CG2 1 
ATOM   1415 N N   . PRO A 1 189 ? 6.236   15.273  11.608  1.00 20.40 ? 189 PRO A N   1 
ATOM   1416 C CA  . PRO A 1 189 ? 6.760   15.056  12.961  1.00 21.64 ? 189 PRO A CA  1 
ATOM   1417 C C   . PRO A 1 189 ? 5.957   15.709  14.084  1.00 20.30 ? 189 PRO A C   1 
ATOM   1418 O O   . PRO A 1 189 ? 5.708   16.915  14.066  1.00 21.46 ? 189 PRO A O   1 
ATOM   1419 C CB  . PRO A 1 189 ? 8.184   15.605  12.869  1.00 20.21 ? 189 PRO A CB  1 
ATOM   1420 C CG  . PRO A 1 189 ? 8.554   15.309  11.455  1.00 20.18 ? 189 PRO A CG  1 
ATOM   1421 C CD  . PRO A 1 189 ? 7.308   15.731  10.708  1.00 19.40 ? 189 PRO A CD  1 
ATOM   1422 N N   . ASN A 1 190 ? 5.550   14.889  15.049  1.00 24.24 ? 190 ASN A N   1 
ATOM   1423 C CA  . ASN A 1 190 ? 4.789   15.331  16.216  1.00 26.86 ? 190 ASN A CA  1 
ATOM   1424 C C   . ASN A 1 190 ? 3.420   15.932  15.937  1.00 25.53 ? 190 ASN A C   1 
ATOM   1425 O O   . ASN A 1 190 ? 2.813   16.530  16.823  1.00 28.20 ? 190 ASN A O   1 
ATOM   1426 C CB  . ASN A 1 190 ? 5.621   16.326  17.027  1.00 32.51 ? 190 ASN A CB  1 
ATOM   1427 C CG  . ASN A 1 190 ? 6.892   15.708  17.560  1.00 36.03 ? 190 ASN A CG  1 
ATOM   1428 O OD1 . ASN A 1 190 ? 6.852   14.792  18.379  1.00 39.42 ? 190 ASN A OD1 1 
ATOM   1429 N ND2 . ASN A 1 190 ? 8.030   16.197  17.088  1.00 38.44 ? 190 ASN A ND2 1 
ATOM   1430 N N   . GLU A 1 191 ? 2.923   15.777  14.718  1.00 23.77 ? 191 GLU A N   1 
ATOM   1431 C CA  . GLU A 1 191 ? 1.617   16.327  14.401  1.00 22.24 ? 191 GLU A CA  1 
ATOM   1432 C C   . GLU A 1 191 ? 0.626   15.269  13.942  1.00 20.84 ? 191 GLU A C   1 
ATOM   1433 O O   . GLU A 1 191 ? -0.382  15.042  14.606  1.00 20.47 ? 191 GLU A O   1 
ATOM   1434 C CB  . GLU A 1 191 ? 1.752   17.427  13.346  1.00 27.82 ? 191 GLU A CB  1 
ATOM   1435 C CG  . GLU A 1 191 ? 2.488   18.656  13.862  1.00 35.94 ? 191 GLU A CG  1 
ATOM   1436 C CD  . GLU A 1 191 ? 2.625   19.742  12.819  1.00 42.95 ? 191 GLU A CD  1 
ATOM   1437 O OE1 . GLU A 1 191 ? 1.596   20.143  12.239  1.00 45.41 ? 191 GLU A OE1 1 
ATOM   1438 O OE2 . GLU A 1 191 ? 3.763   20.202  12.583  1.00 48.71 ? 191 GLU A OE2 1 
ATOM   1439 N N   . PHE A 1 192 ? 0.910   14.610  12.822  1.00 18.82 ? 192 PHE A N   1 
ATOM   1440 C CA  . PHE A 1 192 ? -0.001  13.591  12.305  1.00 17.52 ? 192 PHE A CA  1 
ATOM   1441 C C   . PHE A 1 192 ? 0.607   12.778  11.170  1.00 15.95 ? 192 PHE A C   1 
ATOM   1442 O O   . PHE A 1 192 ? 1.718   13.051  10.715  1.00 15.29 ? 192 PHE A O   1 
ATOM   1443 C CB  . PHE A 1 192 ? -1.268  14.256  11.761  1.00 17.23 ? 192 PHE A CB  1 
ATOM   1444 C CG  . PHE A 1 192 ? -1.025  15.090  10.525  1.00 17.63 ? 192 PHE A CG  1 
ATOM   1445 C CD1 . PHE A 1 192 ? -0.712  16.443  10.630  1.00 21.50 ? 192 PHE A CD1 1 
ATOM   1446 C CD2 . PHE A 1 192 ? -1.063  14.509  9.255   1.00 21.10 ? 192 PHE A CD2 1 
ATOM   1447 C CE1 . PHE A 1 192 ? -0.437  17.207  9.493   1.00 23.47 ? 192 PHE A CE1 1 
ATOM   1448 C CE2 . PHE A 1 192 ? -0.790  15.262  8.112   1.00 21.10 ? 192 PHE A CE2 1 
ATOM   1449 C CZ  . PHE A 1 192 ? -0.475  16.614  8.231   1.00 22.17 ? 192 PHE A CZ  1 
ATOM   1450 N N   . ASN A 1 193 ? -0.147  11.776  10.722  1.00 15.49 ? 193 ASN A N   1 
ATOM   1451 C CA  . ASN A 1 193 ? 0.236   10.945  9.587   1.00 14.37 ? 193 ASN A CA  1 
ATOM   1452 C C   . ASN A 1 193 ? -0.998  10.992  8.679   1.00 16.87 ? 193 ASN A C   1 
ATOM   1453 O O   . ASN A 1 193 ? -2.120  11.132  9.171   1.00 17.70 ? 193 ASN A O   1 
ATOM   1454 C CB  . ASN A 1 193 ? 0.568   9.513   10.034  1.00 11.48 ? 193 ASN A CB  1 
ATOM   1455 C CG  . ASN A 1 193 ? 1.966   9.404   10.642  1.00 14.77 ? 193 ASN A CG  1 
ATOM   1456 O OD1 . ASN A 1 193 ? 2.962   9.766   10.006  1.00 15.71 ? 193 ASN A OD1 1 
ATOM   1457 N ND2 . ASN A 1 193 ? 2.046   8.907   11.873  1.00 15.85 ? 193 ASN A ND2 1 
ATOM   1458 N N   . GLY A 1 194 ? -0.807  10.910  7.366   1.00 14.50 ? 194 GLY A N   1 
ATOM   1459 C CA  . GLY A 1 194 ? -1.954  10.993  6.478   1.00 12.22 ? 194 GLY A CA  1 
ATOM   1460 C C   . GLY A 1 194 ? -1.953  10.071  5.276   1.00 11.59 ? 194 GLY A C   1 
ATOM   1461 O O   . GLY A 1 194 ? -0.949  9.423   4.967   1.00 11.93 ? 194 GLY A O   1 
ATOM   1462 N N   . ALA A 1 195 ? -3.088  10.029  4.582   1.00 9.25  ? 195 ALA A N   1 
ATOM   1463 C CA  . ALA A 1 195 ? -3.237  9.171   3.412   1.00 8.44  ? 195 ALA A CA  1 
ATOM   1464 C C   . ALA A 1 195 ? -4.170  9.771   2.366   1.00 11.25 ? 195 ALA A C   1 
ATOM   1465 O O   . ALA A 1 195 ? -4.874  10.747  2.623   1.00 14.01 ? 195 ALA A O   1 
ATOM   1466 C CB  . ALA A 1 195 ? -3.770  7.813   3.842   1.00 9.74  ? 195 ALA A CB  1 
ATOM   1467 N N   . VAL A 1 196 ? -4.147  9.189   1.174   1.00 12.87 ? 196 VAL A N   1 
ATOM   1468 C CA  . VAL A 1 196 ? -5.033  9.620   0.109   1.00 14.05 ? 196 VAL A CA  1 
ATOM   1469 C C   . VAL A 1 196 ? -6.357  8.900   0.377   1.00 12.35 ? 196 VAL A C   1 
ATOM   1470 O O   . VAL A 1 196 ? -6.384  7.673   0.483   1.00 15.44 ? 196 VAL A O   1 
ATOM   1471 C CB  . VAL A 1 196 ? -4.506  9.183   -1.274  1.00 12.77 ? 196 VAL A CB  1 
ATOM   1472 C CG1 . VAL A 1 196 ? -5.529  9.518   -2.340  1.00 14.17 ? 196 VAL A CG1 1 
ATOM   1473 C CG2 . VAL A 1 196 ? -3.171  9.869   -1.569  1.00 11.52 ? 196 VAL A CG2 1 
ATOM   1474 N N   . PHE A 1 197 ? -7.441  9.659   0.501   1.00 12.08 ? 197 PHE A N   1 
ATOM   1475 C CA  . PHE A 1 197 ? -8.770  9.094   0.752   1.00 12.33 ? 197 PHE A CA  1 
ATOM   1476 C C   . PHE A 1 197 ? -9.393  8.759   -0.603  1.00 13.22 ? 197 PHE A C   1 
ATOM   1477 O O   . PHE A 1 197 ? -9.419  9.600   -1.500  1.00 15.19 ? 197 PHE A O   1 
ATOM   1478 C CB  . PHE A 1 197 ? -9.638  10.126  1.481   1.00 13.74 ? 197 PHE A CB  1 
ATOM   1479 C CG  . PHE A 1 197 ? -10.995 9.613   1.894   1.00 17.13 ? 197 PHE A CG  1 
ATOM   1480 C CD1 . PHE A 1 197 ? -12.140 10.361  1.635   1.00 17.32 ? 197 PHE A CD1 1 
ATOM   1481 C CD2 . PHE A 1 197 ? -11.124 8.411   2.577   1.00 14.96 ? 197 PHE A CD2 1 
ATOM   1482 C CE1 . PHE A 1 197 ? -13.401 9.921   2.054   1.00 17.14 ? 197 PHE A CE1 1 
ATOM   1483 C CE2 . PHE A 1 197 ? -12.378 7.958   3.002   1.00 18.17 ? 197 PHE A CE2 1 
ATOM   1484 C CZ  . PHE A 1 197 ? -13.520 8.717   2.739   1.00 17.00 ? 197 PHE A CZ  1 
ATOM   1485 N N   . ILE A 1 198 ? -9.893  7.537   -0.755  1.00 11.85 ? 198 ILE A N   1 
ATOM   1486 C CA  . ILE A 1 198 ? -10.487 7.125   -2.023  1.00 11.86 ? 198 ILE A CA  1 
ATOM   1487 C C   . ILE A 1 198 ? -11.943 7.553   -2.146  1.00 12.32 ? 198 ILE A C   1 
ATOM   1488 O O   . ILE A 1 198 ? -12.859 6.762   -1.911  1.00 15.00 ? 198 ILE A O   1 
ATOM   1489 C CB  . ILE A 1 198 ? -10.366 5.600   -2.200  1.00 12.65 ? 198 ILE A CB  1 
ATOM   1490 C CG1 . ILE A 1 198 ? -8.891  5.201   -2.065  1.00 12.26 ? 198 ILE A CG1 1 
ATOM   1491 C CG2 . ILE A 1 198 ? -10.903 5.181   -3.568  1.00 10.07 ? 198 ILE A CG2 1 
ATOM   1492 C CD1 . ILE A 1 198 ? -8.655  3.723   -2.070  1.00 17.24 ? 198 ILE A CD1 1 
ATOM   1493 N N   . ASN A 1 199 ? -12.149 8.819   -2.502  1.00 14.96 ? 199 ASN A N   1 
ATOM   1494 C CA  . ASN A 1 199 ? -13.494 9.356   -2.665  1.00 16.00 ? 199 ASN A CA  1 
ATOM   1495 C C   . ASN A 1 199 ? -13.973 9.149   -4.105  1.00 17.02 ? 199 ASN A C   1 
ATOM   1496 O O   . ASN A 1 199 ? -13.365 8.387   -4.860  1.00 14.31 ? 199 ASN A O   1 
ATOM   1497 C CB  . ASN A 1 199 ? -13.537 10.848  -2.283  1.00 15.67 ? 199 ASN A CB  1 
ATOM   1498 C CG  . ASN A 1 199 ? -12.795 11.749  -3.268  1.00 15.15 ? 199 ASN A CG  1 
ATOM   1499 O OD1 . ASN A 1 199 ? -12.917 12.979  -3.206  1.00 22.30 ? 199 ASN A OD1 1 
ATOM   1500 N ND2 . ASN A 1 199 ? -12.023 11.155  -4.167  1.00 13.77 ? 199 ASN A ND2 1 
ATOM   1501 N N   . GLU A 1 200 ? -15.055 9.826   -4.483  1.00 20.04 ? 200 GLU A N   1 
ATOM   1502 C CA  . GLU A 1 200 ? -15.619 9.692   -5.827  1.00 22.09 ? 200 GLU A CA  1 
ATOM   1503 C C   . GLU A 1 200 ? -14.657 9.981   -6.979  1.00 18.04 ? 200 GLU A C   1 
ATOM   1504 O O   . GLU A 1 200 ? -14.654 9.253   -7.969  1.00 14.68 ? 200 GLU A O   1 
ATOM   1505 C CB  . GLU A 1 200 ? -16.852 10.586  -5.983  1.00 30.23 ? 200 GLU A CB  1 
ATOM   1506 C CG  . GLU A 1 200 ? -17.475 10.506  -7.366  1.00 44.68 ? 200 GLU A CG  1 
ATOM   1507 C CD  . GLU A 1 200 ? -18.531 11.568  -7.603  1.00 53.15 ? 200 GLU A CD  1 
ATOM   1508 O OE1 . GLU A 1 200 ? -18.209 12.773  -7.487  1.00 55.68 ? 200 GLU A OE1 1 
ATOM   1509 O OE2 . GLU A 1 200 ? -19.682 11.196  -7.912  1.00 56.25 ? 200 GLU A OE2 1 
ATOM   1510 N N   . ASN A 1 201 ? -13.864 11.046  -6.866  1.00 19.41 ? 201 ASN A N   1 
ATOM   1511 C CA  . ASN A 1 201 ? -12.910 11.403  -7.921  1.00 20.69 ? 201 ASN A CA  1 
ATOM   1512 C C   . ASN A 1 201 ? -11.880 10.296  -8.121  1.00 17.56 ? 201 ASN A C   1 
ATOM   1513 O O   . ASN A 1 201 ? -11.662 9.832   -9.243  1.00 15.28 ? 201 ASN A O   1 
ATOM   1514 C CB  . ASN A 1 201 ? -12.149 12.698  -7.587  1.00 24.25 ? 201 ASN A CB  1 
ATOM   1515 C CG  . ASN A 1 201 ? -13.045 13.922  -7.543  1.00 31.80 ? 201 ASN A CG  1 
ATOM   1516 O OD1 . ASN A 1 201 ? -13.930 14.091  -8.383  1.00 31.51 ? 201 ASN A OD1 1 
ATOM   1517 N ND2 . ASN A 1 201 ? -12.803 14.801  -6.568  1.00 27.08 ? 201 ASN A ND2 1 
ATOM   1518 N N   . VAL A 1 202 ? -11.240 9.892   -7.025  1.00 15.95 ? 202 VAL A N   1 
ATOM   1519 C CA  . VAL A 1 202 ? -10.220 8.853   -7.067  1.00 15.20 ? 202 VAL A CA  1 
ATOM   1520 C C   . VAL A 1 202 ? -10.818 7.531   -7.531  1.00 13.44 ? 202 VAL A C   1 
ATOM   1521 O O   . VAL A 1 202 ? -10.183 6.802   -8.286  1.00 13.73 ? 202 VAL A O   1 
ATOM   1522 C CB  . VAL A 1 202 ? -9.551  8.651   -5.684  1.00 14.59 ? 202 VAL A CB  1 
ATOM   1523 C CG1 . VAL A 1 202 ? -8.398  7.659   -5.803  1.00 16.78 ? 202 VAL A CG1 1 
ATOM   1524 C CG2 . VAL A 1 202 ? -9.037  9.989   -5.143  1.00 15.57 ? 202 VAL A CG2 1 
ATOM   1525 N N   . ARG A 1 203 ? -12.034 7.221   -7.083  1.00 14.23 ? 203 ARG A N   1 
ATOM   1526 C CA  . ARG A 1 203 ? -12.688 5.980   -7.486  1.00 15.07 ? 203 ARG A CA  1 
ATOM   1527 C C   . ARG A 1 203 ? -12.907 5.936   -8.997  1.00 15.77 ? 203 ARG A C   1 
ATOM   1528 O O   . ARG A 1 203 ? -12.643 4.912   -9.631  1.00 16.85 ? 203 ARG A O   1 
ATOM   1529 C CB  . ARG A 1 203 ? -14.031 5.801   -6.769  1.00 14.24 ? 203 ARG A CB  1 
ATOM   1530 C CG  . ARG A 1 203 ? -14.766 4.529   -7.189  1.00 18.40 ? 203 ARG A CG  1 
ATOM   1531 C CD  . ARG A 1 203 ? -15.958 4.210   -6.298  1.00 23.72 ? 203 ARG A CD  1 
ATOM   1532 N NE  . ARG A 1 203 ? -17.025 5.198   -6.402  1.00 29.21 ? 203 ARG A NE  1 
ATOM   1533 C CZ  . ARG A 1 203 ? -17.417 5.988   -5.405  1.00 31.36 ? 203 ARG A CZ  1 
ATOM   1534 N NH1 . ARG A 1 203 ? -16.829 5.911   -4.218  1.00 29.21 ? 203 ARG A NH1 1 
ATOM   1535 N NH2 . ARG A 1 203 ? -18.404 6.855   -5.595  1.00 35.23 ? 203 ARG A NH2 1 
ATOM   1536 N N   . ASN A 1 204 ? -13.380 7.042   -9.574  1.00 15.23 ? 204 ASN A N   1 
ATOM   1537 C CA  . ASN A 1 204 ? -13.610 7.095   -11.016 1.00 17.01 ? 204 ASN A CA  1 
ATOM   1538 C C   . ASN A 1 204 ? -12.295 6.901   -11.773 1.00 16.28 ? 204 ASN A C   1 
ATOM   1539 O O   . ASN A 1 204 ? -12.261 6.245   -12.814 1.00 15.10 ? 204 ASN A O   1 
ATOM   1540 C CB  . ASN A 1 204 ? -14.239 8.436   -11.432 1.00 19.72 ? 204 ASN A CB  1 
ATOM   1541 C CG  . ASN A 1 204 ? -15.708 8.554   -11.035 1.00 25.19 ? 204 ASN A CG  1 
ATOM   1542 O OD1 . ASN A 1 204 ? -16.422 7.555   -10.937 1.00 23.13 ? 204 ASN A OD1 1 
ATOM   1543 N ND2 . ASN A 1 204 ? -16.169 9.787   -10.833 1.00 21.86 ? 204 ASN A ND2 1 
ATOM   1544 N N   . PHE A 1 205 ? -11.218 7.478   -11.252 1.00 14.80 ? 205 PHE A N   1 
ATOM   1545 C CA  . PHE A 1 205 ? -9.901  7.354   -11.871 1.00 14.90 ? 205 PHE A CA  1 
ATOM   1546 C C   . PHE A 1 205 ? -9.453  5.893   -11.888 1.00 15.11 ? 205 PHE A C   1 
ATOM   1547 O O   . PHE A 1 205 ? -9.003  5.378   -12.920 1.00 14.94 ? 205 PHE A O   1 
ATOM   1548 C CB  . PHE A 1 205 ? -8.884  8.222   -11.109 1.00 16.59 ? 205 PHE A CB  1 
ATOM   1549 C CG  . PHE A 1 205 ? -7.447  7.910   -11.427 1.00 18.21 ? 205 PHE A CG  1 
ATOM   1550 C CD1 . PHE A 1 205 ? -6.723  7.032   -10.630 1.00 17.60 ? 205 PHE A CD1 1 
ATOM   1551 C CD2 . PHE A 1 205 ? -6.821  8.484   -12.529 1.00 18.01 ? 205 PHE A CD2 1 
ATOM   1552 C CE1 . PHE A 1 205 ? -5.391  6.727   -10.923 1.00 20.02 ? 205 PHE A CE1 1 
ATOM   1553 C CE2 . PHE A 1 205 ? -5.489  8.185   -12.831 1.00 16.45 ? 205 PHE A CE2 1 
ATOM   1554 C CZ  . PHE A 1 205 ? -4.775  7.305   -12.024 1.00 16.99 ? 205 PHE A CZ  1 
ATOM   1555 N N   . LEU A 1 206 ? -9.579  5.218   -10.750 1.00 14.56 ? 206 LEU A N   1 
ATOM   1556 C CA  . LEU A 1 206 ? -9.179  3.818   -10.669 1.00 14.01 ? 206 LEU A CA  1 
ATOM   1557 C C   . LEU A 1 206 ? -10.002 2.912   -11.601 1.00 15.86 ? 206 LEU A C   1 
ATOM   1558 O O   . LEU A 1 206 ? -9.438  2.072   -12.303 1.00 15.51 ? 206 LEU A O   1 
ATOM   1559 C CB  . LEU A 1 206 ? -9.277  3.317   -9.223  1.00 12.38 ? 206 LEU A CB  1 
ATOM   1560 C CG  . LEU A 1 206 ? -8.376  3.968   -8.159  1.00 15.96 ? 206 LEU A CG  1 
ATOM   1561 C CD1 . LEU A 1 206 ? -8.642  3.308   -6.812  1.00 14.57 ? 206 LEU A CD1 1 
ATOM   1562 C CD2 . LEU A 1 206 ? -6.901  3.810   -8.534  1.00 12.43 ? 206 LEU A CD2 1 
ATOM   1563 N N   . LYS A 1 207 ? -11.323 3.084   -11.619 1.00 14.70 ? 207 LYS A N   1 
ATOM   1564 C CA  . LYS A 1 207 ? -12.181 2.262   -12.474 1.00 17.69 ? 207 LYS A CA  1 
ATOM   1565 C C   . LYS A 1 207 ? -11.891 2.445   -13.962 1.00 18.78 ? 207 LYS A C   1 
ATOM   1566 O O   . LYS A 1 207 ? -12.056 1.515   -14.749 1.00 18.14 ? 207 LYS A O   1 
ATOM   1567 C CB  . LYS A 1 207 ? -13.660 2.564   -12.214 1.00 15.34 ? 207 LYS A CB  1 
ATOM   1568 C CG  . LYS A 1 207 ? -14.194 1.993   -10.911 1.00 19.21 ? 207 LYS A CG  1 
ATOM   1569 C CD  . LYS A 1 207 ? -15.675 2.307   -10.738 1.00 24.93 ? 207 LYS A CD  1 
ATOM   1570 C CE  . LYS A 1 207 ? -16.212 1.703   -9.448  1.00 29.52 ? 207 LYS A CE  1 
ATOM   1571 N NZ  . LYS A 1 207 ? -17.634 2.077   -9.200  1.00 39.09 ? 207 LYS A NZ  1 
ATOM   1572 N N   . GLN A 1 208 ? -11.468 3.644   -14.346 1.00 21.06 ? 208 GLN A N   1 
ATOM   1573 C CA  . GLN A 1 208 ? -11.161 3.917   -15.744 1.00 23.59 ? 208 GLN A CA  1 
ATOM   1574 C C   . GLN A 1 208 ? -9.823  3.316   -16.163 1.00 21.95 ? 208 GLN A C   1 
ATOM   1575 O O   . GLN A 1 208 ? -9.602  3.056   -17.341 1.00 22.66 ? 208 GLN A O   1 
ATOM   1576 C CB  . GLN A 1 208 ? -11.150 5.427   -16.005 1.00 30.40 ? 208 GLN A CB  1 
ATOM   1577 C CG  . GLN A 1 208 ? -12.422 5.964   -16.660 1.00 43.66 ? 208 GLN A CG  1 
ATOM   1578 C CD  . GLN A 1 208 ? -13.678 5.738   -15.824 1.00 51.72 ? 208 GLN A CD  1 
ATOM   1579 O OE1 . GLN A 1 208 ? -13.893 6.395   -14.799 1.00 54.67 ? 208 GLN A OE1 1 
ATOM   1580 N NE2 . GLN A 1 208 ? -14.513 4.798   -16.259 1.00 55.34 ? 208 GLN A NE2 1 
ATOM   1581 N N   . ASN A 1 209 ? -8.938  3.075   -15.201 1.00 21.79 ? 209 ASN A N   1 
ATOM   1582 C CA  . ASN A 1 209 ? -7.623  2.527   -15.515 1.00 17.34 ? 209 ASN A CA  1 
ATOM   1583 C C   . ASN A 1 209 ? -7.390  1.067   -15.132 1.00 17.67 ? 209 ASN A C   1 
ATOM   1584 O O   . ASN A 1 209 ? -6.398  0.471   -15.546 1.00 18.43 ? 209 ASN A O   1 
ATOM   1585 C CB  . ASN A 1 209 ? -6.543  3.412   -14.884 1.00 16.14 ? 209 ASN A CB  1 
ATOM   1586 C CG  . ASN A 1 209 ? -6.388  4.738   -15.604 1.00 20.22 ? 209 ASN A CG  1 
ATOM   1587 O OD1 . ASN A 1 209 ? -5.804  4.802   -16.685 1.00 21.76 ? 209 ASN A OD1 1 
ATOM   1588 N ND2 . ASN A 1 209 ? -6.927  5.802   -15.018 1.00 18.05 ? 209 ASN A ND2 1 
ATOM   1589 N N   . ILE A 1 210 ? -8.296  0.484   -14.354 1.00 18.26 ? 210 ILE A N   1 
ATOM   1590 C CA  . ILE A 1 210 ? -8.154  -0.911  -13.930 1.00 18.15 ? 210 ILE A CA  1 
ATOM   1591 C C   . ILE A 1 210 ? -9.471  -1.633  -14.208 1.00 21.03 ? 210 ILE A C   1 
ATOM   1592 O O   . ILE A 1 210 ? -10.475 -1.407  -13.531 1.00 22.67 ? 210 ILE A O   1 
ATOM   1593 C CB  . ILE A 1 210 ? -7.806  -0.998  -12.415 1.00 15.97 ? 210 ILE A CB  1 
ATOM   1594 C CG1 . ILE A 1 210 ? -6.539  -0.183  -12.128 1.00 16.39 ? 210 ILE A CG1 1 
ATOM   1595 C CG2 . ILE A 1 210 ? -7.611  -2.452  -12.002 1.00 12.24 ? 210 ILE A CG2 1 
ATOM   1596 C CD1 . ILE A 1 210 ? -6.176  -0.070  -10.648 1.00 12.59 ? 210 ILE A CD1 1 
ATOM   1597 N N   . GLU A 1 211 ? -9.461  -2.510  -15.206 1.00 24.29 ? 211 GLU A N   1 
ATOM   1598 C CA  . GLU A 1 211 ? -10.671 -3.220  -15.606 1.00 27.10 ? 211 GLU A CA  1 
ATOM   1599 C C   . GLU A 1 211 ? -11.271 -4.166  -14.573 1.00 25.42 ? 211 GLU A C   1 
ATOM   1600 O O   . GLU A 1 211 ? -12.493 -4.246  -14.446 1.00 25.40 ? 211 GLU A O   1 
ATOM   1601 C CB  . GLU A 1 211 ? -10.425 -4.000  -16.905 1.00 34.60 ? 211 GLU A CB  1 
ATOM   1602 C CG  . GLU A 1 211 ? -9.518  -5.220  -16.749 1.00 47.34 ? 211 GLU A CG  1 
ATOM   1603 C CD  . GLU A 1 211 ? -8.045  -4.911  -16.974 1.00 55.26 ? 211 GLU A CD  1 
ATOM   1604 O OE1 . GLU A 1 211 ? -7.524  -3.947  -16.371 1.00 55.99 ? 211 GLU A OE1 1 
ATOM   1605 O OE2 . GLU A 1 211 ? -7.402  -5.647  -17.753 1.00 60.35 ? 211 GLU A OE2 1 
ATOM   1606 N N   . ASP A 1 212 ? -10.428 -4.879  -13.834 1.00 21.07 ? 212 ASP A N   1 
ATOM   1607 C CA  . ASP A 1 212 ? -10.933 -5.839  -12.858 1.00 19.90 ? 212 ASP A CA  1 
ATOM   1608 C C   . ASP A 1 212 ? -10.905 -5.440  -11.381 1.00 17.78 ? 212 ASP A C   1 
ATOM   1609 O O   . ASP A 1 212 ? -11.041 -6.303  -10.516 1.00 18.22 ? 212 ASP A O   1 
ATOM   1610 C CB  . ASP A 1 212 ? -10.210 -7.184  -13.022 1.00 19.10 ? 212 ASP A CB  1 
ATOM   1611 C CG  . ASP A 1 212 ? -8.709  -7.078  -12.799 1.00 18.05 ? 212 ASP A CG  1 
ATOM   1612 O OD1 . ASP A 1 212 ? -8.088  -8.120  -12.499 1.00 16.52 ? 212 ASP A OD1 1 
ATOM   1613 O OD2 . ASP A 1 212 ? -8.149  -5.965  -12.932 1.00 17.49 ? 212 ASP A OD2 1 
ATOM   1614 N N   . ILE A 1 213 ? -10.742 -4.154  -11.082 1.00 17.06 ? 213 ILE A N   1 
ATOM   1615 C CA  . ILE A 1 213 ? -10.716 -3.728  -9.685  1.00 17.57 ? 213 ILE A CA  1 
ATOM   1616 C C   . ILE A 1 213 ? -12.096 -3.968  -9.068  1.00 18.69 ? 213 ILE A C   1 
ATOM   1617 O O   . ILE A 1 213 ? -13.121 -3.777  -9.727  1.00 22.21 ? 213 ILE A O   1 
ATOM   1618 C CB  . ILE A 1 213 ? -10.298 -2.245  -9.546  1.00 16.01 ? 213 ILE A CB  1 
ATOM   1619 C CG1 . ILE A 1 213 ? -10.025 -1.933  -8.072  1.00 15.08 ? 213 ILE A CG1 1 
ATOM   1620 C CG2 . ILE A 1 213 ? -11.374 -1.326  -10.126 1.00 13.40 ? 213 ILE A CG2 1 
ATOM   1621 C CD1 . ILE A 1 213 ? -9.231  -0.674  -7.841  1.00 11.46 ? 213 ILE A CD1 1 
ATOM   1622 N N   . ASN A 1 214 ? -12.113 -4.387  -7.804  1.00 18.33 ? 214 ASN A N   1 
ATOM   1623 C CA  . ASN A 1 214 ? -13.351 -4.718  -7.104  1.00 19.90 ? 214 ASN A CA  1 
ATOM   1624 C C   . ASN A 1 214 ? -13.760 -3.786  -5.956  1.00 20.05 ? 214 ASN A C   1 
ATOM   1625 O O   . ASN A 1 214 ? -13.098 -3.729  -4.922  1.00 19.66 ? 214 ASN A O   1 
ATOM   1626 C CB  . ASN A 1 214 ? -13.231 -6.170  -6.601  1.00 20.24 ? 214 ASN A CB  1 
ATOM   1627 C CG  . ASN A 1 214 ? -14.448 -6.642  -5.815  1.00 26.01 ? 214 ASN A CG  1 
ATOM   1628 O OD1 . ASN A 1 214 ? -15.591 -6.357  -6.171  1.00 26.70 ? 214 ASN A OD1 1 
ATOM   1629 N ND2 . ASN A 1 214 ? -14.201 -7.400  -4.748  1.00 27.12 ? 214 ASN A ND2 1 
ATOM   1630 N N   . PHE A 1 215 ? -14.854 -3.052  -6.152  1.00 20.87 ? 215 PHE A N   1 
ATOM   1631 C CA  . PHE A 1 215 ? -15.386 -2.163  -5.123  1.00 22.00 ? 215 PHE A CA  1 
ATOM   1632 C C   . PHE A 1 215 ? -16.584 -2.868  -4.490  1.00 24.86 ? 215 PHE A C   1 
ATOM   1633 O O   . PHE A 1 215 ? -17.447 -3.389  -5.194  1.00 24.83 ? 215 PHE A O   1 
ATOM   1634 C CB  . PHE A 1 215 ? -15.829 -0.819  -5.717  1.00 19.15 ? 215 PHE A CB  1 
ATOM   1635 C CG  . PHE A 1 215 ? -14.706 0.168   -5.896  1.00 20.15 ? 215 PHE A CG  1 
ATOM   1636 C CD1 . PHE A 1 215 ? -13.876 0.109   -7.010  1.00 17.42 ? 215 PHE A CD1 1 
ATOM   1637 C CD2 . PHE A 1 215 ? -14.458 1.137   -4.927  1.00 17.39 ? 215 PHE A CD2 1 
ATOM   1638 C CE1 . PHE A 1 215 ? -12.811 1.000   -7.157  1.00 16.72 ? 215 PHE A CE1 1 
ATOM   1639 C CE2 . PHE A 1 215 ? -13.399 2.033   -5.062  1.00 15.99 ? 215 PHE A CE2 1 
ATOM   1640 C CZ  . PHE A 1 215 ? -12.573 1.964   -6.180  1.00 17.88 ? 215 PHE A CZ  1 
ATOM   1641 N N   . ALA A 1 216 ? -16.622 -2.897  -3.163  1.00 26.70 ? 216 ALA A N   1 
ATOM   1642 C CA  . ALA A 1 216 ? -17.703 -3.551  -2.434  1.00 30.53 ? 216 ALA A CA  1 
ATOM   1643 C C   . ALA A 1 216 ? -19.056 -2.912  -2.724  1.00 35.61 ? 216 ALA A C   1 
ATOM   1644 O O   . ALA A 1 216 ? -20.022 -3.657  -3.012  1.00 19.03 ? 216 ALA A O   1 
ATOM   1645 C CB  . ALA A 1 216 ? -17.417 -3.514  -0.932  1.00 30.20 ? 216 ALA A CB  1 
HETATM 1646 K K   . K   B 2 .   ? -1.239  -15.121 -18.428 1.00 5.30  ? 999 K   A K   1 
HETATM 1647 O O   . HOH C 3 .   ? 5.533   6.998   7.032   1.00 11.74 ? 301 HOH A O   1 
HETATM 1648 O O   . HOH C 3 .   ? 7.009   9.083   8.494   1.00 23.53 ? 302 HOH A O   1 
HETATM 1649 O O   . HOH C 3 .   ? 6.945   12.635  15.344  1.00 25.29 ? 303 HOH A O   1 
HETATM 1650 O O   . HOH C 3 .   ? 9.911   8.828   12.715  1.00 34.75 ? 304 HOH A O   1 
HETATM 1651 O O   . HOH C 3 .   ? 6.065   11.938  18.969  1.00 48.90 ? 305 HOH A O   1 
HETATM 1652 O O   . HOH C 3 .   ? -4.243  2.197   19.461  1.00 23.79 ? 306 HOH A O   1 
HETATM 1653 O O   . HOH C 3 .   ? -0.166  2.859   16.148  1.00 11.23 ? 307 HOH A O   1 
HETATM 1654 O O   . HOH C 3 .   ? -6.362  1.248   26.768  1.00 60.74 ? 308 HOH A O   1 
HETATM 1655 O O   . HOH C 3 .   ? 4.634   0.792   11.127  1.00 14.44 ? 309 HOH A O   1 
HETATM 1656 O O   . HOH C 3 .   ? 2.324   -0.527  9.680   1.00 9.55  ? 310 HOH A O   1 
HETATM 1657 O O   . HOH C 3 .   ? 4.392   -8.417  17.528  1.00 27.28 ? 311 HOH A O   1 
HETATM 1658 O O   . HOH C 3 .   ? -2.470  -13.681 10.374  1.00 45.47 ? 312 HOH A O   1 
HETATM 1659 O O   . HOH C 3 .   ? -7.702  -10.401 -0.255  1.00 20.63 ? 313 HOH A O   1 
HETATM 1660 O O   . HOH C 3 .   ? -7.147  -8.030  1.523   1.00 18.82 ? 314 HOH A O   1 
HETATM 1661 O O   . HOH C 3 .   ? 22.393  -0.626  -2.273  1.00 23.27 ? 315 HOH A O   1 
HETATM 1662 O O   . HOH C 3 .   ? 15.962  2.706   1.677   1.00 24.07 ? 316 HOH A O   1 
HETATM 1663 O O   . HOH C 3 .   ? 8.876   4.326   2.393   1.00 19.46 ? 317 HOH A O   1 
HETATM 1664 O O   . HOH C 3 .   ? 9.744   -1.360  3.355   1.00 6.52  ? 318 HOH A O   1 
HETATM 1665 O O   . HOH C 3 .   ? 1.424   -9.971  -12.929 1.00 20.05 ? 319 HOH A O   1 
HETATM 1666 O O   . HOH C 3 .   ? -5.402  -5.804  -13.097 1.00 11.45 ? 320 HOH A O   1 
HETATM 1667 O O   . HOH C 3 .   ? 6.526   -13.264 -1.782  1.00 9.23  ? 321 HOH A O   1 
HETATM 1668 O O   . HOH C 3 .   ? 6.536   -10.546 9.408   1.00 12.59 ? 322 HOH A O   1 
HETATM 1669 O O   . HOH C 3 .   ? 3.438   -18.975 11.346  1.00 65.94 ? 323 HOH A O   1 
HETATM 1670 O O   . HOH C 3 .   ? 8.794   -6.525  -16.544 1.00 26.35 ? 324 HOH A O   1 
HETATM 1671 O O   . HOH C 3 .   ? 11.841  -7.569  -16.783 1.00 54.05 ? 325 HOH A O   1 
HETATM 1672 O O   . HOH C 3 .   ? 1.560   8.853   -15.599 1.00 30.27 ? 326 HOH A O   1 
HETATM 1673 O O   . HOH C 3 .   ? 6.603   1.693   -19.870 1.00 45.26 ? 327 HOH A O   1 
HETATM 1674 O O   . HOH C 3 .   ? 7.919   5.081   -16.511 1.00 27.77 ? 328 HOH A O   1 
HETATM 1675 O O   . HOH C 3 .   ? 3.745   -23.215 -15.725 1.00 68.09 ? 329 HOH A O   1 
HETATM 1676 O O   . HOH C 3 .   ? -6.870  -13.151 0.896   1.00 35.26 ? 330 HOH A O   1 
HETATM 1677 O O   . HOH C 3 .   ? -5.763  -17.182 -2.605  1.00 45.58 ? 331 HOH A O   1 
HETATM 1678 O O   . HOH C 3 .   ? 9.894   8.672   9.719   1.00 30.62 ? 332 HOH A O   1 
HETATM 1679 O O   . HOH C 3 .   ? 4.662   -5.918  19.445  1.00 45.90 ? 333 HOH A O   1 
HETATM 1680 O O   . HOH C 3 .   ? 11.490  -15.344 13.245  1.00 65.17 ? 334 HOH A O   1 
HETATM 1681 O O   . HOH C 3 .   ? -9.576  -6.297  1.216   1.00 19.88 ? 335 HOH A O   1 
HETATM 1682 O O   . HOH C 3 .   ? -10.609 -9.282  -1.008  1.00 32.01 ? 336 HOH A O   1 
HETATM 1683 O O   . HOH C 3 .   ? -14.791 -6.548  -10.858 1.00 80.66 ? 337 HOH A O   1 
HETATM 1684 O O   . HOH C 3 .   ? -4.706  -4.865  9.037   1.00 14.85 ? 338 HOH A O   1 
HETATM 1685 O O   . HOH C 3 .   ? -9.931  -5.291  -6.344  1.00 19.90 ? 339 HOH A O   1 
HETATM 1686 O O   . HOH C 3 .   ? 1.141   15.526  -6.836  1.00 56.25 ? 340 HOH A O   1 
HETATM 1687 O O   . HOH C 3 .   ? 11.684  -17.250 -0.002  1.00 23.97 ? 341 HOH A O   1 
HETATM 1688 O O   . HOH C 3 .   ? 7.188   -14.753 -8.366  1.00 31.24 ? 342 HOH A O   1 
HETATM 1689 O O   . HOH C 3 .   ? 3.503   13.129  -0.108  1.00 27.06 ? 343 HOH A O   1 
HETATM 1690 O O   . HOH C 3 .   ? 5.616   7.180   21.158  1.00 26.90 ? 344 HOH A O   1 
HETATM 1691 O O   . HOH C 3 .   ? -6.727  -14.819 -7.103  1.00 24.03 ? 345 HOH A O   1 
HETATM 1692 O O   . HOH C 3 .   ? -18.190 -0.323  0.903   1.00 36.66 ? 346 HOH A O   1 
HETATM 1693 O O   . HOH C 3 .   ? -14.566 4.758   -3.051  1.00 21.24 ? 347 HOH A O   1 
HETATM 1694 O O   . HOH C 3 .   ? -11.687 2.505   -1.445  1.00 24.85 ? 348 HOH A O   1 
HETATM 1695 O O   . HOH C 3 .   ? -18.173 2.725   3.955   1.00 28.13 ? 349 HOH A O   1 
HETATM 1696 O O   . HOH C 3 .   ? -14.936 2.179   14.738  1.00 29.42 ? 350 HOH A O   1 
HETATM 1697 O O   . HOH C 3 .   ? -8.763  -2.797  10.318  1.00 16.03 ? 351 HOH A O   1 
HETATM 1698 O O   . HOH C 3 .   ? 9.484   -4.078  7.501   1.00 12.03 ? 352 HOH A O   1 
HETATM 1699 O O   . HOH C 3 .   ? 11.179  -3.313  5.274   1.00 21.56 ? 353 HOH A O   1 
HETATM 1700 O O   . HOH C 3 .   ? 13.236  -2.973  7.531   1.00 28.81 ? 354 HOH A O   1 
HETATM 1701 O O   . HOH C 3 .   ? -3.390  15.931  5.093   1.00 32.89 ? 355 HOH A O   1 
HETATM 1702 O O   . HOH C 3 .   ? -13.237 -0.993  -14.072 1.00 32.49 ? 356 HOH A O   1 
HETATM 1703 O O   . HOH C 3 .   ? 9.452   10.885  14.790  1.00 37.61 ? 357 HOH A O   1 
HETATM 1704 O O   . HOH C 3 .   ? -9.835  13.485  -10.457 1.00 30.40 ? 358 HOH A O   1 
HETATM 1705 O O   . HOH C 3 .   ? -0.980  9.796   18.440  1.00 18.08 ? 359 HOH A O   1 
HETATM 1706 O O   . HOH C 3 .   ? -3.920  20.432  5.269   1.00 47.75 ? 360 HOH A O   1 
HETATM 1707 O O   . HOH C 3 .   ? 5.413   3.528   -17.730 1.00 21.51 ? 361 HOH A O   1 
HETATM 1708 O O   . HOH C 3 .   ? 0.743   14.407  0.051   1.00 35.54 ? 362 HOH A O   1 
HETATM 1709 O O   . HOH C 3 .   ? -18.383 11.696  6.837   1.00 50.11 ? 363 HOH A O   1 
HETATM 1710 O O   . HOH C 3 .   ? -13.417 0.970   10.680  1.00 17.38 ? 364 HOH A O   1 
HETATM 1711 O O   . HOH C 3 .   ? -7.769  -0.108  15.458  1.00 25.89 ? 365 HOH A O   1 
HETATM 1712 O O   . HOH C 3 .   ? -10.357 -1.156  12.446  1.00 41.30 ? 366 HOH A O   1 
HETATM 1713 O O   . HOH C 3 .   ? 14.289  -2.283  21.653  1.00 77.51 ? 367 HOH A O   1 
HETATM 1714 O O   . HOH C 3 .   ? -6.460  18.899  3.435   1.00 43.50 ? 368 HOH A O   1 
HETATM 1715 O O   . HOH C 3 .   ? -8.300  -5.913  11.049  1.00 61.94 ? 369 HOH A O   1 
# 
